data_5UK3
#
_entry.id   5UK3
#
_cell.length_a   71.074
_cell.length_b   81.611
_cell.length_c   136.466
_cell.angle_alpha   90.00
_cell.angle_beta   100.37
_cell.angle_gamma   90.00
#
_symmetry.space_group_name_H-M   'P 1 21 1'
#
loop_
_entity.id
_entity.type
_entity.pdbx_description
1 polymer 'Uncharacterized protein'
2 water water
#
_entity_poly.entity_id   1
_entity_poly.type   'polypeptide(L)'
_entity_poly.pdbx_seq_one_letter_code
;MRIYSRLFQISSANYARQIMSNQFIKAKESKGLTYQQMAQLLSVNKVWLTSVLHGQNCCDIQLAHRICDTLGISHEYANE
LTSIPLRGNQNIINDPLIYRFNELFKVYGSSLRGIIHEEFGDGIMSAIDCKIDVTKNEQSRVILRIDGKFLPYYKGQLDA
GENLYFQSAGHHHHHH
;
_entity_poly.pdbx_strand_id   A,B,C,D,E,F,G,H,I,J
#
# COMPACT_ATOMS: atom_id res chain seq x y z
N ASN A 22 -7.07 -27.71 11.65
CA ASN A 22 -6.31 -27.64 12.95
C ASN A 22 -6.82 -28.58 14.05
N GLN A 23 -8.13 -28.77 14.19
CA GLN A 23 -8.66 -29.94 14.95
C GLN A 23 -8.27 -31.24 14.23
N PHE A 24 -8.17 -31.18 12.91
CA PHE A 24 -7.75 -32.32 12.09
C PHE A 24 -6.25 -32.54 12.16
N ILE A 25 -5.47 -31.48 12.02
CA ILE A 25 -4.01 -31.57 12.21
C ILE A 25 -3.63 -32.11 13.60
N LYS A 26 -4.25 -31.59 14.67
CA LYS A 26 -3.97 -32.07 16.05
C LYS A 26 -4.23 -33.56 16.15
N ALA A 27 -5.35 -34.00 15.57
CA ALA A 27 -5.71 -35.40 15.53
C ALA A 27 -4.69 -36.27 14.80
N LYS A 28 -4.21 -35.76 13.68
CA LYS A 28 -3.19 -36.44 12.89
C LYS A 28 -1.88 -36.63 13.65
N GLU A 29 -1.44 -35.60 14.35
CA GLU A 29 -0.18 -35.67 15.11
C GLU A 29 -0.26 -36.71 16.22
N SER A 30 -1.38 -36.76 16.96
CA SER A 30 -1.64 -37.78 17.98
C SER A 30 -1.41 -39.20 17.51
N LYS A 31 -1.95 -39.52 16.33
CA LYS A 31 -1.83 -40.85 15.73
C LYS A 31 -0.45 -41.17 15.14
N GLY A 32 0.39 -40.15 14.95
CA GLY A 32 1.71 -40.33 14.33
C GLY A 32 1.63 -40.60 12.83
N LEU A 33 0.57 -40.10 12.21
CA LEU A 33 0.36 -40.23 10.77
C LEU A 33 1.08 -39.14 9.97
N THR A 34 1.71 -39.52 8.86
CA THR A 34 2.25 -38.54 7.92
C THR A 34 1.21 -38.23 6.86
N TYR A 35 1.33 -37.08 6.21
CA TYR A 35 0.45 -36.73 5.09
C TYR A 35 0.56 -37.78 3.99
N GLN A 36 1.78 -38.22 3.69
CA GLN A 36 2.01 -39.34 2.77
C GLN A 36 1.13 -40.56 3.10
N GLN A 37 1.21 -41.01 4.36
CA GLN A 37 0.47 -42.20 4.80
C GLN A 37 -1.02 -42.03 4.60
N MET A 38 -1.55 -40.89 5.04
CA MET A 38 -2.98 -40.63 4.89
C MET A 38 -3.45 -40.65 3.44
N ALA A 39 -2.65 -40.08 2.56
CA ALA A 39 -2.94 -40.07 1.13
C ALA A 39 -2.96 -41.47 0.52
N GLN A 40 -2.00 -42.31 0.92
CA GLN A 40 -1.92 -43.67 0.38
C GLN A 40 -3.06 -44.54 0.87
N LEU A 41 -3.46 -44.37 2.13
CA LEU A 41 -4.61 -45.07 2.71
C LEU A 41 -5.92 -44.71 1.99
N LEU A 42 -6.11 -43.43 1.70
CA LEU A 42 -7.34 -42.97 1.03
C LEU A 42 -7.31 -42.92 -0.49
N SER A 43 -6.16 -43.21 -1.09
CA SER A 43 -6.02 -43.24 -2.56
C SER A 43 -6.33 -41.88 -3.20
N VAL A 44 -5.71 -40.83 -2.66
CA VAL A 44 -5.85 -39.46 -3.18
C VAL A 44 -4.51 -38.75 -3.25
N ASN A 45 -4.48 -37.66 -4.01
CA ASN A 45 -3.29 -36.81 -4.15
C ASN A 45 -2.87 -36.24 -2.79
N LYS A 46 -1.61 -36.40 -2.43
CA LYS A 46 -1.12 -35.99 -1.11
C LYS A 46 -1.31 -34.50 -0.82
N VAL A 47 -0.92 -33.65 -1.78
CA VAL A 47 -0.99 -32.20 -1.61
C VAL A 47 -2.43 -31.72 -1.52
N TRP A 48 -3.30 -32.27 -2.35
CA TRP A 48 -4.71 -31.89 -2.30
C TRP A 48 -5.33 -32.23 -0.96
N LEU A 49 -5.12 -33.46 -0.50
CA LEU A 49 -5.63 -33.91 0.79
C LEU A 49 -5.13 -33.00 1.90
N THR A 50 -3.83 -32.71 1.88
CA THR A 50 -3.29 -31.81 2.86
C THR A 50 -4.06 -30.49 2.85
N SER A 51 -4.32 -29.95 1.67
CA SER A 51 -5.06 -28.70 1.57
C SER A 51 -6.50 -28.79 2.08
N VAL A 52 -7.13 -29.96 1.95
CA VAL A 52 -8.47 -30.17 2.55
C VAL A 52 -8.41 -30.06 4.07
N LEU A 53 -7.45 -30.74 4.67
CA LEU A 53 -7.25 -30.65 6.11
C LEU A 53 -6.92 -29.24 6.57
N HIS A 54 -6.19 -28.48 5.74
CA HIS A 54 -5.90 -27.07 6.08
C HIS A 54 -7.02 -26.10 5.75
N GLY A 55 -8.11 -26.57 5.12
CA GLY A 55 -9.26 -25.73 4.83
C GLY A 55 -9.09 -24.79 3.65
N GLN A 56 -8.23 -25.15 2.72
CA GLN A 56 -8.09 -24.44 1.46
C GLN A 56 -8.73 -25.20 0.30
N ASN A 57 -9.43 -26.29 0.63
CA ASN A 57 -10.10 -27.12 -0.37
C ASN A 57 -11.10 -28.00 0.35
N CYS A 58 -12.00 -28.64 -0.38
CA CYS A 58 -13.04 -29.46 0.24
C CYS A 58 -13.20 -30.77 -0.52
N CYS A 59 -13.88 -31.73 0.11
CA CYS A 59 -14.12 -33.04 -0.49
C CYS A 59 -15.58 -33.37 -0.40
N ASP A 60 -15.97 -34.46 -1.04
CA ASP A 60 -17.33 -34.99 -0.91
C ASP A 60 -17.52 -35.68 0.46
N ILE A 61 -18.78 -36.00 0.80
CA ILE A 61 -19.11 -36.46 2.17
C ILE A 61 -18.52 -37.84 2.44
N GLN A 62 -18.51 -38.70 1.43
CA GLN A 62 -17.98 -40.04 1.62
C GLN A 62 -16.48 -40.04 1.94
N LEU A 63 -15.71 -39.22 1.26
CA LEU A 63 -14.30 -39.07 1.64
C LEU A 63 -14.16 -38.43 3.02
N ALA A 64 -14.99 -37.44 3.30
CA ALA A 64 -14.96 -36.77 4.60
C ALA A 64 -15.13 -37.77 5.75
N HIS A 65 -16.09 -38.67 5.63
CA HIS A 65 -16.24 -39.70 6.66
C HIS A 65 -15.01 -40.56 6.80
N ARG A 66 -14.45 -40.98 5.67
CA ARG A 66 -13.23 -41.78 5.67
C ARG A 66 -12.03 -41.08 6.31
N ILE A 67 -11.90 -39.78 6.05
CA ILE A 67 -10.87 -38.97 6.71
C ILE A 67 -11.06 -39.05 8.21
N CYS A 68 -12.29 -38.80 8.64
CA CYS A 68 -12.60 -38.82 10.06
C CYS A 68 -12.33 -40.21 10.56
N ASP A 69 -12.68 -41.19 9.75
CA ASP A 69 -12.50 -42.57 10.14
C ASP A 69 -11.02 -42.83 10.36
N THR A 70 -10.18 -42.34 9.45
CA THR A 70 -8.75 -42.53 9.59
C THR A 70 -8.17 -41.84 10.81
N LEU A 71 -8.60 -40.61 11.05
CA LEU A 71 -8.17 -39.82 12.19
C LEU A 71 -8.93 -40.24 13.43
N GLY A 72 -8.44 -39.88 14.62
CA GLY A 72 -9.24 -40.30 15.78
C GLY A 72 -10.71 -39.92 15.77
N ILE A 73 -11.07 -38.92 14.98
CA ILE A 73 -12.25 -38.08 15.25
C ILE A 73 -13.64 -38.63 14.85
N SER A 74 -14.65 -37.99 15.44
CA SER A 74 -16.04 -38.33 15.22
C SER A 74 -16.53 -37.91 13.86
N HIS A 75 -17.47 -38.70 13.31
CA HIS A 75 -18.11 -38.37 12.03
C HIS A 75 -18.98 -37.09 12.06
N GLU A 76 -19.19 -36.50 13.24
CA GLU A 76 -19.89 -35.21 13.31
C GLU A 76 -19.04 -34.05 12.74
N TYR A 77 -17.74 -34.23 12.67
CA TYR A 77 -16.82 -33.28 12.08
C TYR A 77 -16.87 -33.22 10.54
N ALA A 78 -17.23 -34.34 9.92
CA ALA A 78 -17.16 -34.51 8.45
C ALA A 78 -17.75 -33.32 7.67
N ASN A 79 -18.79 -32.70 8.20
CA ASN A 79 -19.36 -31.47 7.58
C ASN A 79 -18.39 -30.36 7.21
N GLU A 80 -17.44 -30.06 8.10
CA GLU A 80 -16.48 -28.97 7.89
C GLU A 80 -15.60 -29.20 6.67
N LEU A 81 -15.25 -30.46 6.43
CA LEU A 81 -14.46 -30.85 5.27
C LEU A 81 -15.22 -30.73 3.94
N THR A 82 -16.53 -30.62 3.99
CA THR A 82 -17.39 -30.57 2.82
C THR A 82 -17.73 -29.15 2.40
N SER A 83 -17.64 -28.18 3.32
CA SER A 83 -17.97 -26.79 3.03
C SER A 83 -16.96 -26.19 2.09
N ILE A 84 -17.44 -25.45 1.10
CA ILE A 84 -16.51 -24.83 0.20
C ILE A 84 -15.89 -23.84 1.14
N PRO A 85 -14.52 -23.70 1.08
CA PRO A 85 -13.97 -22.75 2.06
C PRO A 85 -13.52 -21.48 1.39
N LEU A 86 -13.42 -20.39 2.15
CA LEU A 86 -12.95 -19.13 1.61
C LEU A 86 -11.53 -19.47 1.19
N ARG A 87 -11.11 -19.06 0.01
CA ARG A 87 -9.79 -19.46 -0.43
C ARG A 87 -8.70 -18.47 -0.72
N GLY A 88 -7.52 -18.75 -0.19
CA GLY A 88 -6.35 -17.95 -0.53
C GLY A 88 -6.13 -16.72 0.32
N ASN A 89 -6.54 -16.79 1.58
CA ASN A 89 -6.69 -15.59 2.41
C ASN A 89 -5.96 -15.65 3.76
N GLN A 90 -4.94 -16.48 3.83
CA GLN A 90 -4.12 -16.64 5.01
C GLN A 90 -2.86 -15.86 4.70
N ASN A 91 -2.50 -14.91 5.56
CA ASN A 91 -1.40 -13.98 5.27
C ASN A 91 -0.05 -14.60 5.65
N ILE A 92 0.47 -15.39 4.72
CA ILE A 92 1.63 -16.26 4.94
C ILE A 92 2.79 -15.79 4.03
N ILE A 93 2.67 -14.61 3.43
CA ILE A 93 3.65 -14.09 2.45
C ILE A 93 5.04 -13.97 3.06
N ASN A 94 5.11 -13.57 4.32
CA ASN A 94 6.40 -13.39 5.01
C ASN A 94 7.12 -14.64 5.44
N ASP A 95 6.47 -15.82 5.40
CA ASP A 95 7.13 -17.05 5.81
C ASP A 95 8.23 -17.33 4.81
N PRO A 96 9.45 -17.59 5.28
CA PRO A 96 10.53 -17.66 4.33
C PRO A 96 10.33 -18.74 3.30
N LEU A 97 9.75 -19.84 3.72
CA LEU A 97 9.54 -20.97 2.83
C LEU A 97 8.65 -20.56 1.71
N ILE A 98 7.59 -19.84 2.03
CA ILE A 98 6.65 -19.44 1.00
C ILE A 98 7.22 -18.34 0.13
N TYR A 99 7.90 -17.37 0.75
CA TYR A 99 8.48 -16.26 -0.02
C TYR A 99 9.33 -16.79 -1.15
N ARG A 100 10.09 -17.84 -0.89
CA ARG A 100 10.98 -18.34 -1.93
C ARG A 100 10.24 -18.77 -3.16
N PHE A 101 9.13 -19.47 -3.00
CA PHE A 101 8.31 -19.77 -4.20
C PHE A 101 7.89 -18.50 -4.94
N ASN A 102 7.52 -17.46 -4.21
CA ASN A 102 7.16 -16.20 -4.86
C ASN A 102 8.36 -15.56 -5.57
N GLU A 103 9.54 -15.65 -4.96
CA GLU A 103 10.75 -15.06 -5.55
C GLU A 103 11.08 -15.78 -6.83
N LEU A 104 10.89 -17.08 -6.78
CA LEU A 104 11.15 -17.90 -7.91
C LEU A 104 10.37 -17.46 -9.13
N PHE A 105 9.11 -17.11 -9.00
CA PHE A 105 8.36 -16.60 -10.15
C PHE A 105 8.62 -15.14 -10.47
N LYS A 106 9.18 -14.40 -9.53
CA LYS A 106 9.64 -13.03 -9.85
C LYS A 106 10.82 -13.14 -10.79
N VAL A 107 11.70 -14.10 -10.54
CA VAL A 107 12.93 -14.23 -11.32
C VAL A 107 12.69 -14.93 -12.65
N TYR A 108 11.99 -16.07 -12.64
CA TYR A 108 11.80 -16.87 -13.87
C TYR A 108 10.47 -16.64 -14.57
N GLY A 109 9.64 -15.74 -14.04
CA GLY A 109 8.29 -15.56 -14.54
C GLY A 109 8.26 -15.27 -16.01
N SER A 110 9.04 -14.27 -16.44
CA SER A 110 9.01 -13.90 -17.85
C SER A 110 9.53 -14.98 -18.75
N SER A 111 10.46 -15.80 -18.24
CA SER A 111 10.96 -16.94 -18.99
C SER A 111 9.90 -18.02 -19.17
N LEU A 112 9.20 -18.33 -18.09
CA LEU A 112 8.13 -19.30 -18.18
C LEU A 112 7.04 -18.83 -19.13
N ARG A 113 6.78 -17.54 -19.09
CA ARG A 113 5.79 -16.93 -19.92
C ARG A 113 6.16 -17.13 -21.38
N GLY A 114 7.40 -16.81 -21.71
CA GLY A 114 7.91 -16.98 -23.06
C GLY A 114 7.94 -18.40 -23.58
N ILE A 115 8.38 -19.33 -22.74
CA ILE A 115 8.41 -20.72 -23.11
C ILE A 115 7.00 -21.24 -23.34
N ILE A 116 6.09 -20.94 -22.44
CA ILE A 116 4.72 -21.44 -22.56
C ILE A 116 4.07 -20.86 -23.81
N HIS A 117 4.33 -19.59 -24.10
CA HIS A 117 3.76 -19.02 -25.31
C HIS A 117 4.24 -19.68 -26.57
N GLU A 118 5.54 -19.95 -26.63
CA GLU A 118 6.14 -20.58 -27.78
C GLU A 118 5.67 -22.03 -27.94
N GLU A 119 5.59 -22.79 -26.86
CA GLU A 119 5.30 -24.20 -26.92
C GLU A 119 3.83 -24.61 -26.81
N PHE A 120 2.98 -23.76 -26.26
CA PHE A 120 1.53 -24.01 -26.21
C PHE A 120 0.68 -23.00 -26.97
N GLY A 121 1.12 -21.76 -27.02
CA GLY A 121 0.36 -20.69 -27.67
C GLY A 121 -0.06 -19.66 -26.66
N ASP A 122 -0.95 -18.78 -27.09
CA ASP A 122 -1.42 -17.71 -26.25
C ASP A 122 -2.47 -18.23 -25.29
N GLY A 123 -2.03 -18.48 -24.07
CA GLY A 123 -2.95 -18.87 -23.02
C GLY A 123 -2.31 -18.81 -21.66
N ILE A 124 -2.83 -19.63 -20.77
CA ILE A 124 -2.33 -19.76 -19.42
C ILE A 124 -2.38 -21.19 -18.93
N MET A 125 -1.71 -21.44 -17.81
CA MET A 125 -1.79 -22.69 -17.14
C MET A 125 -2.72 -22.48 -15.98
N SER A 126 -3.76 -23.30 -15.90
CA SER A 126 -4.78 -23.19 -14.88
C SER A 126 -4.26 -23.54 -13.48
N ALA A 127 -4.73 -22.80 -12.47
CA ALA A 127 -4.48 -23.11 -11.06
C ALA A 127 -5.63 -23.89 -10.43
N ILE A 128 -6.65 -24.14 -11.23
CA ILE A 128 -7.87 -24.78 -10.77
C ILE A 128 -7.81 -26.26 -11.09
N ASP A 129 -7.60 -26.58 -12.37
CA ASP A 129 -7.37 -27.96 -12.80
C ASP A 129 -5.87 -28.20 -12.74
N CYS A 130 -5.37 -28.59 -11.57
CA CYS A 130 -3.95 -28.56 -11.28
C CYS A 130 -3.57 -29.59 -10.24
N LYS A 131 -2.57 -30.42 -10.54
CA LYS A 131 -2.09 -31.46 -9.60
C LYS A 131 -0.70 -31.16 -9.13
N ILE A 132 -0.57 -30.79 -7.87
CA ILE A 132 0.74 -30.60 -7.29
C ILE A 132 1.21 -31.92 -6.73
N ASP A 133 2.50 -32.11 -6.75
CA ASP A 133 3.12 -33.26 -6.15
C ASP A 133 4.44 -32.77 -5.54
N VAL A 134 4.83 -33.27 -4.37
CA VAL A 134 6.09 -32.82 -3.76
C VAL A 134 6.80 -33.97 -3.09
N THR A 135 8.11 -34.03 -3.24
CA THR A 135 8.88 -35.27 -3.08
C THR A 135 10.29 -34.95 -2.64
N LYS A 136 10.81 -35.78 -1.75
CA LYS A 136 12.24 -35.81 -1.44
C LYS A 136 12.82 -36.87 -2.32
N ASN A 137 13.80 -36.48 -3.13
CA ASN A 137 14.48 -37.41 -4.00
C ASN A 137 15.80 -37.76 -3.35
N GLU A 138 16.54 -38.69 -3.95
CA GLU A 138 17.84 -39.04 -3.39
C GLU A 138 18.63 -37.75 -3.51
N GLN A 139 19.58 -37.55 -2.61
CA GLN A 139 20.38 -36.33 -2.57
C GLN A 139 19.63 -35.25 -1.81
N SER A 140 18.48 -35.62 -1.26
CA SER A 140 17.68 -34.71 -0.45
C SER A 140 17.31 -33.37 -1.06
N ARG A 141 16.80 -33.37 -2.29
CA ARG A 141 16.40 -32.15 -2.93
C ARG A 141 14.89 -32.14 -2.94
N VAL A 142 14.32 -30.95 -2.88
CA VAL A 142 12.87 -30.81 -2.86
C VAL A 142 12.44 -30.80 -4.30
N ILE A 143 11.54 -31.69 -4.65
CA ILE A 143 11.08 -31.78 -6.01
C ILE A 143 9.62 -31.55 -6.05
N LEU A 144 9.25 -30.45 -6.68
CA LEU A 144 7.91 -29.96 -6.72
C LEU A 144 7.42 -30.02 -8.14
N ARG A 145 6.38 -30.81 -8.38
CA ARG A 145 5.89 -30.96 -9.73
C ARG A 145 4.50 -30.43 -9.81
N ILE A 146 4.29 -29.55 -10.76
CA ILE A 146 2.99 -28.94 -10.97
C ILE A 146 2.47 -29.37 -12.36
N ASP A 147 1.22 -29.86 -12.42
CA ASP A 147 0.65 -30.40 -13.65
C ASP A 147 -0.70 -29.74 -13.90
N GLY A 148 -0.73 -28.76 -14.80
CA GLY A 148 -1.91 -27.92 -15.01
C GLY A 148 -2.46 -27.94 -16.42
N LYS A 149 -3.76 -27.66 -16.57
CA LYS A 149 -4.39 -27.59 -17.92
C LYS A 149 -3.98 -26.29 -18.55
N PHE A 150 -3.64 -26.36 -19.83
CA PHE A 150 -3.41 -25.18 -20.63
C PHE A 150 -4.75 -24.73 -21.17
N LEU A 151 -5.11 -23.46 -20.94
CA LEU A 151 -6.33 -22.88 -21.49
C LEU A 151 -5.98 -21.80 -22.45
N PRO A 152 -6.36 -21.96 -23.72
CA PRO A 152 -6.02 -20.90 -24.66
C PRO A 152 -7.02 -19.75 -24.55
N TYR A 153 -6.55 -18.54 -24.81
CA TYR A 153 -7.43 -17.37 -24.89
C TYR A 153 -8.43 -17.48 -26.04
N TYR A 154 -9.63 -16.95 -25.81
CA TYR A 154 -10.66 -16.83 -26.81
C TYR A 154 -10.12 -15.97 -27.96
N LYS A 155 -10.39 -16.41 -29.18
CA LYS A 155 -9.77 -15.83 -30.37
C LYS A 155 -10.74 -15.12 -31.34
N GLY A 156 -11.99 -14.88 -30.93
CA GLY A 156 -12.94 -14.10 -31.74
C GLY A 156 -14.04 -14.91 -32.37
N ASN B 22 7.10 -15.14 25.76
CA ASN B 22 6.60 -14.17 26.81
C ASN B 22 6.29 -14.77 28.18
N GLN B 23 5.70 -15.97 28.22
CA GLN B 23 5.71 -16.77 29.47
C GLN B 23 7.18 -17.15 29.84
N PHE B 24 8.01 -17.33 28.81
CA PHE B 24 9.43 -17.63 28.99
C PHE B 24 10.23 -16.40 29.38
N ILE B 25 9.99 -15.29 28.67
CA ILE B 25 10.62 -14.02 29.06
C ILE B 25 10.27 -13.63 30.52
N LYS B 26 8.99 -13.72 30.91
CA LYS B 26 8.57 -13.36 32.31
C LYS B 26 9.33 -14.21 33.32
N ALA B 27 9.46 -15.51 33.00
CA ALA B 27 10.19 -16.46 33.83
C ALA B 27 11.67 -16.11 33.95
N LYS B 28 12.26 -15.69 32.85
CA LYS B 28 13.64 -15.23 32.85
C LYS B 28 13.89 -14.01 33.72
N GLU B 29 13.00 -13.01 33.65
CA GLU B 29 13.14 -11.75 34.39
C GLU B 29 13.08 -12.01 35.90
N SER B 30 12.15 -12.87 36.33
CA SER B 30 12.07 -13.35 37.73
C SER B 30 13.37 -13.86 38.32
N LYS B 31 14.04 -14.73 37.58
CA LYS B 31 15.31 -15.33 38.00
C LYS B 31 16.52 -14.37 37.92
N GLY B 32 16.37 -13.23 37.24
CA GLY B 32 17.49 -12.29 37.06
C GLY B 32 18.55 -12.81 36.10
N LEU B 33 18.13 -13.67 35.17
CA LEU B 33 19.00 -14.20 34.12
C LEU B 33 19.14 -13.27 32.89
N THR B 34 20.36 -13.12 32.39
CA THR B 34 20.58 -12.41 31.14
C THR B 34 20.54 -13.42 29.99
N TYR B 35 20.27 -12.97 28.78
CA TYR B 35 20.33 -13.82 27.60
C TYR B 35 21.74 -14.41 27.45
N GLN B 36 22.77 -13.61 27.67
CA GLN B 36 24.17 -14.07 27.75
C GLN B 36 24.35 -15.29 28.68
N GLN B 37 23.91 -15.14 29.93
CA GLN B 37 24.03 -16.21 30.91
C GLN B 37 23.36 -17.49 30.45
N MET B 38 22.12 -17.38 29.98
CA MET B 38 21.38 -18.55 29.52
C MET B 38 22.09 -19.28 28.38
N ALA B 39 22.64 -18.52 27.46
CA ALA B 39 23.35 -19.07 26.34
C ALA B 39 24.59 -19.83 26.79
N GLN B 40 25.31 -19.27 27.74
CA GLN B 40 26.54 -19.90 28.20
C GLN B 40 26.28 -21.18 28.99
N LEU B 41 25.21 -21.17 29.80
CA LEU B 41 24.79 -22.36 30.54
C LEU B 41 24.41 -23.49 29.59
N LEU B 42 23.72 -23.17 28.52
CA LEU B 42 23.22 -24.17 27.56
C LEU B 42 24.16 -24.48 26.40
N SER B 43 25.28 -23.76 26.30
CA SER B 43 26.25 -23.94 25.21
C SER B 43 25.64 -23.76 23.80
N VAL B 44 24.93 -22.66 23.61
CA VAL B 44 24.31 -22.30 22.31
C VAL B 44 24.51 -20.82 21.99
N ASN B 45 24.28 -20.48 20.72
CA ASN B 45 24.40 -19.12 20.23
C ASN B 45 23.40 -18.21 20.93
N LYS B 46 23.86 -17.10 21.47
CA LYS B 46 23.01 -16.18 22.26
C LYS B 46 21.80 -15.65 21.51
N VAL B 47 22.04 -15.16 20.29
CA VAL B 47 20.96 -14.57 19.46
C VAL B 47 19.95 -15.61 19.01
N TRP B 48 20.41 -16.79 18.62
CA TRP B 48 19.49 -17.86 18.24
C TRP B 48 18.59 -18.25 19.39
N LEU B 49 19.19 -18.51 20.56
CA LEU B 49 18.42 -18.88 21.77
C LEU B 49 17.38 -17.82 22.08
N THR B 50 17.80 -16.56 22.04
CA THR B 50 16.89 -15.47 22.26
C THR B 50 15.73 -15.58 21.30
N SER B 51 16.01 -15.84 20.01
CA SER B 51 14.93 -16.01 19.04
C SER B 51 13.99 -17.21 19.29
N VAL B 52 14.50 -18.28 19.90
CA VAL B 52 13.65 -19.41 20.30
C VAL B 52 12.68 -18.96 21.37
N LEU B 53 13.19 -18.27 22.37
CA LEU B 53 12.33 -17.77 23.45
C LEU B 53 11.29 -16.78 22.93
N HIS B 54 11.64 -16.02 21.90
CA HIS B 54 10.69 -15.09 21.31
C HIS B 54 9.70 -15.74 20.34
N GLY B 55 9.95 -16.99 19.97
CA GLY B 55 9.06 -17.71 19.05
C GLY B 55 9.26 -17.41 17.57
N GLN B 56 10.47 -17.01 17.20
CA GLN B 56 10.88 -16.88 15.81
C GLN B 56 11.78 -18.02 15.37
N ASN B 57 11.95 -19.02 16.21
CA ASN B 57 12.79 -20.17 15.92
C ASN B 57 12.40 -21.28 16.88
N CYS B 58 12.85 -22.51 16.64
CA CYS B 58 12.54 -23.62 17.52
C CYS B 58 13.77 -24.47 17.80
N CYS B 59 13.67 -25.33 18.80
CA CYS B 59 14.76 -26.24 19.15
C CYS B 59 14.23 -27.66 19.24
N ASP B 60 15.15 -28.62 19.41
CA ASP B 60 14.77 -30.01 19.69
C ASP B 60 14.25 -30.17 21.15
N ILE B 61 13.64 -31.32 21.44
CA ILE B 61 12.95 -31.50 22.73
C ILE B 61 13.93 -31.53 23.90
N GLN B 62 15.10 -32.12 23.71
CA GLN B 62 16.08 -32.19 24.79
C GLN B 62 16.59 -30.79 25.22
N LEU B 63 16.84 -29.89 24.27
CA LEU B 63 17.17 -28.51 24.63
C LEU B 63 15.97 -27.82 25.27
N ALA B 64 14.78 -28.08 24.74
CA ALA B 64 13.56 -27.50 25.29
C ALA B 64 13.39 -27.81 26.77
N HIS B 65 13.60 -29.08 27.15
CA HIS B 65 13.53 -29.46 28.58
C HIS B 65 14.57 -28.67 29.40
N ARG B 66 15.80 -28.61 28.90
CA ARG B 66 16.87 -27.87 29.57
C ARG B 66 16.59 -26.39 29.74
N ILE B 67 15.99 -25.77 28.71
CA ILE B 67 15.54 -24.37 28.82
C ILE B 67 14.55 -24.24 29.97
N CYS B 68 13.61 -25.17 30.05
CA CYS B 68 12.63 -25.11 31.13
C CYS B 68 13.29 -25.23 32.51
N ASP B 69 14.27 -26.11 32.64
CA ASP B 69 14.95 -26.28 33.92
C ASP B 69 15.68 -25.02 34.33
N THR B 70 16.35 -24.40 33.36
CA THR B 70 17.12 -23.17 33.56
C THR B 70 16.23 -22.01 34.07
N LEU B 71 15.07 -21.88 33.46
CA LEU B 71 14.03 -20.96 33.92
C LEU B 71 13.26 -21.64 35.06
N GLY B 72 12.34 -20.91 35.68
CA GLY B 72 11.50 -21.54 36.72
C GLY B 72 10.57 -22.66 36.28
N ILE B 73 10.26 -22.71 34.98
CA ILE B 73 9.02 -23.34 34.51
C ILE B 73 8.97 -24.86 34.38
N SER B 74 7.74 -25.36 34.29
CA SER B 74 7.43 -26.77 34.14
C SER B 74 7.78 -27.33 32.77
N HIS B 75 8.18 -28.60 32.75
CA HIS B 75 8.48 -29.28 31.49
C HIS B 75 7.26 -29.47 30.57
N GLU B 76 6.05 -29.15 31.05
CA GLU B 76 4.87 -29.19 30.19
C GLU B 76 4.90 -28.12 29.11
N TYR B 77 5.63 -27.02 29.34
CA TYR B 77 5.78 -25.95 28.31
C TYR B 77 6.85 -26.23 27.24
N ALA B 78 7.68 -27.25 27.42
CA ALA B 78 8.72 -27.58 26.43
C ALA B 78 8.18 -27.76 25.01
N ASN B 79 6.96 -28.28 24.86
CA ASN B 79 6.31 -28.43 23.53
C ASN B 79 6.27 -27.18 22.65
N GLU B 80 5.96 -26.03 23.25
CA GLU B 80 5.89 -24.75 22.50
C GLU B 80 7.21 -24.35 21.86
N LEU B 81 8.31 -24.62 22.55
CA LEU B 81 9.64 -24.36 22.02
C LEU B 81 10.05 -25.27 20.86
N THR B 82 9.33 -26.36 20.65
CA THR B 82 9.62 -27.35 19.61
C THR B 82 8.84 -27.15 18.32
N SER B 83 7.69 -26.48 18.40
CA SER B 83 6.85 -26.23 17.24
C SER B 83 7.54 -25.31 16.26
N ILE B 84 7.44 -25.65 14.99
CA ILE B 84 7.99 -24.80 13.96
C ILE B 84 7.03 -23.64 13.93
N PRO B 85 7.55 -22.41 13.98
CA PRO B 85 6.69 -21.23 14.01
C PRO B 85 6.59 -20.48 12.69
N LEU B 86 5.47 -19.82 12.44
CA LEU B 86 5.32 -19.08 11.20
C LEU B 86 6.08 -17.81 11.47
N ARG B 87 7.30 -17.77 10.95
CA ARG B 87 8.22 -16.66 11.15
C ARG B 87 8.10 -15.37 10.34
N GLY B 88 8.67 -14.34 10.92
CA GLY B 88 8.89 -13.02 10.34
C GLY B 88 7.65 -12.15 10.20
N ASN B 89 6.70 -12.29 11.12
CA ASN B 89 5.36 -11.74 10.94
C ASN B 89 4.85 -10.85 12.09
N GLN B 90 5.76 -10.30 12.87
CA GLN B 90 5.44 -9.45 14.01
C GLN B 90 5.66 -8.06 13.46
N ASN B 91 4.66 -7.17 13.55
N ASN B 91 4.66 -7.18 13.57
CA ASN B 91 4.76 -5.85 12.90
CA ASN B 91 4.75 -5.85 12.93
C ASN B 91 5.53 -4.85 13.79
C ASN B 91 5.53 -4.86 13.80
N ILE B 92 6.86 -4.93 13.69
CA ILE B 92 7.78 -4.22 14.55
C ILE B 92 8.59 -3.20 13.73
N ILE B 93 8.14 -2.92 12.50
CA ILE B 93 8.86 -2.06 11.54
C ILE B 93 9.03 -0.66 12.08
N ASN B 94 8.03 -0.15 12.78
CA ASN B 94 8.09 1.19 13.36
C ASN B 94 8.95 1.39 14.60
N ASP B 95 9.44 0.31 15.25
CA ASP B 95 10.26 0.48 16.43
C ASP B 95 11.54 1.12 15.98
N PRO B 96 11.95 2.20 16.65
CA PRO B 96 13.11 2.91 16.14
C PRO B 96 14.35 2.06 16.05
N LEU B 97 14.54 1.16 17.01
CA LEU B 97 15.74 0.34 17.03
C LEU B 97 15.75 -0.54 15.80
N ILE B 98 14.62 -1.13 15.48
CA ILE B 98 14.52 -1.98 14.31
C ILE B 98 14.60 -1.21 12.98
N TYR B 99 13.94 -0.06 12.91
CA TYR B 99 13.97 0.74 11.71
C TYR B 99 15.39 0.98 11.30
N ARG B 100 16.25 1.24 12.28
CA ARG B 100 17.63 1.61 11.99
C ARG B 100 18.33 0.56 11.20
N PHE B 101 18.13 -0.70 11.56
CA PHE B 101 18.73 -1.76 10.80
C PHE B 101 18.19 -1.77 9.37
N ASN B 102 16.90 -1.49 9.20
CA ASN B 102 16.33 -1.44 7.86
C ASN B 102 16.91 -0.30 7.05
N GLU B 103 17.11 0.82 7.69
CA GLU B 103 17.62 2.00 7.00
C GLU B 103 19.04 1.73 6.57
N LEU B 104 19.78 1.04 7.43
CA LEU B 104 21.12 0.70 7.13
C LEU B 104 21.23 -0.10 5.83
N PHE B 105 20.35 -1.06 5.56
CA PHE B 105 20.41 -1.77 4.28
C PHE B 105 19.76 -1.02 3.12
N LYS B 106 18.94 -0.03 3.41
CA LYS B 106 18.49 0.86 2.35
C LYS B 106 19.66 1.69 1.83
N VAL B 107 20.53 2.13 2.73
CA VAL B 107 21.63 3.00 2.37
C VAL B 107 22.81 2.21 1.80
N TYR B 108 23.20 1.12 2.45
CA TYR B 108 24.38 0.35 2.03
C TYR B 108 24.07 -0.93 1.24
N GLY B 109 22.81 -1.20 0.98
CA GLY B 109 22.42 -2.39 0.29
C GLY B 109 23.14 -2.58 -1.04
N SER B 110 23.08 -1.59 -1.93
CA SER B 110 23.66 -1.78 -3.24
C SER B 110 25.15 -1.95 -3.15
N SER B 111 25.78 -1.35 -2.12
CA SER B 111 27.23 -1.47 -1.92
C SER B 111 27.59 -2.87 -1.48
N LEU B 112 26.82 -3.41 -0.57
CA LEU B 112 27.03 -4.78 -0.13
C LEU B 112 26.79 -5.77 -1.27
N ARG B 113 25.81 -5.48 -2.10
CA ARG B 113 25.53 -6.30 -3.25
C ARG B 113 26.74 -6.35 -4.17
N GLY B 114 27.28 -5.17 -4.47
CA GLY B 114 28.45 -5.05 -5.33
C GLY B 114 29.71 -5.73 -4.78
N ILE B 115 29.99 -5.54 -3.49
CA ILE B 115 31.15 -6.11 -2.89
C ILE B 115 31.01 -7.61 -2.92
N ILE B 116 29.83 -8.13 -2.56
CA ILE B 116 29.65 -9.60 -2.47
C ILE B 116 29.75 -10.22 -3.84
N HIS B 117 29.21 -9.52 -4.88
CA HIS B 117 29.37 -10.01 -6.25
C HIS B 117 30.81 -10.10 -6.70
N GLU B 118 31.58 -9.08 -6.41
CA GLU B 118 32.97 -9.04 -6.76
C GLU B 118 33.82 -10.10 -6.00
N GLU B 119 33.58 -10.27 -4.71
CA GLU B 119 34.43 -11.07 -3.88
C GLU B 119 33.97 -12.53 -3.71
N PHE B 120 32.69 -12.82 -3.93
CA PHE B 120 32.19 -14.22 -3.91
C PHE B 120 31.63 -14.74 -5.23
N GLY B 121 31.04 -13.86 -6.02
CA GLY B 121 30.48 -14.22 -7.29
C GLY B 121 29.01 -13.97 -7.27
N ASP B 122 28.33 -14.52 -8.26
CA ASP B 122 26.92 -14.31 -8.42
C ASP B 122 26.17 -15.25 -7.50
N GLY B 123 25.73 -14.72 -6.37
CA GLY B 123 24.94 -15.48 -5.46
C GLY B 123 24.33 -14.59 -4.42
N ILE B 124 24.06 -15.19 -3.28
CA ILE B 124 23.52 -14.51 -2.12
C ILE B 124 24.11 -15.03 -0.82
N MET B 125 23.88 -14.28 0.25
CA MET B 125 24.21 -14.74 1.59
C MET B 125 22.92 -15.21 2.20
N SER B 126 22.94 -16.46 2.68
CA SER B 126 21.76 -17.09 3.24
C SER B 126 21.36 -16.47 4.57
N ALA B 127 20.05 -16.35 4.78
CA ALA B 127 19.48 -15.93 6.06
C ALA B 127 19.06 -17.16 6.91
N ILE B 128 19.25 -18.35 6.35
CA ILE B 128 18.83 -19.58 6.95
C ILE B 128 19.99 -20.19 7.70
N ASP B 129 21.10 -20.40 6.99
CA ASP B 129 22.34 -20.85 7.59
C ASP B 129 23.12 -19.61 7.95
N CYS B 130 22.86 -19.08 9.15
CA CYS B 130 23.33 -17.76 9.52
C CYS B 130 23.50 -17.60 11.01
N LYS B 131 24.67 -17.15 11.45
CA LYS B 131 24.99 -16.99 12.88
C LYS B 131 25.16 -15.55 13.21
N ILE B 132 24.21 -14.98 13.94
CA ILE B 132 24.33 -13.62 14.39
C ILE B 132 25.03 -13.67 15.70
N ASP B 133 25.75 -12.62 15.97
CA ASP B 133 26.40 -12.42 17.25
C ASP B 133 26.34 -10.92 17.57
N VAL B 134 26.14 -10.54 18.81
CA VAL B 134 26.05 -9.12 19.15
C VAL B 134 26.70 -8.86 20.50
N THR B 135 27.43 -7.76 20.59
CA THR B 135 28.49 -7.58 21.57
C THR B 135 28.70 -6.13 21.86
N LYS B 136 28.94 -5.82 23.14
CA LYS B 136 29.46 -4.52 23.57
C LYS B 136 30.97 -4.65 23.65
N ASN B 137 31.69 -3.80 22.93
CA ASN B 137 33.14 -3.82 22.90
C ASN B 137 33.76 -2.88 23.92
N GLU B 138 35.06 -2.73 23.84
CA GLU B 138 35.82 -1.88 24.76
C GLU B 138 35.37 -0.43 24.70
N GLN B 139 34.97 0.00 23.52
CA GLN B 139 34.55 1.38 23.35
C GLN B 139 33.05 1.61 23.54
N SER B 140 32.35 0.60 24.04
CA SER B 140 30.91 0.71 24.27
C SER B 140 30.10 0.98 23.01
N ARG B 141 30.52 0.31 21.95
CA ARG B 141 29.92 0.36 20.60
C ARG B 141 29.22 -0.96 20.38
N VAL B 142 28.14 -0.92 19.61
CA VAL B 142 27.36 -2.12 19.36
C VAL B 142 28.04 -2.82 18.23
N ILE B 143 28.39 -4.07 18.41
CA ILE B 143 29.08 -4.79 17.39
C ILE B 143 28.30 -5.98 17.02
N LEU B 144 27.74 -5.92 15.82
CA LEU B 144 26.91 -6.97 15.32
C LEU B 144 27.68 -7.68 14.27
N ARG B 145 27.80 -8.98 14.42
CA ARG B 145 28.53 -9.81 13.46
C ARG B 145 27.58 -10.82 12.86
N ILE B 146 27.48 -10.86 11.54
CA ILE B 146 26.61 -11.79 10.83
C ILE B 146 27.47 -12.71 10.00
N ASP B 147 27.25 -14.02 10.10
CA ASP B 147 28.11 -15.04 9.48
C ASP B 147 27.25 -16.02 8.70
N GLY B 148 27.17 -15.82 7.38
CA GLY B 148 26.21 -16.54 6.56
C GLY B 148 26.88 -17.36 5.49
N LYS B 149 26.20 -18.41 5.04
CA LYS B 149 26.69 -19.18 3.92
C LYS B 149 26.44 -18.43 2.64
N PHE B 150 27.42 -18.48 1.74
CA PHE B 150 27.26 -17.96 0.40
C PHE B 150 26.72 -19.08 -0.44
N LEU B 151 25.61 -18.84 -1.13
CA LEU B 151 25.04 -19.80 -2.10
C LEU B 151 25.11 -19.24 -3.50
N PRO B 152 25.80 -19.89 -4.39
CA PRO B 152 25.87 -19.34 -5.71
C PRO B 152 24.66 -19.73 -6.48
N TYR B 153 24.30 -18.92 -7.46
CA TYR B 153 23.19 -19.21 -8.35
C TYR B 153 23.48 -20.39 -9.28
N TYR B 154 22.40 -21.00 -9.74
CA TYR B 154 22.45 -22.12 -10.66
C TYR B 154 23.13 -21.68 -11.94
N LYS B 155 23.94 -22.61 -12.44
CA LYS B 155 24.81 -22.47 -13.59
C LYS B 155 24.20 -22.79 -14.92
N GLY B 156 23.08 -23.48 -14.88
CA GLY B 156 22.43 -24.01 -16.07
C GLY B 156 22.91 -25.38 -16.49
N GLN B 157 23.58 -26.14 -15.64
CA GLN B 157 24.16 -27.42 -16.06
C GLN B 157 23.30 -28.53 -16.69
N LEU B 158 22.11 -28.78 -16.17
CA LEU B 158 21.23 -29.81 -16.71
C LEU B 158 21.36 -31.12 -15.92
N ASN C 22 -3.22 4.48 30.33
CA ASN C 22 -4.72 4.61 30.43
C ASN C 22 -5.32 4.32 31.82
N GLN C 23 -4.80 3.33 32.55
CA GLN C 23 -5.05 3.27 34.03
C GLN C 23 -4.40 4.50 34.71
N PHE C 24 -3.30 4.99 34.14
CA PHE C 24 -2.60 6.19 34.64
C PHE C 24 -3.33 7.46 34.25
N ILE C 25 -3.72 7.57 32.98
CA ILE C 25 -4.55 8.70 32.55
C ILE C 25 -5.87 8.81 33.35
N LYS C 26 -6.60 7.69 33.55
CA LYS C 26 -7.88 7.69 34.33
C LYS C 26 -7.62 8.23 35.73
N ALA C 27 -6.53 7.79 36.33
CA ALA C 27 -6.10 8.24 37.65
C ALA C 27 -5.79 9.75 37.69
N LYS C 28 -5.12 10.25 36.65
CA LYS C 28 -4.82 11.66 36.52
C LYS C 28 -6.07 12.54 36.42
N GLU C 29 -7.06 12.10 35.63
CA GLU C 29 -8.32 12.86 35.42
C GLU C 29 -9.10 12.98 36.73
N SER C 30 -9.20 11.89 37.49
CA SER C 30 -9.81 11.89 38.85
C SER C 30 -9.29 12.97 39.78
N LYS C 31 -7.96 13.09 39.85
CA LYS C 31 -7.31 14.08 40.70
C LYS C 31 -7.40 15.52 40.19
N GLY C 32 -7.78 15.72 38.91
CA GLY C 32 -7.82 17.05 38.29
C GLY C 32 -6.44 17.62 37.98
N LEU C 33 -5.46 16.73 37.80
CA LEU C 33 -4.10 17.13 37.50
C LEU C 33 -3.89 17.41 35.98
N THR C 34 -3.17 18.48 35.65
CA THR C 34 -2.73 18.72 34.28
C THR C 34 -1.33 18.12 34.06
N TYR C 35 -0.99 17.81 32.81
CA TYR C 35 0.33 17.27 32.47
C TYR C 35 1.40 18.25 32.90
N GLN C 36 1.17 19.53 32.66
CA GLN C 36 1.99 20.62 33.21
C GLN C 36 2.29 20.46 34.73
N GLN C 37 1.22 20.34 35.52
CA GLN C 37 1.36 20.22 36.97
C GLN C 37 2.21 19.02 37.38
N MET C 38 1.92 17.87 36.81
CA MET C 38 2.67 16.68 37.11
C MET C 38 4.14 16.83 36.83
N ALA C 39 4.44 17.46 35.72
CA ALA C 39 5.82 17.67 35.31
C ALA C 39 6.57 18.59 36.28
N GLN C 40 5.90 19.65 36.72
CA GLN C 40 6.45 20.61 37.66
C GLN C 40 6.74 19.96 39.00
N LEU C 41 5.80 19.14 39.46
CA LEU C 41 5.95 18.43 40.73
C LEU C 41 7.14 17.46 40.69
N LEU C 42 7.30 16.76 39.57
CA LEU C 42 8.34 15.74 39.41
C LEU C 42 9.67 16.25 38.85
N SER C 43 9.74 17.53 38.45
CA SER C 43 10.97 18.12 37.87
C SER C 43 11.46 17.39 36.64
N VAL C 44 10.53 17.14 35.68
CA VAL C 44 10.84 16.49 34.43
C VAL C 44 10.18 17.18 33.26
N ASN C 45 10.69 16.88 32.07
CA ASN C 45 10.13 17.42 30.85
C ASN C 45 8.67 17.01 30.72
N LYS C 46 7.79 18.00 30.48
CA LYS C 46 6.33 17.74 30.33
C LYS C 46 5.93 16.74 29.21
N VAL C 47 6.49 16.90 28.02
CA VAL C 47 6.17 16.01 26.90
C VAL C 47 6.68 14.60 27.14
N TRP C 48 7.89 14.47 27.66
CA TRP C 48 8.47 13.14 27.91
C TRP C 48 7.66 12.37 28.95
N LEU C 49 7.32 13.04 30.04
CA LEU C 49 6.46 12.44 31.07
C LEU C 49 5.12 12.01 30.53
N THR C 50 4.51 12.89 29.75
CA THR C 50 3.28 12.54 29.05
C THR C 50 3.43 11.25 28.22
N SER C 51 4.51 11.15 27.47
CA SER C 51 4.78 9.94 26.74
C SER C 51 5.01 8.69 27.59
N VAL C 52 5.58 8.84 28.79
CA VAL C 52 5.72 7.70 29.70
C VAL C 52 4.35 7.19 30.16
N LEU C 53 3.48 8.10 30.55
CA LEU C 53 2.13 7.73 30.88
C LEU C 53 1.36 7.11 29.70
N HIS C 54 1.62 7.55 28.47
CA HIS C 54 0.99 6.94 27.29
C HIS C 54 1.66 5.65 26.80
N GLY C 55 2.76 5.25 27.42
CA GLY C 55 3.43 4.01 27.06
C GLY C 55 4.26 4.05 25.77
N GLN C 56 4.77 5.22 25.40
CA GLN C 56 5.70 5.37 24.32
C GLN C 56 7.11 5.63 24.81
N ASN C 57 7.30 5.56 26.12
CA ASN C 57 8.60 5.79 26.74
C ASN C 57 8.55 5.19 28.15
N CYS C 58 9.69 5.02 28.79
CA CYS C 58 9.74 4.47 30.12
C CYS C 58 10.64 5.31 31.04
N CYS C 59 10.54 5.10 32.34
CA CYS C 59 11.39 5.76 33.32
C CYS C 59 12.06 4.75 34.23
N ASP C 60 12.97 5.20 35.08
CA ASP C 60 13.58 4.37 36.10
C ASP C 60 12.56 4.12 37.25
N ILE C 61 12.90 3.17 38.15
CA ILE C 61 11.93 2.72 39.17
C ILE C 61 11.66 3.81 40.20
N GLN C 62 12.64 4.62 40.55
CA GLN C 62 12.43 5.70 41.52
C GLN C 62 11.40 6.70 41.02
N LEU C 63 11.54 7.14 39.78
CA LEU C 63 10.53 8.05 39.19
C LEU C 63 9.16 7.37 39.05
N ALA C 64 9.17 6.10 38.65
CA ALA C 64 7.94 5.34 38.61
C ALA C 64 7.17 5.32 39.94
N HIS C 65 7.87 5.06 41.06
CA HIS C 65 7.23 5.11 42.38
C HIS C 65 6.62 6.53 42.63
N ARG C 66 7.41 7.55 42.35
CA ARG C 66 6.93 8.93 42.51
C ARG C 66 5.72 9.31 41.66
N ILE C 67 5.68 8.80 40.42
CA ILE C 67 4.51 8.98 39.55
C ILE C 67 3.29 8.35 40.20
N CYS C 68 3.46 7.14 40.70
CA CYS C 68 2.40 6.47 41.40
C CYS C 68 1.80 7.24 42.61
N ASP C 69 2.65 7.84 43.42
CA ASP C 69 2.20 8.68 44.51
C ASP C 69 1.53 9.95 44.14
N THR C 70 2.03 10.57 43.11
CA THR C 70 1.41 11.78 42.57
C THR C 70 -0.04 11.52 42.11
N LEU C 71 -0.23 10.39 41.44
CA LEU C 71 -1.54 9.93 41.08
C LEU C 71 -2.11 9.20 42.28
N GLY C 72 -3.37 8.79 42.20
CA GLY C 72 -3.94 7.98 43.28
C GLY C 72 -3.26 6.64 43.59
N ILE C 73 -2.58 6.06 42.59
CA ILE C 73 -2.40 4.61 42.46
C ILE C 73 -1.31 3.95 43.32
N SER C 74 -1.44 2.62 43.42
CA SER C 74 -0.55 1.77 44.20
C SER C 74 0.80 1.61 43.55
N HIS C 75 1.84 1.43 44.36
CA HIS C 75 3.19 1.24 43.84
C HIS C 75 3.39 -0.03 43.01
N GLU C 76 2.50 -0.99 43.15
CA GLU C 76 2.59 -2.22 42.38
C GLU C 76 2.53 -1.95 40.89
N TYR C 77 1.74 -0.95 40.51
CA TYR C 77 1.58 -0.56 39.11
C TYR C 77 2.82 0.10 38.54
N ALA C 78 3.78 0.40 39.41
CA ALA C 78 5.00 1.07 39.01
C ALA C 78 5.83 0.36 37.95
N ASN C 79 5.85 -0.97 37.95
CA ASN C 79 6.65 -1.69 36.98
C ASN C 79 6.30 -1.41 35.52
N GLU C 80 5.01 -1.32 35.22
CA GLU C 80 4.60 -1.03 33.83
C GLU C 80 5.27 0.20 33.23
N LEU C 81 5.49 1.22 34.06
CA LEU C 81 6.22 2.41 33.66
C LEU C 81 7.71 2.20 33.39
N THR C 82 8.26 1.08 33.83
CA THR C 82 9.69 0.77 33.72
C THR C 82 10.02 -0.09 32.52
N SER C 83 9.02 -0.81 31.99
CA SER C 83 9.22 -1.71 30.85
C SER C 83 9.49 -0.91 29.61
N ILE C 84 10.43 -1.35 28.81
CA ILE C 84 10.69 -0.62 27.59
C ILE C 84 9.52 -0.96 26.67
N PRO C 85 8.84 0.13 26.15
CA PRO C 85 7.70 -0.22 25.30
C PRO C 85 8.01 -0.47 23.83
N LEU C 86 7.09 -1.12 23.14
CA LEU C 86 7.25 -1.37 21.72
C LEU C 86 6.66 -0.10 21.14
N ARG C 87 7.54 0.81 20.78
CA ARG C 87 7.18 2.13 20.27
C ARG C 87 6.79 2.39 18.82
N GLY C 88 6.12 3.52 18.68
CA GLY C 88 5.78 4.16 17.43
C GLY C 88 4.77 3.45 16.59
N ASN C 89 3.84 2.74 17.25
CA ASN C 89 2.99 1.75 16.55
C ASN C 89 1.47 1.92 16.78
N GLN C 90 1.06 3.13 17.12
CA GLN C 90 -0.34 3.46 17.34
C GLN C 90 -0.74 4.17 16.04
N ASN C 91 -1.80 3.69 15.40
CA ASN C 91 -2.16 4.18 14.06
C ASN C 91 -3.01 5.45 14.18
N ILE C 92 -2.32 6.57 14.34
CA ILE C 92 -2.91 7.86 14.65
C ILE C 92 -2.69 8.84 13.49
N ILE C 93 -2.27 8.32 12.33
CA ILE C 93 -1.92 9.15 11.15
C ILE C 93 -3.10 9.98 10.67
N ASN C 94 -4.31 9.41 10.72
CA ASN C 94 -5.51 10.11 10.29
C ASN C 94 -6.06 11.20 11.20
N ASP C 95 -5.59 11.30 12.44
CA ASP C 95 -6.08 12.34 13.33
C ASP C 95 -5.66 13.65 12.74
N PRO C 96 -6.60 14.58 12.57
CA PRO C 96 -6.22 15.83 11.94
C PRO C 96 -5.10 16.61 12.60
N LEU C 97 -5.06 16.60 13.94
CA LEU C 97 -4.01 17.29 14.67
C LEU C 97 -2.66 16.70 14.35
N ILE C 98 -2.56 15.37 14.33
CA ILE C 98 -1.34 14.71 13.94
C ILE C 98 -0.95 14.86 12.46
N TYR C 99 -1.92 14.73 11.55
CA TYR C 99 -1.66 14.88 10.13
C TYR C 99 -0.96 16.18 9.86
N ARG C 100 -1.40 17.25 10.52
CA ARG C 100 -0.80 18.53 10.23
C ARG C 100 0.69 18.57 10.47
N PHE C 101 1.15 18.00 11.57
CA PHE C 101 2.59 17.91 11.76
C PHE C 101 3.26 17.16 10.63
N ASN C 102 2.64 16.10 10.14
CA ASN C 102 3.19 15.39 8.99
C ASN C 102 3.21 16.24 7.72
N GLU C 103 2.16 17.02 7.53
CA GLU C 103 2.06 17.84 6.33
C GLU C 103 3.16 18.88 6.36
N LEU C 104 3.38 19.38 7.56
CA LEU C 104 4.35 20.39 7.75
C LEU C 104 5.69 19.94 7.27
N PHE C 105 6.10 18.72 7.52
CA PHE C 105 7.41 18.25 7.03
C PHE C 105 7.38 17.79 5.58
N LYS C 106 6.20 17.56 5.03
CA LYS C 106 6.08 17.34 3.58
C LYS C 106 6.34 18.64 2.85
N VAL C 107 5.87 19.75 3.40
CA VAL C 107 6.04 21.06 2.74
C VAL C 107 7.42 21.68 3.00
N TYR C 108 7.88 21.69 4.25
CA TYR C 108 9.15 22.34 4.60
C TYR C 108 10.32 21.39 4.73
N GLY C 109 10.11 20.12 4.46
CA GLY C 109 11.15 19.12 4.67
C GLY C 109 12.41 19.43 3.91
N SER C 110 12.30 19.67 2.62
CA SER C 110 13.51 19.94 1.85
C SER C 110 14.24 21.22 2.28
N SER C 111 13.49 22.21 2.77
CA SER C 111 14.07 23.44 3.28
C SER C 111 14.85 23.18 4.57
N LEU C 112 14.27 22.42 5.47
CA LEU C 112 14.94 22.06 6.69
C LEU C 112 16.19 21.25 6.42
N ARG C 113 16.09 20.39 5.43
CA ARG C 113 17.21 19.58 5.01
C ARG C 113 18.37 20.45 4.56
N GLY C 114 18.06 21.41 3.71
CA GLY C 114 19.05 22.35 3.20
C GLY C 114 19.68 23.24 4.25
N ILE C 115 18.86 23.78 5.14
CA ILE C 115 19.35 24.63 6.21
C ILE C 115 20.25 23.84 7.14
N ILE C 116 19.83 22.63 7.52
CA ILE C 116 20.62 21.85 8.45
C ILE C 116 21.96 21.48 7.81
N HIS C 117 21.93 21.15 6.52
CA HIS C 117 23.16 20.77 5.85
C HIS C 117 24.14 21.91 5.83
N GLU C 118 23.64 23.09 5.53
CA GLU C 118 24.48 24.28 5.46
C GLU C 118 25.03 24.68 6.84
N GLU C 119 24.22 24.61 7.89
CA GLU C 119 24.59 25.14 9.19
C GLU C 119 25.19 24.12 10.14
N PHE C 120 24.94 22.83 9.93
CA PHE C 120 25.59 21.76 10.73
C PHE C 120 26.48 20.79 9.96
N GLY C 121 26.14 20.51 8.71
CA GLY C 121 26.95 19.63 7.87
C GLY C 121 26.12 18.46 7.51
N ASP C 122 26.77 17.46 6.96
CA ASP C 122 26.09 16.30 6.48
C ASP C 122 25.78 15.37 7.65
N GLY C 123 24.54 15.42 8.10
CA GLY C 123 24.10 14.55 9.16
C GLY C 123 22.60 14.62 9.29
N ILE C 124 22.16 14.33 10.49
CA ILE C 124 20.78 14.33 10.85
C ILE C 124 20.56 14.85 12.27
N MET C 125 19.31 15.16 12.59
CA MET C 125 18.91 15.49 13.94
C MET C 125 18.26 14.26 14.51
N SER C 126 18.77 13.81 15.64
CA SER C 126 18.30 12.60 16.29
C SER C 126 16.89 12.78 16.85
N ALA C 127 16.09 11.71 16.75
CA ALA C 127 14.76 11.64 17.38
C ALA C 127 14.83 10.94 18.76
N ILE C 128 16.03 10.48 19.11
CA ILE C 128 16.24 9.64 20.27
C ILE C 128 16.71 10.54 21.40
N ASP C 129 17.79 11.28 21.15
CA ASP C 129 18.24 12.31 22.07
C ASP C 129 17.56 13.59 21.67
N CYS C 130 16.36 13.80 22.21
CA CYS C 130 15.51 14.86 21.75
C CYS C 130 14.57 15.36 22.80
N LYS C 131 14.51 16.67 23.01
CA LYS C 131 13.61 17.29 24.02
C LYS C 131 12.54 18.11 23.35
N ILE C 132 11.31 17.64 23.38
CA ILE C 132 10.18 18.40 22.89
C ILE C 132 9.69 19.28 24.04
N ASP C 133 9.15 20.42 23.68
CA ASP C 133 8.50 21.30 24.59
C ASP C 133 7.30 21.90 23.85
N VAL C 134 6.18 22.10 24.51
CA VAL C 134 5.02 22.69 23.86
C VAL C 134 4.29 23.62 24.78
N THR C 135 3.87 24.76 24.24
CA THR C 135 3.55 25.94 25.05
C THR C 135 2.49 26.79 24.36
N LYS C 136 1.58 27.35 25.15
CA LYS C 136 0.69 28.40 24.70
C LYS C 136 1.35 29.69 25.06
N ASN C 137 1.57 30.53 24.07
CA ASN C 137 2.17 31.84 24.25
C ASN C 137 1.15 32.92 24.56
N GLU C 138 1.61 34.16 24.62
CA GLU C 138 0.77 35.32 24.90
C GLU C 138 -0.31 35.49 23.83
N GLN C 139 0.03 35.18 22.59
CA GLN C 139 -0.90 35.32 21.47
C GLN C 139 -1.81 34.12 21.28
N SER C 140 -1.72 33.14 22.18
CA SER C 140 -2.53 31.93 22.08
C SER C 140 -2.24 31.10 20.83
N ARG C 141 -0.96 31.05 20.51
CA ARG C 141 -0.38 30.33 19.41
C ARG C 141 0.31 29.11 20.01
N VAL C 142 0.35 28.01 19.26
CA VAL C 142 0.96 26.77 19.71
C VAL C 142 2.42 26.88 19.40
N ILE C 143 3.24 26.75 20.41
CA ILE C 143 4.65 26.90 20.22
C ILE C 143 5.35 25.64 20.59
N LEU C 144 5.93 25.01 19.59
CA LEU C 144 6.45 23.69 19.71
C LEU C 144 7.93 23.82 19.50
N ARG C 145 8.72 23.48 20.48
CA ARG C 145 10.18 23.60 20.38
C ARG C 145 10.80 22.21 20.44
N ILE C 146 11.58 21.85 19.46
CA ILE C 146 12.23 20.55 19.41
C ILE C 146 13.73 20.76 19.49
N ASP C 147 14.40 20.03 20.38
CA ASP C 147 15.83 20.25 20.67
C ASP C 147 16.57 18.89 20.57
N GLY C 148 17.26 18.68 19.46
CA GLY C 148 17.83 17.37 19.13
C GLY C 148 19.32 17.38 18.87
N LYS C 149 19.98 16.25 19.12
CA LYS C 149 21.42 16.15 18.88
C LYS C 149 21.62 16.00 17.38
N PHE C 150 22.63 16.69 16.87
CA PHE C 150 23.06 16.55 15.49
C PHE C 150 24.10 15.44 15.46
N LEU C 151 23.88 14.45 14.59
CA LEU C 151 24.82 13.34 14.41
C LEU C 151 25.37 13.40 13.03
N PRO C 152 26.68 13.57 12.89
CA PRO C 152 27.20 13.64 11.53
C PRO C 152 27.39 12.26 10.97
N TYR C 153 27.22 12.09 9.67
CA TYR C 153 27.52 10.82 9.01
C TYR C 153 28.99 10.46 9.08
N TYR C 154 29.25 9.16 9.16
CA TYR C 154 30.59 8.62 9.11
C TYR C 154 31.25 8.98 7.77
N LYS C 155 32.51 9.38 7.82
CA LYS C 155 33.20 9.95 6.66
C LYS C 155 34.32 9.06 6.11
N GLY C 156 34.32 7.81 6.54
CA GLY C 156 35.18 6.79 5.96
C GLY C 156 36.57 6.71 6.55
N GLN C 157 36.78 7.38 7.67
CA GLN C 157 38.10 7.45 8.30
C GLN C 157 38.51 6.09 8.86
N LEU C 158 39.75 5.70 8.67
CA LEU C 158 40.19 4.40 9.16
C LEU C 158 40.41 4.37 10.67
N ASP C 159 40.43 5.55 11.29
CA ASP C 159 40.61 5.64 12.74
C ASP C 159 39.42 6.31 13.40
N ASN D 22 -23.64 5.16 19.19
CA ASN D 22 -24.45 3.91 18.99
C ASN D 22 -25.42 3.56 20.13
N GLN D 23 -25.04 3.76 21.39
CA GLN D 23 -26.06 3.84 22.48
C GLN D 23 -26.97 5.04 22.27
N PHE D 24 -26.41 6.12 21.68
CA PHE D 24 -27.16 7.34 21.36
C PHE D 24 -28.05 7.16 20.13
N ILE D 25 -27.48 6.59 19.07
CA ILE D 25 -28.29 6.25 17.90
C ILE D 25 -29.45 5.30 18.24
N LYS D 26 -29.20 4.22 19.01
CA LYS D 26 -30.28 3.28 19.41
C LYS D 26 -31.39 4.04 20.14
N ALA D 27 -31.00 4.94 21.05
CA ALA D 27 -31.94 5.76 21.81
C ALA D 27 -32.77 6.67 20.90
N LYS D 28 -32.13 7.24 19.89
CA LYS D 28 -32.81 8.07 18.91
C LYS D 28 -33.85 7.33 18.08
N GLU D 29 -33.51 6.12 17.63
CA GLU D 29 -34.43 5.30 16.82
C GLU D 29 -35.68 4.92 17.61
N SER D 30 -35.51 4.54 18.89
CA SER D 30 -36.64 4.28 19.83
C SER D 30 -37.70 5.40 19.88
N LYS D 31 -37.23 6.63 20.03
CA LYS D 31 -38.09 7.82 20.11
C LYS D 31 -38.70 8.26 18.79
N GLY D 32 -38.20 7.72 17.67
CA GLY D 32 -38.68 8.10 16.34
C GLY D 32 -38.23 9.50 15.93
N LEU D 33 -37.11 9.93 16.47
CA LEU D 33 -36.54 11.24 16.17
C LEU D 33 -35.69 11.20 14.90
N THR D 34 -35.83 12.23 14.06
CA THR D 34 -34.91 12.43 12.95
C THR D 34 -33.75 13.32 13.41
N TYR D 35 -32.61 13.23 12.70
CA TYR D 35 -31.48 14.13 12.96
C TYR D 35 -31.93 15.60 12.78
N GLN D 36 -32.71 15.88 11.74
CA GLN D 36 -33.32 17.20 11.53
C GLN D 36 -34.03 17.71 12.79
N GLN D 37 -34.93 16.89 13.31
CA GLN D 37 -35.71 17.26 14.50
C GLN D 37 -34.81 17.58 15.69
N MET D 38 -33.85 16.71 15.96
CA MET D 38 -32.95 16.91 17.09
C MET D 38 -32.19 18.21 16.99
N ALA D 39 -31.74 18.51 15.78
CA ALA D 39 -31.00 19.74 15.51
C ALA D 39 -31.86 20.97 15.75
N GLN D 40 -33.11 20.92 15.33
CA GLN D 40 -33.98 22.07 15.47
C GLN D 40 -34.37 22.31 16.91
N LEU D 41 -34.57 21.23 17.66
CA LEU D 41 -34.86 21.32 19.10
C LEU D 41 -33.70 21.93 19.88
N LEU D 42 -32.49 21.55 19.54
CA LEU D 42 -31.29 22.02 20.22
C LEU D 42 -30.65 23.30 19.64
N SER D 43 -31.17 23.81 18.52
CA SER D 43 -30.63 25.01 17.85
C SER D 43 -29.15 24.87 17.49
N VAL D 44 -28.81 23.77 16.82
CA VAL D 44 -27.46 23.49 16.33
C VAL D 44 -27.46 22.92 14.92
N ASN D 45 -26.29 22.98 14.27
CA ASN D 45 -26.11 22.49 12.91
C ASN D 45 -26.39 21.01 12.88
N LYS D 46 -27.25 20.60 11.95
CA LYS D 46 -27.66 19.19 11.84
C LYS D 46 -26.51 18.20 11.65
N VAL D 47 -25.60 18.52 10.71
CA VAL D 47 -24.49 17.61 10.38
C VAL D 47 -23.48 17.51 11.52
N TRP D 48 -23.18 18.63 12.17
CA TRP D 48 -22.29 18.64 13.32
C TRP D 48 -22.82 17.81 14.47
N LEU D 49 -24.08 18.04 14.83
CA LEU D 49 -24.75 17.25 15.88
C LEU D 49 -24.69 15.76 15.54
N THR D 50 -25.01 15.42 14.29
CA THR D 50 -24.97 14.05 13.87
C THR D 50 -23.59 13.49 14.12
N SER D 51 -22.56 14.25 13.77
CA SER D 51 -21.18 13.81 14.02
C SER D 51 -20.83 13.66 15.51
N VAL D 52 -21.46 14.45 16.39
CA VAL D 52 -21.25 14.28 17.84
C VAL D 52 -21.80 12.95 18.31
N LEU D 53 -23.02 12.66 17.89
CA LEU D 53 -23.63 11.38 18.20
C LEU D 53 -22.83 10.19 17.64
N HIS D 54 -22.21 10.35 16.47
CA HIS D 54 -21.38 9.28 15.91
C HIS D 54 -19.96 9.21 16.47
N GLY D 55 -19.60 10.14 17.36
CA GLY D 55 -18.28 10.15 17.97
C GLY D 55 -17.12 10.62 17.09
N GLN D 56 -17.41 11.48 16.11
CA GLN D 56 -16.41 12.14 15.32
C GLN D 56 -16.25 13.60 15.73
N ASN D 57 -16.94 14.02 16.78
CA ASN D 57 -16.90 15.39 17.27
C ASN D 57 -17.46 15.41 18.69
N CYS D 58 -17.25 16.49 19.43
CA CYS D 58 -17.68 16.57 20.82
C CYS D 58 -18.34 17.91 21.09
N CYS D 59 -19.07 18.00 22.18
CA CYS D 59 -19.76 19.25 22.58
C CYS D 59 -19.40 19.58 24.01
N ASP D 60 -19.82 20.76 24.46
CA ASP D 60 -19.68 21.16 25.87
C ASP D 60 -20.70 20.41 26.75
N ILE D 61 -20.52 20.48 28.07
CA ILE D 61 -21.30 19.64 29.00
C ILE D 61 -22.76 20.04 29.02
N GLN D 62 -23.02 21.34 28.91
CA GLN D 62 -24.40 21.79 28.92
C GLN D 62 -25.22 21.28 27.70
N LEU D 63 -24.64 21.28 26.52
CA LEU D 63 -25.32 20.66 25.38
C LEU D 63 -25.44 19.16 25.57
N ALA D 64 -24.39 18.55 26.11
CA ALA D 64 -24.41 17.12 26.36
C ALA D 64 -25.59 16.70 27.23
N HIS D 65 -25.83 17.45 28.31
CA HIS D 65 -26.99 17.17 29.16
C HIS D 65 -28.29 17.29 28.36
N ARG D 66 -28.41 18.35 27.57
CA ARG D 66 -29.60 18.56 26.75
C ARG D 66 -29.83 17.49 25.68
N ILE D 67 -28.76 17.00 25.07
CA ILE D 67 -28.85 15.85 24.17
C ILE D 67 -29.43 14.64 24.92
N CYS D 68 -28.91 14.38 26.11
CA CYS D 68 -29.40 13.27 26.91
C CYS D 68 -30.90 13.34 27.26
N ASP D 69 -31.37 14.53 27.59
CA ASP D 69 -32.77 14.78 27.87
C ASP D 69 -33.65 14.55 26.63
N THR D 70 -33.20 15.04 25.48
CA THR D 70 -33.90 14.91 24.21
C THR D 70 -34.12 13.42 23.85
N LEU D 71 -33.07 12.64 24.06
CA LEU D 71 -33.13 11.19 23.90
C LEU D 71 -33.67 10.62 25.19
N GLY D 72 -33.91 9.31 25.23
CA GLY D 72 -34.36 8.69 26.47
C GLY D 72 -33.40 8.76 27.66
N ILE D 73 -32.12 8.95 27.39
CA ILE D 73 -31.04 8.47 28.27
C ILE D 73 -30.71 9.33 29.50
N SER D 74 -29.99 8.68 30.42
CA SER D 74 -29.56 9.30 31.67
C SER D 74 -28.44 10.29 31.47
N HIS D 75 -28.46 11.34 32.28
CA HIS D 75 -27.46 12.38 32.21
C HIS D 75 -26.07 11.87 32.50
N GLU D 76 -25.98 10.87 33.36
CA GLU D 76 -24.67 10.40 33.78
C GLU D 76 -23.74 10.19 32.59
N TYR D 77 -24.35 9.76 31.49
CA TYR D 77 -23.71 9.44 30.21
C TYR D 77 -23.21 10.62 29.39
N ALA D 78 -23.52 11.83 29.83
CA ALA D 78 -23.14 13.03 29.08
C ALA D 78 -21.63 13.15 28.85
N ASN D 79 -20.84 12.56 29.73
CA ASN D 79 -19.38 12.67 29.59
C ASN D 79 -18.83 12.12 28.27
N GLU D 80 -19.39 11.02 27.77
CA GLU D 80 -18.90 10.46 26.50
C GLU D 80 -18.99 11.45 25.32
N LEU D 81 -20.05 12.26 25.31
CA LEU D 81 -20.21 13.32 24.31
C LEU D 81 -19.23 14.49 24.47
N THR D 82 -18.57 14.60 25.61
CA THR D 82 -17.66 15.69 25.93
C THR D 82 -16.21 15.35 25.65
N SER D 83 -15.87 14.07 25.61
CA SER D 83 -14.51 13.62 25.34
C SER D 83 -14.10 13.95 23.92
N ILE D 84 -12.88 14.42 23.72
CA ILE D 84 -12.43 14.68 22.37
C ILE D 84 -12.14 13.29 21.82
N PRO D 85 -12.70 12.96 20.67
CA PRO D 85 -12.50 11.63 20.08
C PRO D 85 -11.39 11.57 19.05
N LEU D 86 -10.88 10.37 18.76
CA LEU D 86 -9.86 10.25 17.74
C LEU D 86 -10.61 10.21 16.44
N ARG D 87 -10.50 11.30 15.69
CA ARG D 87 -11.21 11.48 14.42
C ARG D 87 -10.68 10.84 13.14
N GLY D 88 -11.60 10.72 12.16
CA GLY D 88 -11.30 10.21 10.84
C GLY D 88 -10.61 8.87 10.77
N ASN D 89 -11.11 7.88 11.50
CA ASN D 89 -10.43 6.59 11.52
C ASN D 89 -11.35 5.37 11.38
N GLN D 90 -12.52 5.61 10.79
CA GLN D 90 -13.52 4.57 10.55
C GLN D 90 -13.31 4.23 9.07
N ASN D 91 -13.06 2.96 8.77
CA ASN D 91 -12.70 2.56 7.40
C ASN D 91 -13.95 2.36 6.51
N ILE D 92 -14.43 3.47 5.98
CA ILE D 92 -15.72 3.56 5.30
C ILE D 92 -15.50 3.89 3.83
N ILE D 93 -14.25 3.80 3.37
CA ILE D 93 -13.85 4.24 2.00
C ILE D 93 -14.62 3.46 0.94
N ASN D 94 -14.85 2.18 1.17
CA ASN D 94 -15.54 1.32 0.21
C ASN D 94 -17.03 1.49 0.09
N ASP D 95 -17.66 2.21 1.03
CA ASP D 95 -19.11 2.39 0.93
C ASP D 95 -19.36 3.20 -0.32
N PRO D 96 -20.21 2.70 -1.20
CA PRO D 96 -20.46 3.44 -2.42
C PRO D 96 -20.85 4.91 -2.25
N LEU D 97 -21.67 5.20 -1.25
CA LEU D 97 -22.09 6.59 -1.02
C LEU D 97 -20.91 7.47 -0.70
N ILE D 98 -19.99 6.98 0.13
CA ILE D 98 -18.85 7.76 0.51
C ILE D 98 -17.83 7.83 -0.64
N TYR D 99 -17.62 6.70 -1.33
CA TYR D 99 -16.69 6.70 -2.47
C TYR D 99 -17.00 7.81 -3.44
N ARG D 100 -18.28 8.03 -3.69
CA ARG D 100 -18.66 9.03 -4.68
C ARG D 100 -18.15 10.41 -4.34
N PHE D 101 -18.26 10.80 -3.07
CA PHE D 101 -17.68 12.07 -2.68
C PHE D 101 -16.19 12.10 -2.95
N ASN D 102 -15.49 10.99 -2.69
N ASN D 102 -15.49 10.99 -2.71
CA ASN D 102 -14.05 10.94 -2.97
CA ASN D 102 -14.07 10.94 -3.03
C ASN D 102 -13.76 11.03 -4.46
C ASN D 102 -13.79 11.09 -4.49
N GLU D 103 -14.58 10.40 -5.29
CA GLU D 103 -14.39 10.42 -6.74
C GLU D 103 -14.63 11.81 -7.28
N LEU D 104 -15.61 12.46 -6.69
CA LEU D 104 -15.88 13.83 -7.01
C LEU D 104 -14.67 14.75 -6.86
N PHE D 105 -13.89 14.62 -5.79
CA PHE D 105 -12.67 15.45 -5.65
C PHE D 105 -11.47 14.93 -6.40
N LYS D 106 -11.51 13.68 -6.82
CA LYS D 106 -10.51 13.19 -7.78
C LYS D 106 -10.71 13.86 -9.12
N VAL D 107 -11.96 14.04 -9.51
CA VAL D 107 -12.26 14.57 -10.82
C VAL D 107 -12.17 16.09 -10.84
N TYR D 108 -12.77 16.74 -9.84
CA TYR D 108 -12.83 18.22 -9.83
C TYR D 108 -11.78 18.89 -8.92
N GLY D 109 -10.93 18.11 -8.30
CA GLY D 109 -9.98 18.64 -7.35
C GLY D 109 -9.11 19.72 -7.94
N SER D 110 -8.46 19.44 -9.05
CA SER D 110 -7.54 20.42 -9.60
C SER D 110 -8.27 21.68 -10.01
N SER D 111 -9.54 21.55 -10.41
CA SER D 111 -10.35 22.69 -10.83
C SER D 111 -10.68 23.56 -9.64
N LEU D 112 -11.08 22.94 -8.56
CA LEU D 112 -11.34 23.66 -7.34
C LEU D 112 -10.09 24.35 -6.81
N ARG D 113 -8.94 23.69 -6.95
CA ARG D 113 -7.68 24.29 -6.51
C ARG D 113 -7.38 25.53 -7.33
N GLY D 114 -7.54 25.43 -8.64
CA GLY D 114 -7.34 26.59 -9.52
C GLY D 114 -8.29 27.76 -9.30
N ILE D 115 -9.57 27.44 -9.12
CA ILE D 115 -10.54 28.48 -8.85
C ILE D 115 -10.28 29.15 -7.51
N ILE D 116 -9.98 28.37 -6.48
CA ILE D 116 -9.76 28.94 -5.18
C ILE D 116 -8.51 29.82 -5.21
N HIS D 117 -7.47 29.37 -5.91
CA HIS D 117 -6.26 30.18 -5.99
C HIS D 117 -6.49 31.51 -6.63
N GLU D 118 -7.22 31.50 -7.74
CA GLU D 118 -7.52 32.72 -8.50
C GLU D 118 -8.42 33.67 -7.73
N GLU D 119 -9.44 33.16 -7.05
CA GLU D 119 -10.43 34.00 -6.36
C GLU D 119 -10.13 34.36 -4.87
N PHE D 120 -9.34 33.55 -4.17
CA PHE D 120 -8.96 33.83 -2.78
C PHE D 120 -7.49 34.09 -2.58
N GLY D 121 -6.65 33.45 -3.39
CA GLY D 121 -5.22 33.57 -3.24
C GLY D 121 -4.60 32.26 -2.82
N ASP D 122 -3.35 32.33 -2.43
CA ASP D 122 -2.62 31.15 -2.05
C ASP D 122 -2.97 30.76 -0.62
N GLY D 123 -3.83 29.78 -0.53
CA GLY D 123 -4.21 29.23 0.75
C GLY D 123 -5.00 27.96 0.59
N ILE D 124 -5.82 27.66 1.60
CA ILE D 124 -6.65 26.51 1.62
C ILE D 124 -7.99 26.81 2.26
N MET D 125 -8.93 25.89 2.10
CA MET D 125 -10.20 25.93 2.81
C MET D 125 -10.12 24.94 3.96
N SER D 126 -10.35 25.43 5.17
CA SER D 126 -10.20 24.67 6.36
C SER D 126 -11.27 23.60 6.44
N ALA D 127 -10.89 22.46 6.99
CA ALA D 127 -11.84 21.37 7.36
C ALA D 127 -12.22 21.43 8.85
N ILE D 128 -11.63 22.38 9.57
CA ILE D 128 -11.79 22.49 11.01
C ILE D 128 -12.88 23.52 11.31
N ASP D 129 -12.73 24.72 10.79
CA ASP D 129 -13.78 25.75 10.87
C ASP D 129 -14.63 25.60 9.62
N CYS D 130 -15.62 24.73 9.70
CA CYS D 130 -16.34 24.28 8.52
C CYS D 130 -17.77 23.87 8.86
N LYS D 131 -18.76 24.43 8.16
CA LYS D 131 -20.18 24.11 8.39
C LYS D 131 -20.73 23.37 7.20
N ILE D 132 -20.99 22.08 7.38
CA ILE D 132 -21.66 21.29 6.34
C ILE D 132 -23.15 21.47 6.53
N ASP D 133 -23.87 21.41 5.44
CA ASP D 133 -25.32 21.41 5.47
C ASP D 133 -25.78 20.46 4.38
N VAL D 134 -26.83 19.70 4.61
CA VAL D 134 -27.27 18.76 3.58
C VAL D 134 -28.78 18.71 3.56
N THR D 135 -29.35 18.68 2.37
CA THR D 135 -30.74 19.08 2.15
C THR D 135 -31.32 18.34 0.96
N LYS D 136 -32.58 17.95 1.07
CA LYS D 136 -33.37 17.48 -0.08
C LYS D 136 -34.13 18.69 -0.58
N ASN D 137 -33.93 19.03 -1.84
CA ASN D 137 -34.57 20.17 -2.45
C ASN D 137 -35.89 19.80 -3.10
N GLU D 138 -36.46 20.75 -3.83
CA GLU D 138 -37.73 20.56 -4.51
C GLU D 138 -37.67 19.42 -5.51
N GLN D 139 -36.52 19.29 -6.18
CA GLN D 139 -36.34 18.27 -7.20
C GLN D 139 -35.86 16.92 -6.65
N SER D 140 -35.81 16.79 -5.33
CA SER D 140 -35.36 15.53 -4.72
C SER D 140 -33.92 15.22 -5.05
N ARG D 141 -33.13 16.28 -5.13
CA ARG D 141 -31.70 16.25 -5.42
C ARG D 141 -31.01 16.49 -4.11
N VAL D 142 -29.84 15.90 -3.97
CA VAL D 142 -29.09 16.00 -2.73
C VAL D 142 -28.31 17.26 -2.84
N ILE D 143 -28.48 18.15 -1.89
CA ILE D 143 -27.79 19.42 -1.95
C ILE D 143 -26.91 19.56 -0.75
N LEU D 144 -25.62 19.57 -1.02
CA LEU D 144 -24.61 19.51 0.00
C LEU D 144 -23.88 20.83 -0.05
N ARG D 145 -23.96 21.60 1.02
CA ARG D 145 -23.33 22.92 1.06
C ARG D 145 -22.21 22.89 2.10
N ILE D 146 -20.99 23.24 1.70
CA ILE D 146 -19.84 23.27 2.60
C ILE D 146 -19.36 24.71 2.72
N ASP D 147 -19.17 25.19 3.95
CA ASP D 147 -18.85 26.60 4.22
C ASP D 147 -17.63 26.67 5.14
N GLY D 148 -16.47 26.92 4.54
CA GLY D 148 -15.19 26.81 5.24
C GLY D 148 -14.39 28.09 5.24
N LYS D 149 -13.56 28.27 6.27
CA LYS D 149 -12.72 29.44 6.35
C LYS D 149 -11.58 29.26 5.36
N PHE D 150 -11.23 30.33 4.65
CA PHE D 150 -10.07 30.38 3.85
C PHE D 150 -8.92 30.83 4.75
N LEU D 151 -7.84 30.04 4.78
CA LEU D 151 -6.62 30.38 5.52
C LEU D 151 -5.50 30.62 4.55
N PRO D 152 -4.98 31.84 4.51
CA PRO D 152 -3.88 32.05 3.59
C PRO D 152 -2.57 31.54 4.18
N TYR D 153 -1.66 31.08 3.33
CA TYR D 153 -0.32 30.69 3.74
C TYR D 153 0.45 31.87 4.33
N TYR D 154 1.29 31.56 5.30
CA TYR D 154 2.19 32.50 5.95
C TYR D 154 3.12 33.06 4.90
N LYS D 155 3.31 34.37 4.96
CA LYS D 155 4.00 35.11 3.89
C LYS D 155 5.38 35.66 4.32
N GLY D 156 5.89 35.16 5.43
CA GLY D 156 7.28 35.36 5.81
C GLY D 156 7.53 36.61 6.59
N GLN D 157 6.49 37.35 6.96
CA GLN D 157 6.72 38.58 7.69
C GLN D 157 7.29 38.30 9.07
N LEU D 158 8.13 39.20 9.52
CA LEU D 158 8.78 39.09 10.85
C LEU D 158 7.98 39.84 11.95
N ASP D 159 8.43 39.77 13.22
CA ASP D 159 8.06 40.75 14.29
C ASP D 159 8.75 42.15 14.34
N ASN E 22 -25.61 -15.14 7.54
CA ASN E 22 -25.03 -16.43 8.05
C ASN E 22 -25.91 -17.22 9.02
N GLN E 23 -26.61 -16.55 9.94
CA GLN E 23 -27.74 -17.18 10.66
C GLN E 23 -28.90 -17.49 9.62
N PHE E 24 -29.01 -16.67 8.57
CA PHE E 24 -29.95 -16.91 7.46
C PHE E 24 -29.48 -18.02 6.51
N ILE E 25 -28.22 -17.98 6.11
CA ILE E 25 -27.65 -19.06 5.29
C ILE E 25 -27.75 -20.43 6.01
N LYS E 26 -27.41 -20.50 7.30
CA LYS E 26 -27.50 -21.79 8.06
C LYS E 26 -28.92 -22.32 8.05
N ALA E 27 -29.88 -21.41 8.24
CA ALA E 27 -31.32 -21.74 8.17
C ALA E 27 -31.75 -22.27 6.80
N LYS E 28 -31.24 -21.64 5.73
CA LYS E 28 -31.52 -22.08 4.37
C LYS E 28 -31.02 -23.48 4.08
N GLU E 29 -29.81 -23.80 4.54
CA GLU E 29 -29.21 -25.12 4.30
C GLU E 29 -29.99 -26.22 4.98
N SER E 30 -30.39 -25.99 6.23
CA SER E 30 -31.30 -26.92 6.98
C SER E 30 -32.54 -27.35 6.22
N LYS E 31 -33.23 -26.38 5.62
CA LYS E 31 -34.43 -26.63 4.83
C LYS E 31 -34.19 -27.25 3.45
N GLY E 32 -32.94 -27.24 2.96
CA GLY E 32 -32.61 -27.76 1.64
C GLY E 32 -33.08 -26.87 0.51
N LEU E 33 -33.18 -25.57 0.80
CA LEU E 33 -33.62 -24.58 -0.17
C LEU E 33 -32.46 -24.07 -1.03
N THR E 34 -32.69 -23.91 -2.33
CA THR E 34 -31.74 -23.24 -3.21
C THR E 34 -32.08 -21.75 -3.27
N TYR E 35 -31.08 -20.93 -3.60
CA TYR E 35 -31.31 -19.51 -3.83
C TYR E 35 -32.36 -19.30 -4.93
N GLN E 36 -32.27 -20.08 -6.02
CA GLN E 36 -33.30 -20.11 -7.07
C GLN E 36 -34.72 -20.29 -6.51
N GLN E 37 -34.90 -21.32 -5.70
CA GLN E 37 -36.22 -21.62 -5.12
C GLN E 37 -36.75 -20.48 -4.28
N MET E 38 -35.91 -19.94 -3.39
CA MET E 38 -36.31 -18.80 -2.54
C MET E 38 -36.74 -17.59 -3.34
N ALA E 39 -36.01 -17.30 -4.40
CA ALA E 39 -36.33 -16.20 -5.30
C ALA E 39 -37.66 -16.38 -6.00
N GLN E 40 -37.94 -17.59 -6.46
CA GLN E 40 -39.19 -17.86 -7.16
C GLN E 40 -40.40 -17.85 -6.23
N LEU E 41 -40.24 -18.34 -5.01
CA LEU E 41 -41.29 -18.26 -3.98
C LEU E 41 -41.65 -16.83 -3.64
N LEU E 42 -40.63 -15.97 -3.51
CA LEU E 42 -40.79 -14.56 -3.11
C LEU E 42 -41.00 -13.57 -4.26
N SER E 43 -40.88 -14.03 -5.52
CA SER E 43 -41.05 -13.19 -6.71
C SER E 43 -40.07 -12.00 -6.75
N VAL E 44 -38.79 -12.30 -6.54
CA VAL E 44 -37.71 -11.30 -6.57
C VAL E 44 -36.50 -11.81 -7.34
N ASN E 45 -35.63 -10.89 -7.72
CA ASN E 45 -34.38 -11.20 -8.41
C ASN E 45 -33.48 -12.10 -7.56
N LYS E 46 -33.02 -13.20 -8.12
CA LYS E 46 -32.24 -14.20 -7.38
C LYS E 46 -30.95 -13.64 -6.76
N VAL E 47 -30.18 -12.93 -7.57
CA VAL E 47 -28.91 -12.37 -7.11
C VAL E 47 -29.11 -11.32 -6.03
N TRP E 48 -30.11 -10.46 -6.19
CA TRP E 48 -30.38 -9.41 -5.21
C TRP E 48 -30.74 -10.03 -3.86
N LEU E 49 -31.66 -10.98 -3.89
CA LEU E 49 -32.09 -11.66 -2.69
C LEU E 49 -30.90 -12.30 -2.00
N THR E 50 -30.09 -13.01 -2.77
CA THR E 50 -28.90 -13.61 -2.24
C THR E 50 -28.06 -12.55 -1.50
N SER E 51 -27.88 -11.38 -2.12
CA SER E 51 -27.13 -10.31 -1.50
C SER E 51 -27.76 -9.78 -0.22
N VAL E 52 -29.09 -9.80 -0.11
CA VAL E 52 -29.77 -9.40 1.13
C VAL E 52 -29.42 -10.35 2.25
N LEU E 53 -29.51 -11.64 1.95
CA LEU E 53 -29.14 -12.67 2.93
C LEU E 53 -27.66 -12.55 3.33
N HIS E 54 -26.78 -12.17 2.41
CA HIS E 54 -25.36 -12.00 2.75
C HIS E 54 -25.04 -10.66 3.40
N GLY E 55 -26.02 -9.78 3.52
CA GLY E 55 -25.82 -8.48 4.18
C GLY E 55 -25.09 -7.43 3.37
N GLN E 56 -25.18 -7.52 2.05
CA GLN E 56 -24.69 -6.49 1.15
C GLN E 56 -25.81 -5.68 0.54
N ASN E 57 -27.03 -5.89 1.01
CA ASN E 57 -28.20 -5.18 0.53
C ASN E 57 -29.32 -5.37 1.56
N CYS E 58 -30.39 -4.59 1.46
CA CYS E 58 -31.48 -4.69 2.41
C CYS E 58 -32.82 -4.66 1.71
N CYS E 59 -33.88 -5.05 2.42
CA CYS E 59 -35.24 -5.06 1.88
C CYS E 59 -36.16 -4.32 2.82
N ASP E 60 -37.41 -4.13 2.38
CA ASP E 60 -38.45 -3.56 3.25
C ASP E 60 -38.94 -4.62 4.28
N ILE E 61 -39.70 -4.17 5.28
CA ILE E 61 -40.04 -5.03 6.43
C ILE E 61 -40.97 -6.16 6.00
N GLN E 62 -41.89 -5.87 5.08
CA GLN E 62 -42.81 -6.92 4.63
C GLN E 62 -42.11 -8.07 3.91
N LEU E 63 -41.14 -7.79 3.06
CA LEU E 63 -40.35 -8.87 2.48
C LEU E 63 -39.51 -9.57 3.54
N ALA E 64 -38.96 -8.80 4.47
CA ALA E 64 -38.16 -9.37 5.57
C ALA E 64 -38.94 -10.41 6.37
N HIS E 65 -40.19 -10.11 6.72
CA HIS E 65 -41.04 -11.08 7.42
C HIS E 65 -41.24 -12.34 6.56
N ARG E 66 -41.54 -12.16 5.28
CA ARG E 66 -41.70 -13.28 4.35
C ARG E 66 -40.46 -14.14 4.20
N ILE E 67 -39.28 -13.51 4.15
CA ILE E 67 -38.01 -14.26 4.14
C ILE E 67 -37.92 -15.13 5.40
N CYS E 68 -38.23 -14.55 6.55
CA CYS E 68 -38.20 -15.28 7.81
C CYS E 68 -39.13 -16.51 7.84
N ASP E 69 -40.35 -16.39 7.32
CA ASP E 69 -41.21 -17.54 7.26
C ASP E 69 -40.67 -18.60 6.29
N THR E 70 -40.22 -18.19 5.11
CA THR E 70 -39.69 -19.11 4.11
C THR E 70 -38.59 -20.00 4.71
N LEU E 71 -37.71 -19.36 5.48
CA LEU E 71 -36.69 -20.05 6.26
C LEU E 71 -37.33 -20.53 7.56
N GLY E 72 -36.59 -21.28 8.37
CA GLY E 72 -37.12 -21.69 9.68
C GLY E 72 -37.43 -20.58 10.68
N ILE E 73 -36.80 -19.42 10.50
CA ILE E 73 -36.54 -18.49 11.61
C ILE E 73 -37.68 -17.58 12.07
N SER E 74 -37.47 -17.03 13.27
CA SER E 74 -38.41 -16.14 13.93
C SER E 74 -38.47 -14.77 13.31
N HIS E 75 -39.61 -14.13 13.37
CA HIS E 75 -39.70 -12.79 12.81
C HIS E 75 -38.77 -11.82 13.53
N GLU E 76 -38.44 -12.10 14.79
CA GLU E 76 -37.58 -11.15 15.52
C GLU E 76 -36.31 -10.82 14.76
N TYR E 77 -35.86 -11.69 13.83
CA TYR E 77 -34.67 -11.41 12.99
C TYR E 77 -34.92 -10.55 11.76
N ALA E 78 -36.19 -10.29 11.43
CA ALA E 78 -36.51 -9.47 10.26
C ALA E 78 -35.82 -8.11 10.27
N ASN E 79 -35.62 -7.52 11.46
CA ASN E 79 -34.91 -6.22 11.58
C ASN E 79 -33.55 -6.13 10.90
N GLU E 80 -32.73 -7.17 11.03
CA GLU E 80 -31.38 -7.19 10.43
C GLU E 80 -31.39 -7.06 8.92
N LEU E 81 -32.38 -7.68 8.28
CA LEU E 81 -32.56 -7.59 6.83
C LEU E 81 -32.98 -6.20 6.33
N THR E 82 -33.45 -5.36 7.23
CA THR E 82 -33.98 -4.04 6.91
C THR E 82 -32.94 -2.93 7.08
N SER E 83 -31.97 -3.13 7.95
CA SER E 83 -30.97 -2.11 8.17
C SER E 83 -30.04 -2.00 7.00
N ILE E 84 -29.77 -0.78 6.57
CA ILE E 84 -28.82 -0.60 5.48
C ILE E 84 -27.44 -0.80 6.05
N PRO E 85 -26.67 -1.78 5.45
CA PRO E 85 -25.35 -2.00 6.06
C PRO E 85 -24.23 -1.16 5.47
N LEU E 86 -22.98 -1.48 5.80
CA LEU E 86 -21.85 -0.73 5.23
C LEU E 86 -21.64 -1.74 4.12
N ARG E 87 -21.40 -1.25 2.91
CA ARG E 87 -21.27 -2.15 1.79
C ARG E 87 -19.97 -2.20 1.06
N GLY E 88 -19.67 -3.39 0.55
CA GLY E 88 -18.48 -3.59 -0.27
C GLY E 88 -17.18 -3.73 0.47
N ASN E 89 -17.23 -4.30 1.67
CA ASN E 89 -16.11 -4.24 2.61
C ASN E 89 -15.66 -5.59 3.17
N GLN E 90 -15.96 -6.66 2.44
CA GLN E 90 -15.57 -8.01 2.82
C GLN E 90 -14.35 -8.29 1.95
N ASN E 91 -13.23 -8.66 2.56
CA ASN E 91 -11.97 -8.79 1.82
C ASN E 91 -11.87 -10.15 1.14
N ILE E 92 -12.49 -10.22 -0.04
CA ILE E 92 -12.68 -11.46 -0.79
C ILE E 92 -11.90 -11.40 -2.12
N ILE E 93 -11.01 -10.43 -2.25
CA ILE E 93 -10.27 -10.18 -3.50
C ILE E 93 -9.46 -11.41 -3.91
N ASN E 94 -8.87 -12.11 -2.93
CA ASN E 94 -8.02 -13.27 -3.19
C ASN E 94 -8.72 -14.55 -3.58
N ASP E 95 -10.05 -14.62 -3.43
CA ASP E 95 -10.77 -15.85 -3.82
C ASP E 95 -10.67 -15.99 -5.30
N PRO E 96 -10.27 -17.17 -5.78
CA PRO E 96 -10.00 -17.27 -7.20
C PRO E 96 -11.20 -16.96 -8.07
N LEU E 97 -12.38 -17.35 -7.60
CA LEU E 97 -13.58 -17.10 -8.36
C LEU E 97 -13.81 -15.61 -8.52
N ILE E 98 -13.61 -14.86 -7.46
CA ILE E 98 -13.84 -13.46 -7.54
C ILE E 98 -12.74 -12.76 -8.33
N TYR E 99 -11.49 -13.15 -8.10
CA TYR E 99 -10.35 -12.53 -8.81
C TYR E 99 -10.61 -12.54 -10.30
N ARG E 100 -11.18 -13.63 -10.82
CA ARG E 100 -11.41 -13.76 -12.26
C ARG E 100 -12.28 -12.65 -12.80
N PHE E 101 -13.35 -12.34 -12.10
CA PHE E 101 -14.18 -11.21 -12.54
C PHE E 101 -13.36 -9.93 -12.54
N ASN E 102 -12.51 -9.73 -11.56
CA ASN E 102 -11.66 -8.55 -11.60
C ASN E 102 -10.73 -8.52 -12.78
N GLU E 103 -10.12 -9.68 -13.06
CA GLU E 103 -9.14 -9.77 -14.12
C GLU E 103 -9.83 -9.47 -15.43
N LEU E 104 -11.06 -9.93 -15.53
CA LEU E 104 -11.83 -9.72 -16.70
C LEU E 104 -11.98 -8.24 -17.03
N PHE E 105 -12.22 -7.39 -16.04
CA PHE E 105 -12.31 -5.95 -16.32
C PHE E 105 -10.97 -5.28 -16.40
N LYS E 106 -9.92 -5.92 -15.90
CA LYS E 106 -8.58 -5.40 -16.17
C LYS E 106 -8.23 -5.56 -17.65
N VAL E 107 -8.64 -6.69 -18.24
CA VAL E 107 -8.32 -6.98 -19.63
C VAL E 107 -9.24 -6.26 -20.60
N TYR E 108 -10.55 -6.32 -20.35
CA TYR E 108 -11.53 -5.75 -21.30
C TYR E 108 -12.08 -4.37 -20.90
N GLY E 109 -11.60 -3.84 -19.79
CA GLY E 109 -12.11 -2.58 -19.28
C GLY E 109 -12.04 -1.47 -20.29
N SER E 110 -10.87 -1.22 -20.87
CA SER E 110 -10.75 -0.12 -21.82
C SER E 110 -11.62 -0.31 -23.07
N SER E 111 -11.82 -1.57 -23.49
CA SER E 111 -12.68 -1.89 -24.60
C SER E 111 -14.13 -1.59 -24.29
N LEU E 112 -14.58 -2.00 -23.11
CA LEU E 112 -15.94 -1.70 -22.68
C LEU E 112 -16.14 -0.19 -22.56
N ARG E 113 -15.11 0.50 -22.09
CA ARG E 113 -15.17 1.91 -21.96
C ARG E 113 -15.40 2.56 -23.32
N GLY E 114 -14.61 2.14 -24.29
CA GLY E 114 -14.70 2.67 -25.65
C GLY E 114 -16.01 2.38 -26.33
N ILE E 115 -16.50 1.16 -26.17
CA ILE E 115 -17.76 0.76 -26.79
C ILE E 115 -18.90 1.56 -26.17
N ILE E 116 -18.92 1.67 -24.85
CA ILE E 116 -19.98 2.38 -24.19
C ILE E 116 -19.96 3.85 -24.59
N HIS E 117 -18.77 4.43 -24.71
CA HIS E 117 -18.68 5.82 -25.09
C HIS E 117 -19.26 6.06 -26.49
N GLU E 118 -18.91 5.19 -27.41
CA GLU E 118 -19.36 5.30 -28.78
C GLU E 118 -20.86 5.08 -28.92
N GLU E 119 -21.40 4.09 -28.22
CA GLU E 119 -22.81 3.71 -28.37
C GLU E 119 -23.81 4.39 -27.42
N PHE E 120 -23.36 4.90 -26.27
CA PHE E 120 -24.24 5.67 -25.35
C PHE E 120 -23.85 7.12 -25.18
N GLY E 121 -22.56 7.42 -25.27
CA GLY E 121 -22.06 8.77 -25.01
C GLY E 121 -21.22 8.79 -23.75
N ASP E 122 -20.90 9.99 -23.33
CA ASP E 122 -20.00 10.18 -22.22
C ASP E 122 -20.76 10.01 -20.92
N GLY E 123 -20.62 8.84 -20.35
CA GLY E 123 -21.22 8.54 -19.07
C GLY E 123 -20.68 7.27 -18.48
N ILE E 124 -21.50 6.64 -17.66
CA ILE E 124 -21.18 5.39 -17.02
C ILE E 124 -22.36 4.48 -16.93
N MET E 125 -22.12 3.22 -16.61
CA MET E 125 -23.17 2.29 -16.27
C MET E 125 -23.20 2.18 -14.77
N SER E 126 -24.37 2.43 -14.18
CA SER E 126 -24.55 2.45 -12.75
C SER E 126 -24.43 1.07 -12.14
N ALA E 127 -23.83 1.01 -10.96
CA ALA E 127 -23.76 -0.22 -10.14
C ALA E 127 -24.87 -0.24 -9.07
N ILE E 128 -25.66 0.83 -9.03
CA ILE E 128 -26.68 1.03 -8.02
C ILE E 128 -28.02 0.56 -8.59
N ASP E 129 -28.42 1.14 -9.73
CA ASP E 129 -29.60 0.71 -10.45
C ASP E 129 -29.12 -0.36 -11.43
N CYS E 130 -29.09 -1.61 -10.96
CA CYS E 130 -28.43 -2.68 -11.69
C CYS E 130 -29.01 -4.06 -11.35
N LYS E 131 -29.39 -4.82 -12.38
CA LYS E 131 -29.98 -6.16 -12.19
C LYS E 131 -29.05 -7.22 -12.69
N ILE E 132 -28.46 -7.98 -11.77
CA ILE E 132 -27.59 -9.10 -12.15
C ILE E 132 -28.49 -10.31 -12.30
N ASP E 133 -28.10 -11.20 -13.19
CA ASP E 133 -28.75 -12.48 -13.36
C ASP E 133 -27.67 -13.50 -13.67
N VAL E 134 -27.77 -14.72 -13.15
CA VAL E 134 -26.71 -15.71 -13.38
C VAL E 134 -27.30 -17.07 -13.55
N THR E 135 -26.77 -17.81 -14.51
CA THR E 135 -27.48 -18.95 -15.12
C THR E 135 -26.50 -19.98 -15.64
N LYS E 136 -26.84 -21.25 -15.46
CA LYS E 136 -26.17 -22.36 -16.12
C LYS E 136 -26.96 -22.63 -17.38
N ASN E 137 -26.29 -22.51 -18.52
CA ASN E 137 -26.90 -22.73 -19.81
C ASN E 137 -26.50 -24.11 -20.27
N GLU E 138 -27.02 -24.54 -21.41
CA GLU E 138 -26.66 -25.83 -21.94
C GLU E 138 -25.16 -25.78 -22.16
N GLN E 139 -24.50 -26.90 -21.91
CA GLN E 139 -23.06 -27.04 -22.02
C GLN E 139 -22.38 -26.64 -20.72
N SER E 140 -23.17 -26.25 -19.72
CA SER E 140 -22.59 -25.88 -18.43
C SER E 140 -21.68 -24.64 -18.42
N ARG E 141 -22.07 -23.58 -19.14
CA ARG E 141 -21.28 -22.39 -19.14
C ARG E 141 -21.97 -21.42 -18.20
N VAL E 142 -21.18 -20.58 -17.56
CA VAL E 142 -21.70 -19.63 -16.60
C VAL E 142 -22.11 -18.43 -17.39
N ILE E 143 -23.36 -18.03 -17.27
CA ILE E 143 -23.87 -16.91 -18.05
C ILE E 143 -24.38 -15.86 -17.14
N LEU E 144 -23.61 -14.77 -17.11
CA LEU E 144 -23.87 -13.68 -16.23
C LEU E 144 -24.35 -12.53 -17.06
N ARG E 145 -25.50 -12.03 -16.68
CA ARG E 145 -26.12 -10.92 -17.41
C ARG E 145 -26.26 -9.73 -16.48
N ILE E 146 -25.70 -8.59 -16.83
CA ILE E 146 -25.73 -7.39 -16.01
C ILE E 146 -26.51 -6.31 -16.75
N ASP E 147 -27.50 -5.70 -16.10
CA ASP E 147 -28.45 -4.79 -16.75
C ASP E 147 -28.51 -3.47 -15.94
N GLY E 148 -27.80 -2.45 -16.41
CA GLY E 148 -27.58 -1.22 -15.64
C GLY E 148 -28.05 0.03 -16.32
N LYS E 149 -28.38 1.06 -15.54
CA LYS E 149 -28.78 2.33 -16.10
C LYS E 149 -27.54 3.06 -16.59
N PHE E 150 -27.65 3.68 -17.75
CA PHE E 150 -26.62 4.56 -18.25
C PHE E 150 -26.90 5.94 -17.68
N LEU E 151 -25.91 6.54 -17.01
CA LEU E 151 -26.00 7.90 -16.53
C LEU E 151 -25.03 8.76 -17.31
N PRO E 152 -25.54 9.76 -18.05
CA PRO E 152 -24.58 10.65 -18.70
C PRO E 152 -23.99 11.70 -17.76
N TYR E 153 -22.75 12.13 -18.04
CA TYR E 153 -22.11 13.20 -17.29
C TYR E 153 -22.79 14.52 -17.51
N TYR E 154 -22.79 15.33 -16.46
CA TYR E 154 -23.27 16.70 -16.51
C TYR E 154 -22.46 17.48 -17.55
N LYS E 155 -23.13 18.27 -18.36
CA LYS E 155 -22.50 18.95 -19.51
C LYS E 155 -22.43 20.48 -19.35
N GLY E 156 -22.62 20.96 -18.12
CA GLY E 156 -22.29 22.34 -17.77
C GLY E 156 -23.39 23.32 -17.97
N GLN E 157 -24.60 22.80 -18.22
CA GLN E 157 -25.75 23.63 -18.54
C GLN E 157 -26.16 24.48 -17.34
N LEU E 158 -26.37 25.77 -17.51
CA LEU E 158 -26.81 26.60 -16.38
C LEU E 158 -28.32 26.46 -16.08
N ASN F 22 16.34 -8.83 -25.30
CA ASN F 22 15.45 -8.31 -26.41
C ASN F 22 16.14 -8.08 -27.77
N GLN F 23 17.39 -7.58 -27.78
CA GLN F 23 18.26 -7.72 -29.00
C GLN F 23 18.54 -9.22 -29.27
N PHE F 24 18.61 -10.03 -28.20
CA PHE F 24 18.81 -11.47 -28.29
C PHE F 24 17.55 -12.20 -28.71
N ILE F 25 16.42 -11.88 -28.07
CA ILE F 25 15.13 -12.41 -28.51
C ILE F 25 14.83 -12.10 -30.00
N LYS F 26 15.02 -10.85 -30.44
CA LYS F 26 14.76 -10.49 -31.83
C LYS F 26 15.61 -11.35 -32.77
N ALA F 27 16.88 -11.54 -32.40
CA ALA F 27 17.81 -12.38 -33.18
C ALA F 27 17.36 -13.82 -33.25
N LYS F 28 16.86 -14.34 -32.13
CA LYS F 28 16.32 -15.70 -32.09
C LYS F 28 15.12 -15.91 -33.00
N GLU F 29 14.19 -14.95 -33.01
CA GLU F 29 13.00 -15.07 -33.85
C GLU F 29 13.34 -15.09 -35.32
N SER F 30 14.27 -14.22 -35.74
CA SER F 30 14.81 -14.20 -37.13
C SER F 30 15.26 -15.57 -37.64
N LYS F 31 16.03 -16.27 -36.81
CA LYS F 31 16.56 -17.59 -37.15
C LYS F 31 15.53 -18.72 -37.07
N GLY F 32 14.38 -18.47 -36.46
CA GLY F 32 13.35 -19.50 -36.28
C GLY F 32 13.72 -20.55 -35.26
N LEU F 33 14.54 -20.15 -34.30
CA LEU F 33 14.97 -21.02 -33.19
C LEU F 33 13.96 -21.04 -32.03
N THR F 34 13.70 -22.23 -31.50
CA THR F 34 12.93 -22.33 -30.26
C THR F 34 13.89 -22.32 -29.08
N TYR F 35 13.39 -21.95 -27.90
CA TYR F 35 14.19 -22.02 -26.68
C TYR F 35 14.68 -23.47 -26.43
N GLN F 36 13.81 -24.44 -26.65
CA GLN F 36 14.19 -25.86 -26.63
C GLN F 36 15.43 -26.16 -27.47
N GLN F 37 15.39 -25.76 -28.74
CA GLN F 37 16.49 -26.02 -29.69
C GLN F 37 17.78 -25.41 -29.20
N MET F 38 17.74 -24.15 -28.79
CA MET F 38 18.92 -23.47 -28.29
C MET F 38 19.55 -24.16 -27.08
N ALA F 39 18.71 -24.60 -26.17
CA ALA F 39 19.15 -25.31 -24.98
C ALA F 39 19.83 -26.63 -25.33
N GLN F 40 19.27 -27.36 -26.29
CA GLN F 40 19.83 -28.65 -26.67
C GLN F 40 21.15 -28.51 -27.42
N LEU F 41 21.27 -27.48 -28.26
CA LEU F 41 22.53 -27.16 -28.95
C LEU F 41 23.63 -26.81 -27.98
N LEU F 42 23.31 -26.04 -26.95
CA LEU F 42 24.27 -25.58 -25.96
C LEU F 42 24.48 -26.50 -24.75
N SER F 43 23.66 -27.57 -24.62
CA SER F 43 23.72 -28.49 -23.48
C SER F 43 23.53 -27.79 -22.13
N VAL F 44 22.47 -26.99 -22.04
CA VAL F 44 22.10 -26.30 -20.80
C VAL F 44 20.59 -26.37 -20.53
N ASN F 45 20.22 -26.10 -19.28
CA ASN F 45 18.82 -26.09 -18.86
C ASN F 45 18.02 -25.07 -19.65
N LYS F 46 16.90 -25.48 -20.23
CA LYS F 46 16.09 -24.60 -21.09
C LYS F 46 15.61 -23.32 -20.41
N VAL F 47 15.06 -23.46 -19.20
CA VAL F 47 14.48 -22.31 -18.46
C VAL F 47 15.56 -21.35 -18.00
N TRP F 48 16.69 -21.89 -17.55
CA TRP F 48 17.81 -21.02 -17.16
C TRP F 48 18.33 -20.19 -18.31
N LEU F 49 18.60 -20.86 -19.45
CA LEU F 49 19.07 -20.19 -20.65
C LEU F 49 18.10 -19.09 -21.07
N THR F 50 16.81 -19.44 -21.08
CA THR F 50 15.79 -18.45 -21.40
C THR F 50 15.92 -17.23 -20.47
N SER F 51 16.08 -17.47 -19.17
CA SER F 51 16.29 -16.37 -18.24
C SER F 51 17.57 -15.53 -18.47
N VAL F 52 18.64 -16.14 -18.98
CA VAL F 52 19.84 -15.39 -19.35
C VAL F 52 19.54 -14.44 -20.48
N LEU F 53 18.88 -14.95 -21.51
CA LEU F 53 18.48 -14.11 -22.64
C LEU F 53 17.53 -12.98 -22.20
N HIS F 54 16.67 -13.23 -21.23
CA HIS F 54 15.76 -12.18 -20.71
C HIS F 54 16.43 -11.23 -19.68
N GLY F 55 17.67 -11.49 -19.30
CA GLY F 55 18.40 -10.65 -18.36
C GLY F 55 18.01 -10.77 -16.89
N GLN F 56 17.52 -11.94 -16.51
CA GLN F 56 17.29 -12.27 -15.10
C GLN F 56 18.35 -13.20 -14.55
N ASN F 57 19.37 -13.48 -15.35
CA ASN F 57 20.43 -14.39 -14.97
C ASN F 57 21.62 -14.14 -15.92
N CYS F 58 22.79 -14.65 -15.58
CA CYS F 58 23.98 -14.45 -16.40
C CYS F 58 24.78 -15.74 -16.55
N CYS F 59 25.69 -15.76 -17.50
CA CYS F 59 26.53 -16.93 -17.78
C CYS F 59 27.97 -16.52 -17.82
N ASP F 60 28.86 -17.50 -17.91
CA ASP F 60 30.29 -17.22 -18.13
C ASP F 60 30.56 -16.80 -19.60
N ILE F 61 31.77 -16.30 -19.87
CA ILE F 61 32.07 -15.66 -21.16
C ILE F 61 32.09 -16.69 -22.27
N GLN F 62 32.59 -17.87 -21.99
CA GLN F 62 32.63 -18.91 -23.03
C GLN F 62 31.24 -19.34 -23.52
N LEU F 63 30.26 -19.48 -22.61
CA LEU F 63 28.89 -19.74 -23.04
C LEU F 63 28.31 -18.52 -23.75
N ALA F 64 28.62 -17.35 -23.25
CA ALA F 64 28.16 -16.12 -23.89
C ALA F 64 28.57 -16.06 -25.38
N HIS F 65 29.84 -16.37 -25.68
CA HIS F 65 30.30 -16.36 -27.06
C HIS F 65 29.50 -17.37 -27.88
N ARG F 66 29.32 -18.56 -27.32
CA ARG F 66 28.54 -19.61 -27.99
C ARG F 66 27.08 -19.25 -28.26
N ILE F 67 26.46 -18.55 -27.31
CA ILE F 67 25.11 -18.03 -27.51
C ILE F 67 25.12 -17.09 -28.72
N CYS F 68 26.09 -16.20 -28.77
CA CYS F 68 26.19 -15.23 -29.85
C CYS F 68 26.27 -15.90 -31.22
N ASP F 69 27.06 -16.95 -31.33
CA ASP F 69 27.15 -17.69 -32.58
C ASP F 69 25.90 -18.43 -32.98
N THR F 70 25.24 -19.00 -31.99
CA THR F 70 24.00 -19.71 -32.23
C THR F 70 22.94 -18.79 -32.82
N LEU F 71 22.87 -17.58 -32.28
CA LEU F 71 22.06 -16.51 -32.83
C LEU F 71 22.86 -15.83 -33.95
N GLY F 72 22.25 -14.89 -34.65
CA GLY F 72 22.98 -14.15 -35.69
C GLY F 72 24.15 -13.30 -35.24
N ILE F 73 24.16 -12.93 -33.96
CA ILE F 73 24.84 -11.73 -33.50
C ILE F 73 26.36 -11.79 -33.31
N SER F 74 26.94 -10.59 -33.25
CA SER F 74 28.36 -10.38 -33.05
C SER F 74 28.83 -10.70 -31.63
N HIS F 75 30.07 -11.18 -31.51
CA HIS F 75 30.67 -11.46 -30.21
C HIS F 75 30.90 -10.21 -29.34
N GLU F 76 30.68 -9.02 -29.88
CA GLU F 76 30.75 -7.80 -29.06
C GLU F 76 29.61 -7.70 -28.05
N TYR F 77 28.48 -8.36 -28.31
CA TYR F 77 27.35 -8.38 -27.35
C TYR F 77 27.49 -9.41 -26.20
N ALA F 78 28.48 -10.31 -26.28
CA ALA F 78 28.68 -11.34 -25.23
C ALA F 78 28.82 -10.75 -23.83
N ASN F 79 29.41 -9.55 -23.71
CA ASN F 79 29.51 -8.86 -22.42
C ASN F 79 28.23 -8.71 -21.62
N GLU F 80 27.12 -8.36 -22.29
CA GLU F 80 25.82 -8.13 -21.63
C GLU F 80 25.29 -9.39 -20.94
N LEU F 81 25.53 -10.53 -21.55
CA LEU F 81 25.14 -11.81 -20.98
C LEU F 81 25.95 -12.22 -19.74
N THR F 82 27.09 -11.57 -19.52
CA THR F 82 28.01 -11.89 -18.42
C THR F 82 27.79 -11.02 -17.19
N SER F 83 27.22 -9.84 -17.39
CA SER F 83 26.98 -8.92 -16.29
C SER F 83 25.92 -9.45 -15.36
N ILE F 84 26.19 -9.36 -14.07
CA ILE F 84 25.22 -9.81 -13.10
C ILE F 84 24.11 -8.80 -13.23
N PRO F 85 22.82 -9.29 -13.12
CA PRO F 85 21.77 -8.29 -13.29
C PRO F 85 21.11 -7.92 -11.99
N LEU F 86 20.27 -6.90 -12.02
CA LEU F 86 19.55 -6.49 -10.83
C LEU F 86 18.26 -7.22 -11.13
N ARG F 87 18.11 -8.38 -10.52
CA ARG F 87 16.97 -9.25 -10.74
C ARG F 87 15.70 -9.17 -9.87
N GLY F 88 14.65 -9.72 -10.46
CA GLY F 88 13.31 -9.88 -9.90
C GLY F 88 12.45 -8.62 -9.82
N ASN F 89 12.65 -7.71 -10.77
CA ASN F 89 12.14 -6.34 -10.63
C ASN F 89 11.31 -5.85 -11.82
N GLN F 90 10.76 -6.79 -12.55
CA GLN F 90 9.93 -6.44 -13.67
C GLN F 90 8.54 -6.57 -13.12
N ASN F 91 7.70 -5.57 -13.35
CA ASN F 91 6.35 -5.64 -12.81
C ASN F 91 5.59 -6.48 -13.80
N ILE F 92 5.29 -7.71 -13.38
CA ILE F 92 4.58 -8.64 -14.25
C ILE F 92 3.49 -9.37 -13.45
N ILE F 93 3.19 -8.87 -12.25
CA ILE F 93 2.25 -9.52 -11.32
C ILE F 93 0.86 -9.64 -11.95
N ASN F 94 0.43 -8.62 -12.68
CA ASN F 94 -0.91 -8.60 -13.29
C ASN F 94 -1.11 -9.47 -14.52
N ASP F 95 -0.03 -10.02 -15.11
CA ASP F 95 -0.21 -10.90 -16.26
C ASP F 95 -0.95 -12.12 -15.77
N PRO F 96 -2.04 -12.48 -16.44
CA PRO F 96 -2.82 -13.60 -15.97
C PRO F 96 -2.04 -14.88 -15.82
N LEU F 97 -1.13 -15.16 -16.75
CA LEU F 97 -0.32 -16.38 -16.67
C LEU F 97 0.50 -16.42 -15.41
N ILE F 98 1.12 -15.31 -15.07
CA ILE F 98 1.95 -15.26 -13.92
C ILE F 98 1.10 -15.26 -12.64
N TYR F 99 0.00 -14.50 -12.63
CA TYR F 99 -0.86 -14.44 -11.44
C TYR F 99 -1.21 -15.84 -11.00
N ARG F 100 -1.50 -16.71 -11.95
CA ARG F 100 -1.94 -18.05 -11.60
C ARG F 100 -0.93 -18.80 -10.77
N PHE F 101 0.33 -18.70 -11.12
CA PHE F 101 1.36 -19.30 -10.27
C PHE F 101 1.32 -18.71 -8.87
N ASN F 102 1.10 -17.41 -8.75
CA ASN F 102 1.02 -16.80 -7.44
C ASN F 102 -0.19 -17.30 -6.68
N GLU F 103 -1.30 -17.46 -7.38
CA GLU F 103 -2.54 -17.91 -6.73
C GLU F 103 -2.36 -19.33 -6.23
N LEU F 104 -1.65 -20.09 -7.03
CA LEU F 104 -1.37 -21.44 -6.68
C LEU F 104 -0.68 -21.58 -5.35
N PHE F 105 0.30 -20.74 -5.05
CA PHE F 105 0.94 -20.79 -3.73
C PHE F 105 0.15 -20.08 -2.63
N LYS F 106 -0.81 -19.26 -3.02
CA LYS F 106 -1.72 -18.72 -2.01
C LYS F 106 -2.64 -19.82 -1.51
N VAL F 107 -3.06 -20.69 -2.42
CA VAL F 107 -3.98 -21.77 -2.07
C VAL F 107 -3.29 -22.97 -1.43
N TYR F 108 -2.19 -23.44 -2.02
CA TYR F 108 -1.48 -24.63 -1.52
C TYR F 108 -0.23 -24.32 -0.66
N GLY F 109 0.04 -23.05 -0.40
CA GLY F 109 1.23 -22.68 0.33
C GLY F 109 1.35 -23.37 1.66
N SER F 110 0.33 -23.25 2.50
CA SER F 110 0.41 -23.84 3.83
C SER F 110 0.53 -25.36 3.79
N SER F 111 -0.05 -25.99 2.76
CA SER F 111 0.08 -27.42 2.58
C SER F 111 1.50 -27.83 2.22
N LEU F 112 2.10 -27.08 1.29
CA LEU F 112 3.49 -27.35 0.93
C LEU F 112 4.42 -27.13 2.10
N ARG F 113 4.10 -26.12 2.90
CA ARG F 113 4.87 -25.83 4.09
C ARG F 113 4.85 -27.01 5.05
N GLY F 114 3.65 -27.51 5.31
CA GLY F 114 3.47 -28.65 6.18
C GLY F 114 4.13 -29.93 5.69
N ILE F 115 4.00 -30.22 4.40
CA ILE F 115 4.58 -31.42 3.85
C ILE F 115 6.09 -31.34 3.91
N ILE F 116 6.64 -30.19 3.53
CA ILE F 116 8.10 -30.03 3.53
C ILE F 116 8.64 -30.13 4.95
N HIS F 117 7.93 -29.56 5.92
CA HIS F 117 8.38 -29.67 7.31
C HIS F 117 8.43 -31.11 7.78
N GLU F 118 7.39 -31.86 7.46
CA GLU F 118 7.28 -33.23 7.89
C GLU F 118 8.33 -34.11 7.23
N GLU F 119 8.56 -33.92 5.94
CA GLU F 119 9.40 -34.81 5.16
C GLU F 119 10.87 -34.41 5.06
N PHE F 120 11.18 -33.13 5.26
CA PHE F 120 12.59 -32.67 5.28
C PHE F 120 13.06 -32.09 6.62
N GLY F 121 12.15 -31.47 7.36
CA GLY F 121 12.48 -30.85 8.63
C GLY F 121 12.28 -29.36 8.54
N ASP F 122 12.79 -28.66 9.54
CA ASP F 122 12.63 -27.22 9.62
C ASP F 122 13.63 -26.52 8.72
N GLY F 123 13.17 -26.11 7.56
CA GLY F 123 14.00 -25.40 6.63
C GLY F 123 13.19 -24.79 5.54
N ILE F 124 13.86 -24.59 4.42
CA ILE F 124 13.24 -24.07 3.20
C ILE F 124 13.78 -24.72 1.96
N MET F 125 13.09 -24.51 0.85
CA MET F 125 13.60 -24.90 -0.45
C MET F 125 14.15 -23.65 -1.08
N SER F 126 15.42 -23.70 -1.48
CA SER F 126 16.12 -22.57 -2.06
C SER F 126 15.56 -22.19 -3.44
N ALA F 127 15.51 -20.88 -3.71
CA ALA F 127 15.17 -20.34 -5.04
C ALA F 127 16.44 -20.00 -5.83
N ILE F 128 17.59 -20.20 -5.21
CA ILE F 128 18.86 -19.83 -5.77
C ILE F 128 19.49 -21.05 -6.43
N ASP F 129 19.66 -22.13 -5.67
CA ASP F 129 20.11 -23.40 -6.22
C ASP F 129 18.85 -24.16 -6.61
N CYS F 130 18.39 -23.92 -7.84
CA CYS F 130 17.06 -24.35 -8.27
C CYS F 130 17.00 -24.59 -9.78
N LYS F 131 16.55 -25.77 -10.21
CA LYS F 131 16.42 -26.10 -11.61
C LYS F 131 14.95 -26.20 -11.98
N ILE F 132 14.45 -25.26 -12.77
CA ILE F 132 13.10 -25.35 -13.31
C ILE F 132 13.16 -26.16 -14.61
N ASP F 133 12.08 -26.89 -14.93
CA ASP F 133 11.86 -27.53 -16.25
C ASP F 133 10.42 -27.36 -16.56
N VAL F 134 10.11 -27.17 -17.83
CA VAL F 134 8.74 -27.01 -18.22
C VAL F 134 8.50 -27.69 -19.55
N THR F 135 7.38 -28.39 -19.66
CA THR F 135 7.20 -29.46 -20.65
C THR F 135 5.74 -29.57 -21.02
N LYS F 136 5.49 -29.80 -22.30
CA LYS F 136 4.16 -30.22 -22.80
C LYS F 136 4.18 -31.72 -22.87
N ASN F 137 3.22 -32.36 -22.22
CA ASN F 137 3.18 -33.81 -22.21
C ASN F 137 2.02 -34.26 -23.06
N GLU F 138 1.88 -35.57 -23.24
CA GLU F 138 0.77 -36.09 -24.03
C GLU F 138 -0.47 -35.60 -23.29
N GLN F 139 -1.50 -35.22 -24.04
CA GLN F 139 -2.73 -34.66 -23.50
C GLN F 139 -2.60 -33.14 -23.36
N SER F 140 -1.47 -32.60 -23.81
CA SER F 140 -1.25 -31.16 -23.80
C SER F 140 -1.42 -30.42 -22.46
N ARG F 141 -0.82 -30.95 -21.40
CA ARG F 141 -0.89 -30.33 -20.10
C ARG F 141 0.45 -29.72 -19.83
N VAL F 142 0.47 -28.65 -19.06
CA VAL F 142 1.71 -27.95 -18.73
C VAL F 142 2.32 -28.63 -17.54
N ILE F 143 3.54 -29.09 -17.66
CA ILE F 143 4.17 -29.83 -16.58
C ILE F 143 5.39 -29.03 -16.19
N LEU F 144 5.36 -28.51 -14.98
CA LEU F 144 6.36 -27.61 -14.46
C LEU F 144 7.04 -28.33 -13.31
N ARG F 145 8.34 -28.63 -13.43
CA ARG F 145 9.09 -29.37 -12.41
C ARG F 145 10.14 -28.49 -11.80
N ILE F 146 10.10 -28.31 -10.49
CA ILE F 146 11.02 -27.42 -9.77
C ILE F 146 11.87 -28.28 -8.85
N ASP F 147 13.18 -28.12 -8.90
CA ASP F 147 14.13 -29.00 -8.21
C ASP F 147 15.13 -28.16 -7.42
N GLY F 148 14.88 -28.04 -6.11
CA GLY F 148 15.61 -27.06 -5.27
C GLY F 148 16.32 -27.70 -4.11
N LYS F 149 17.38 -27.06 -3.63
CA LYS F 149 18.10 -27.57 -2.45
C LYS F 149 17.27 -27.24 -1.24
N PHE F 150 17.19 -28.21 -0.33
CA PHE F 150 16.64 -28.00 0.98
C PHE F 150 17.75 -27.46 1.89
N LEU F 151 17.52 -26.33 2.53
CA LEU F 151 18.47 -25.76 3.49
C LEU F 151 17.84 -25.77 4.85
N PRO F 152 18.45 -26.47 5.79
CA PRO F 152 17.83 -26.49 7.12
C PRO F 152 18.22 -25.24 7.87
N TYR F 153 17.37 -24.82 8.79
CA TYR F 153 17.65 -23.67 9.64
C TYR F 153 18.74 -23.96 10.67
N TYR F 154 19.58 -22.97 10.90
CA TYR F 154 20.62 -23.05 11.92
C TYR F 154 19.98 -23.40 13.26
N LYS F 155 20.60 -24.32 13.99
CA LYS F 155 19.99 -24.88 15.20
C LYS F 155 20.72 -24.46 16.49
N GLY F 156 21.56 -23.43 16.38
CA GLY F 156 22.16 -22.79 17.54
C GLY F 156 23.44 -23.41 18.04
N GLN F 157 24.04 -24.30 17.26
CA GLN F 157 25.25 -25.04 17.65
C GLN F 157 26.43 -24.08 17.80
N LEU F 158 27.17 -24.19 18.92
CA LEU F 158 28.19 -23.20 19.28
C LEU F 158 29.61 -23.43 18.68
N ASP F 159 29.83 -24.54 17.96
CA ASP F 159 31.13 -24.77 17.26
C ASP F 159 31.05 -25.88 16.19
N ASN G 22 -3.98 2.61 -30.50
CA ASN G 22 -4.10 4.10 -30.62
C ASN G 22 -3.77 4.68 -32.00
N GLN G 23 -2.76 4.14 -32.70
CA GLN G 23 -2.62 4.39 -34.17
C GLN G 23 -3.81 3.77 -34.90
N PHE G 24 -4.32 2.67 -34.34
CA PHE G 24 -5.50 1.98 -34.88
C PHE G 24 -6.78 2.74 -34.56
N ILE G 25 -6.95 3.14 -33.31
CA ILE G 25 -8.09 3.97 -32.92
C ILE G 25 -8.16 5.27 -33.73
N LYS G 26 -7.03 5.98 -33.87
CA LYS G 26 -6.99 7.26 -34.66
C LYS G 26 -7.45 7.01 -36.09
N ALA G 27 -6.99 5.90 -36.67
CA ALA G 27 -7.41 5.47 -38.01
C ALA G 27 -8.90 5.16 -38.11
N LYS G 28 -9.44 4.49 -37.10
CA LYS G 28 -10.87 4.19 -37.04
C LYS G 28 -11.74 5.44 -36.99
N GLU G 29 -11.34 6.42 -36.20
CA GLU G 29 -12.11 7.67 -36.06
C GLU G 29 -12.18 8.46 -37.36
N SER G 30 -11.04 8.56 -38.07
CA SER G 30 -10.96 9.16 -39.42
C SER G 30 -12.00 8.64 -40.39
N LYS G 31 -12.12 7.32 -40.46
CA LYS G 31 -13.07 6.65 -41.35
C LYS G 31 -14.54 6.74 -40.91
N GLY G 32 -14.79 7.14 -39.66
CA GLY G 32 -16.15 7.19 -39.12
C GLY G 32 -16.74 5.82 -38.85
N LEU G 33 -15.88 4.84 -38.59
CA LEU G 33 -16.29 3.47 -38.28
C LEU G 33 -16.64 3.29 -36.80
N THR G 34 -17.72 2.58 -36.51
CA THR G 34 -18.01 2.16 -35.14
C THR G 34 -17.39 0.78 -34.90
N TYR G 35 -17.15 0.46 -33.63
CA TYR G 35 -16.66 -0.87 -33.25
C TYR G 35 -17.65 -1.94 -33.73
N GLN G 36 -18.95 -1.68 -33.56
CA GLN G 36 -20.02 -2.54 -34.13
C GLN G 36 -19.82 -2.86 -35.62
N GLN G 37 -19.66 -1.81 -36.42
CA GLN G 37 -19.46 -1.96 -37.86
C GLN G 37 -18.25 -2.81 -38.19
N MET G 38 -17.11 -2.51 -37.57
CA MET G 38 -15.89 -3.27 -37.83
C MET G 38 -16.07 -4.75 -37.53
N ALA G 39 -16.75 -5.04 -36.42
CA ALA G 39 -16.99 -6.41 -35.99
C ALA G 39 -17.85 -7.16 -36.97
N GLN G 40 -18.87 -6.50 -37.49
CA GLN G 40 -19.77 -7.14 -38.44
C GLN G 40 -19.13 -7.37 -39.81
N LEU G 41 -18.28 -6.43 -40.26
CA LEU G 41 -17.50 -6.60 -41.49
C LEU G 41 -16.55 -7.76 -41.40
N LEU G 42 -15.90 -7.92 -40.26
CA LEU G 42 -14.90 -8.98 -40.04
C LEU G 42 -15.43 -10.31 -39.49
N SER G 43 -16.71 -10.37 -39.12
CA SER G 43 -17.36 -11.58 -38.56
C SER G 43 -16.69 -12.08 -37.27
N VAL G 44 -16.49 -11.15 -36.33
CA VAL G 44 -15.88 -11.44 -35.02
C VAL G 44 -16.65 -10.76 -33.89
N ASN G 45 -16.42 -11.25 -32.67
CA ASN G 45 -17.00 -10.66 -31.47
C ASN G 45 -16.57 -9.19 -31.30
N LYS G 46 -17.53 -8.30 -31.11
CA LYS G 46 -17.26 -6.86 -31.02
C LYS G 46 -16.29 -6.48 -29.90
N VAL G 47 -16.52 -7.00 -28.69
CA VAL G 47 -15.68 -6.66 -27.52
C VAL G 47 -14.26 -7.18 -27.70
N TRP G 48 -14.14 -8.40 -28.20
CA TRP G 48 -12.81 -8.99 -28.39
C TRP G 48 -11.99 -8.16 -29.38
N LEU G 49 -12.60 -7.85 -30.52
CA LEU G 49 -11.95 -7.05 -31.55
C LEU G 49 -11.52 -5.72 -30.98
N THR G 50 -12.42 -5.08 -30.25
CA THR G 50 -12.08 -3.82 -29.57
C THR G 50 -10.84 -4.01 -28.69
N SER G 51 -10.78 -5.08 -27.91
CA SER G 51 -9.60 -5.37 -27.09
C SER G 51 -8.32 -5.63 -27.88
N VAL G 52 -8.43 -6.20 -29.09
CA VAL G 52 -7.26 -6.34 -29.98
C VAL G 52 -6.72 -4.97 -30.38
N LEU G 53 -7.61 -4.10 -30.80
CA LEU G 53 -7.22 -2.76 -31.16
C LEU G 53 -6.63 -2.01 -29.98
N HIS G 54 -7.12 -2.26 -28.77
CA HIS G 54 -6.55 -1.58 -27.57
C HIS G 54 -5.28 -2.26 -27.06
N GLY G 55 -4.87 -3.38 -27.63
CA GLY G 55 -3.65 -4.08 -27.23
C GLY G 55 -3.73 -4.89 -25.96
N GLN G 56 -4.93 -5.36 -25.62
CA GLN G 56 -5.15 -6.30 -24.51
C GLN G 56 -5.45 -7.70 -25.01
N ASN G 57 -5.32 -7.91 -26.32
CA ASN G 57 -5.55 -9.20 -26.92
C ASN G 57 -4.88 -9.19 -28.30
N CYS G 58 -4.74 -10.34 -28.93
CA CYS G 58 -4.09 -10.40 -30.22
C CYS G 58 -4.88 -11.30 -31.17
N CYS G 59 -4.57 -11.23 -32.45
CA CYS G 59 -5.21 -12.07 -33.46
C CYS G 59 -4.15 -12.76 -34.31
N ASP G 60 -4.60 -13.65 -35.19
CA ASP G 60 -3.71 -14.25 -36.21
C ASP G 60 -3.42 -13.25 -37.35
N ILE G 61 -2.45 -13.58 -38.20
CA ILE G 61 -1.90 -12.62 -39.19
C ILE G 61 -2.93 -12.31 -40.27
N GLN G 62 -3.70 -13.32 -40.67
CA GLN G 62 -4.72 -13.08 -41.67
C GLN G 62 -5.83 -12.10 -41.23
N LEU G 63 -6.29 -12.20 -40.00
CA LEU G 63 -7.22 -11.18 -39.48
C LEU G 63 -6.54 -9.82 -39.33
N ALA G 64 -5.29 -9.83 -38.88
CA ALA G 64 -4.53 -8.60 -38.78
C ALA G 64 -4.47 -7.83 -40.09
N HIS G 65 -4.18 -8.53 -41.20
CA HIS G 65 -4.15 -7.87 -42.52
C HIS G 65 -5.52 -7.28 -42.86
N ARG G 66 -6.57 -8.06 -42.63
CA ARG G 66 -7.93 -7.59 -42.84
C ARG G 66 -8.33 -6.37 -42.00
N ILE G 67 -7.91 -6.34 -40.74
CA ILE G 67 -8.12 -5.17 -39.89
C ILE G 67 -7.45 -3.95 -40.54
N CYS G 68 -6.22 -4.12 -40.99
CA CYS G 68 -5.49 -3.04 -41.65
C CYS G 68 -6.18 -2.48 -42.91
N ASP G 69 -6.73 -3.37 -43.73
CA ASP G 69 -7.49 -2.97 -44.92
C ASP G 69 -8.76 -2.20 -44.55
N THR G 70 -9.49 -2.70 -43.55
CA THR G 70 -10.72 -2.08 -43.06
C THR G 70 -10.50 -0.63 -42.60
N LEU G 71 -9.41 -0.43 -41.87
CA LEU G 71 -8.94 0.89 -41.48
C LEU G 71 -8.13 1.47 -42.65
N GLY G 72 -7.71 2.72 -42.55
CA GLY G 72 -6.85 3.28 -43.59
C GLY G 72 -5.49 2.63 -43.80
N ILE G 73 -4.99 1.92 -42.79
CA ILE G 73 -3.55 1.73 -42.60
C ILE G 73 -2.85 0.66 -43.43
N SER G 74 -1.53 0.79 -43.47
CA SER G 74 -0.64 -0.12 -44.18
C SER G 74 -0.52 -1.48 -43.52
N HIS G 75 -0.34 -2.51 -44.35
CA HIS G 75 -0.12 -3.88 -43.86
C HIS G 75 1.19 -4.06 -43.08
N GLU G 76 2.07 -3.04 -43.05
CA GLU G 76 3.28 -3.12 -42.22
C GLU G 76 2.95 -3.07 -40.73
N TYR G 77 1.80 -2.51 -40.34
CA TYR G 77 1.37 -2.48 -38.92
C TYR G 77 0.70 -3.78 -38.44
N ALA G 78 0.37 -4.70 -39.33
CA ALA G 78 -0.30 -5.95 -38.94
C ALA G 78 0.47 -6.73 -37.86
N ASN G 79 1.80 -6.66 -37.87
CA ASN G 79 2.63 -7.30 -36.83
C ASN G 79 2.26 -7.00 -35.38
N GLU G 80 1.97 -5.74 -35.07
CA GLU G 80 1.63 -5.31 -33.70
C GLU G 80 0.38 -6.00 -33.16
N LEU G 81 -0.60 -6.20 -34.04
CA LEU G 81 -1.82 -6.90 -33.68
C LEU G 81 -1.63 -8.40 -33.41
N THR G 82 -0.50 -8.96 -33.82
CA THR G 82 -0.19 -10.39 -33.69
C THR G 82 0.62 -10.72 -32.45
N SER G 83 1.39 -9.77 -31.98
CA SER G 83 2.25 -9.99 -30.84
C SER G 83 1.42 -10.21 -29.60
N ILE G 84 1.75 -11.25 -28.85
CA ILE G 84 1.04 -11.49 -27.61
C ILE G 84 1.51 -10.39 -26.69
N PRO G 85 0.52 -9.65 -26.07
CA PRO G 85 1.01 -8.57 -25.21
C PRO G 85 1.12 -8.95 -23.75
N LEU G 86 1.30 -7.95 -22.87
CA LEU G 86 1.36 -8.24 -21.44
C LEU G 86 -0.06 -7.77 -21.22
N ARG G 87 -0.81 -8.48 -20.41
CA ARG G 87 -2.21 -8.11 -20.23
C ARG G 87 -2.69 -7.74 -18.86
N GLY G 88 -3.52 -6.70 -18.83
CA GLY G 88 -4.16 -6.26 -17.59
C GLY G 88 -3.42 -5.25 -16.74
N ASN G 89 -2.64 -4.38 -17.39
CA ASN G 89 -1.63 -3.58 -16.71
C ASN G 89 -1.71 -2.07 -17.00
N GLN G 90 -2.89 -1.61 -17.42
CA GLN G 90 -3.14 -0.19 -17.71
C GLN G 90 -3.86 0.31 -16.45
N ASN G 91 -3.34 1.36 -15.83
CA ASN G 91 -3.84 1.79 -14.51
C ASN G 91 -5.07 2.68 -14.67
N ILE G 92 -6.22 2.03 -14.82
CA ILE G 92 -7.48 2.65 -15.20
C ILE G 92 -8.50 2.48 -14.07
N ILE G 93 -8.03 2.08 -12.89
CA ILE G 93 -8.89 1.77 -11.74
C ILE G 93 -9.72 2.99 -11.32
N ASN G 94 -9.12 4.19 -11.38
CA ASN G 94 -9.82 5.42 -11.01
C ASN G 94 -10.86 5.98 -11.97
N ASP G 95 -10.94 5.46 -13.20
CA ASP G 95 -11.94 5.95 -14.13
C ASP G 95 -13.28 5.58 -13.58
N PRO G 96 -14.19 6.54 -13.49
CA PRO G 96 -15.49 6.21 -12.87
C PRO G 96 -16.25 5.10 -13.53
N LEU G 97 -16.19 5.03 -14.86
CA LEU G 97 -16.88 3.95 -15.59
C LEU G 97 -16.35 2.59 -15.23
N ILE G 98 -15.03 2.47 -15.17
CA ILE G 98 -14.45 1.21 -14.76
C ILE G 98 -14.65 0.88 -13.24
N TYR G 99 -14.47 1.87 -12.37
CA TYR G 99 -14.67 1.66 -10.93
C TYR G 99 -16.00 1.00 -10.69
N ARG G 100 -17.02 1.42 -11.43
CA ARG G 100 -18.36 0.91 -11.20
C ARG G 100 -18.43 -0.58 -11.34
N PHE G 101 -17.79 -1.11 -12.36
CA PHE G 101 -17.76 -2.54 -12.51
C PHE G 101 -17.07 -3.18 -11.31
N ASN G 102 -16.01 -2.58 -10.83
CA ASN G 102 -15.32 -3.16 -9.66
C ASN G 102 -16.18 -3.11 -8.41
N GLU G 103 -16.92 -2.03 -8.25
CA GLU G 103 -17.79 -1.88 -7.10
C GLU G 103 -18.89 -2.92 -7.15
N LEU G 104 -19.38 -3.15 -8.35
CA LEU G 104 -20.38 -4.15 -8.56
C LEU G 104 -20.00 -5.51 -8.05
N PHE G 105 -18.77 -5.96 -8.29
CA PHE G 105 -18.34 -7.24 -7.71
C PHE G 105 -17.92 -7.17 -6.23
N LYS G 106 -17.65 -5.98 -5.70
CA LYS G 106 -17.43 -5.81 -4.26
C LYS G 106 -18.76 -6.00 -3.54
N VAL G 107 -19.85 -5.51 -4.12
CA VAL G 107 -21.17 -5.66 -3.52
C VAL G 107 -21.82 -7.05 -3.75
N TYR G 108 -21.82 -7.56 -4.98
CA TYR G 108 -22.50 -8.83 -5.30
C TYR G 108 -21.59 -10.03 -5.36
N GLY G 109 -20.32 -9.84 -5.08
CA GLY G 109 -19.34 -10.91 -5.27
C GLY G 109 -19.69 -12.15 -4.49
N SER G 110 -19.92 -12.01 -3.20
CA SER G 110 -20.21 -13.18 -2.38
C SER G 110 -21.49 -13.87 -2.82
N SER G 111 -22.45 -13.10 -3.33
CA SER G 111 -23.70 -13.66 -3.83
C SER G 111 -23.48 -14.49 -5.08
N LEU G 112 -22.72 -13.95 -6.01
CA LEU G 112 -22.38 -14.69 -7.22
C LEU G 112 -21.61 -15.96 -6.89
N ARG G 113 -20.74 -15.86 -5.90
CA ARG G 113 -19.95 -16.99 -5.46
C ARG G 113 -20.86 -18.09 -4.95
N GLY G 114 -21.80 -17.72 -4.09
CA GLY G 114 -22.75 -18.67 -3.54
C GLY G 114 -23.68 -19.30 -4.56
N ILE G 115 -24.19 -18.50 -5.48
CA ILE G 115 -25.06 -19.02 -6.53
C ILE G 115 -24.30 -19.97 -7.43
N ILE G 116 -23.10 -19.60 -7.84
CA ILE G 116 -22.34 -20.44 -8.74
C ILE G 116 -21.98 -21.74 -8.04
N HIS G 117 -21.64 -21.67 -6.74
CA HIS G 117 -21.30 -22.90 -6.02
C HIS G 117 -22.47 -23.87 -5.96
N GLU G 118 -23.64 -23.33 -5.67
CA GLU G 118 -24.85 -24.13 -5.58
C GLU G 118 -25.26 -24.72 -6.93
N GLU G 119 -25.18 -23.95 -8.01
CA GLU G 119 -25.71 -24.36 -9.32
C GLU G 119 -24.70 -25.03 -10.25
N PHE G 120 -23.40 -24.79 -10.06
CA PHE G 120 -22.37 -25.48 -10.83
C PHE G 120 -21.45 -26.40 -10.02
N GLY G 121 -21.21 -26.06 -8.76
CA GLY G 121 -20.32 -26.83 -7.91
C GLY G 121 -19.12 -26.00 -7.55
N ASP G 122 -18.13 -26.68 -6.98
CA ASP G 122 -16.93 -26.02 -6.54
C ASP G 122 -16.01 -25.78 -7.72
N GLY G 123 -16.05 -24.56 -8.21
CA GLY G 123 -15.15 -24.15 -9.27
C GLY G 123 -15.17 -22.64 -9.43
N ILE G 124 -14.83 -22.22 -10.65
CA ILE G 124 -14.81 -20.83 -11.04
C ILE G 124 -15.33 -20.64 -12.45
N MET G 125 -15.62 -19.40 -12.80
CA MET G 125 -15.90 -19.04 -14.17
C MET G 125 -14.65 -18.43 -14.73
N SER G 126 -14.18 -18.98 -15.84
CA SER G 126 -12.94 -18.58 -16.48
C SER G 126 -13.04 -17.18 -17.08
N ALA G 127 -11.95 -16.41 -16.98
CA ALA G 127 -11.81 -15.09 -17.64
C ALA G 127 -11.04 -15.21 -18.96
N ILE G 128 -10.63 -16.43 -19.27
CA ILE G 128 -9.80 -16.70 -20.41
C ILE G 128 -10.69 -17.18 -21.56
N ASP G 129 -11.46 -18.23 -21.31
CA ASP G 129 -12.43 -18.71 -22.26
C ASP G 129 -13.72 -17.99 -21.91
N CYS G 130 -13.90 -16.80 -22.50
CA CYS G 130 -14.95 -15.90 -22.07
C CYS G 130 -15.38 -14.98 -23.20
N LYS G 131 -16.68 -14.90 -23.45
CA LYS G 131 -17.23 -14.02 -24.50
C LYS G 131 -18.05 -12.91 -23.87
N ILE G 132 -17.54 -11.68 -23.92
CA ILE G 132 -18.31 -10.53 -23.49
C ILE G 132 -19.14 -10.05 -24.68
N ASP G 133 -20.29 -9.49 -24.36
CA ASP G 133 -21.13 -8.84 -25.33
C ASP G 133 -21.75 -7.63 -24.65
N VAL G 134 -21.91 -6.54 -25.36
CA VAL G 134 -22.46 -5.34 -24.74
C VAL G 134 -23.37 -4.63 -25.71
N THR G 135 -24.50 -4.14 -25.20
CA THR G 135 -25.64 -3.78 -26.03
C THR G 135 -26.46 -2.68 -25.39
N LYS G 136 -26.95 -1.78 -26.23
CA LYS G 136 -27.99 -0.81 -25.82
C LYS G 136 -29.29 -1.44 -26.19
N ASN G 137 -30.16 -1.59 -25.21
CA ASN G 137 -31.48 -2.17 -25.40
C ASN G 137 -32.50 -1.04 -25.39
N GLU G 138 -33.77 -1.39 -25.61
CA GLU G 138 -34.82 -0.40 -25.56
C GLU G 138 -34.76 0.13 -24.14
N GLN G 139 -35.04 1.41 -23.97
CA GLN G 139 -34.99 2.09 -22.68
C GLN G 139 -33.56 2.55 -22.41
N SER G 140 -32.68 2.35 -23.39
CA SER G 140 -31.30 2.80 -23.29
C SER G 140 -30.56 2.31 -22.05
N ARG G 141 -30.66 1.02 -21.75
CA ARG G 141 -29.99 0.46 -20.62
C ARG G 141 -28.81 -0.30 -21.15
N VAL G 142 -27.73 -0.34 -20.37
CA VAL G 142 -26.50 -0.99 -20.78
C VAL G 142 -26.69 -2.44 -20.43
N ILE G 143 -26.55 -3.32 -21.41
CA ILE G 143 -26.75 -4.72 -21.18
C ILE G 143 -25.49 -5.46 -21.52
N LEU G 144 -24.84 -5.93 -20.47
CA LEU G 144 -23.59 -6.61 -20.61
C LEU G 144 -23.80 -8.05 -20.32
N ARG G 145 -23.41 -8.87 -21.28
CA ARG G 145 -23.57 -10.32 -21.15
C ARG G 145 -22.20 -10.97 -21.16
N ILE G 146 -21.90 -11.76 -20.14
CA ILE G 146 -20.62 -12.43 -20.01
C ILE G 146 -20.87 -13.92 -20.06
N ASP G 147 -20.14 -14.63 -20.92
CA ASP G 147 -20.38 -16.07 -21.16
C ASP G 147 -19.05 -16.82 -20.98
N GLY G 148 -18.89 -17.46 -19.83
CA GLY G 148 -17.61 -18.07 -19.47
C GLY G 148 -17.68 -19.57 -19.24
N LYS G 149 -16.56 -20.28 -19.42
CA LYS G 149 -16.49 -21.71 -19.09
C LYS G 149 -16.39 -21.86 -17.57
N PHE G 150 -17.13 -22.81 -17.04
CA PHE G 150 -17.03 -23.22 -15.66
C PHE G 150 -15.94 -24.26 -15.59
N LEU G 151 -14.97 -24.05 -14.72
CA LEU G 151 -13.91 -25.02 -14.48
C LEU G 151 -14.02 -25.52 -13.08
N PRO G 152 -14.24 -26.81 -12.91
CA PRO G 152 -14.28 -27.30 -11.54
C PRO G 152 -12.88 -27.54 -10.97
N TYR G 153 -12.74 -27.38 -9.67
CA TYR G 153 -11.50 -27.68 -8.98
C TYR G 153 -11.18 -29.14 -9.05
N TYR G 154 -9.88 -29.42 -9.10
CA TYR G 154 -9.37 -30.80 -9.03
C TYR G 154 -9.86 -31.44 -7.73
N LYS G 155 -10.33 -32.67 -7.82
CA LYS G 155 -10.98 -33.35 -6.68
C LYS G 155 -10.13 -34.49 -6.10
N GLY G 156 -8.85 -34.54 -6.44
CA GLY G 156 -7.89 -35.42 -5.81
C GLY G 156 -7.79 -36.82 -6.38
N GLN G 157 -8.39 -37.04 -7.55
CA GLN G 157 -8.42 -38.36 -8.19
C GLN G 157 -7.01 -38.78 -8.64
N LEU G 158 -6.63 -40.02 -8.37
CA LEU G 158 -5.27 -40.49 -8.74
C LEU G 158 -5.15 -41.03 -10.19
N ASP G 159 -6.26 -41.28 -10.86
CA ASP G 159 -6.22 -42.17 -12.06
C ASP G 159 -7.59 -42.22 -12.75
N SER H 21 -3.73 20.02 -21.37
CA SER H 21 -4.52 20.85 -20.46
C SER H 21 -3.81 22.15 -20.15
N ASN H 22 -2.51 22.09 -19.97
CA ASN H 22 -1.74 23.29 -19.66
C ASN H 22 -1.80 24.28 -20.80
N GLN H 23 -1.76 23.79 -22.03
CA GLN H 23 -1.75 24.66 -23.19
C GLN H 23 -2.93 25.61 -23.16
N PHE H 24 -4.10 25.13 -22.78
CA PHE H 24 -5.26 26.01 -22.71
C PHE H 24 -5.01 27.00 -21.58
N ILE H 25 -4.74 26.48 -20.39
CA ILE H 25 -4.42 27.34 -19.25
C ILE H 25 -3.40 28.44 -19.62
N LYS H 26 -2.35 28.10 -20.35
CA LYS H 26 -1.32 29.08 -20.69
C LYS H 26 -1.95 30.21 -21.51
N ALA H 27 -2.79 29.82 -22.45
CA ALA H 27 -3.54 30.76 -23.29
C ALA H 27 -4.47 31.66 -22.48
N LYS H 28 -5.13 31.09 -21.49
CA LYS H 28 -5.99 31.85 -20.56
C LYS H 28 -5.24 32.91 -19.73
N GLU H 29 -4.07 32.55 -19.19
CA GLU H 29 -3.22 33.46 -18.40
C GLU H 29 -2.73 34.67 -19.24
N SER H 30 -2.28 34.43 -20.47
CA SER H 30 -1.94 35.50 -21.44
C SER H 30 -3.00 36.57 -21.60
N LYS H 31 -4.23 36.14 -21.80
CA LYS H 31 -5.36 37.06 -22.01
C LYS H 31 -5.84 37.78 -20.74
N GLY H 32 -5.40 37.32 -19.56
CA GLY H 32 -5.85 37.87 -18.28
C GLY H 32 -7.29 37.51 -17.95
N LEU H 33 -7.76 36.37 -18.46
CA LEU H 33 -9.12 35.88 -18.22
C LEU H 33 -9.22 35.09 -16.92
N THR H 34 -10.28 35.31 -16.16
CA THR H 34 -10.57 34.46 -15.00
C THR H 34 -11.50 33.34 -15.43
N TYR H 35 -11.49 32.24 -14.66
CA TYR H 35 -12.40 31.14 -14.92
C TYR H 35 -13.85 31.64 -14.85
N GLN H 36 -14.16 32.50 -13.87
CA GLN H 36 -15.45 33.19 -13.78
C GLN H 36 -15.87 33.86 -15.09
N GLN H 37 -14.99 34.70 -15.62
CA GLN H 37 -15.25 35.42 -16.85
C GLN H 37 -15.54 34.50 -18.01
N MET H 38 -14.70 33.48 -18.19
CA MET H 38 -14.90 32.53 -19.27
C MET H 38 -16.25 31.82 -19.20
N ALA H 39 -16.64 31.45 -17.99
CA ALA H 39 -17.91 30.79 -17.76
C ALA H 39 -19.10 31.66 -18.09
N GLN H 40 -19.01 32.93 -17.73
CA GLN H 40 -20.10 33.85 -17.99
C GLN H 40 -20.23 34.19 -19.46
N LEU H 41 -19.10 34.30 -20.17
CA LEU H 41 -19.10 34.51 -21.63
C LEU H 41 -19.73 33.36 -22.38
N LEU H 42 -19.43 32.15 -21.96
CA LEU H 42 -19.91 30.94 -22.59
C LEU H 42 -21.25 30.38 -22.07
N SER H 43 -21.78 30.98 -20.99
CA SER H 43 -23.04 30.52 -20.36
C SER H 43 -23.01 29.07 -19.91
N VAL H 44 -21.95 28.72 -19.16
CA VAL H 44 -21.77 27.36 -18.59
C VAL H 44 -21.31 27.42 -17.13
N ASN H 45 -21.47 26.30 -16.45
CA ASN H 45 -21.04 26.16 -15.09
C ASN H 45 -19.52 26.40 -14.99
N LYS H 46 -19.11 27.27 -14.08
CA LYS H 46 -17.70 27.62 -13.91
C LYS H 46 -16.78 26.43 -13.60
N VAL H 47 -17.18 25.59 -12.64
CA VAL H 47 -16.34 24.46 -12.21
C VAL H 47 -16.23 23.42 -13.32
N TRP H 48 -17.34 23.14 -14.01
CA TRP H 48 -17.32 22.16 -15.09
C TRP H 48 -16.40 22.59 -16.21
N LEU H 49 -16.54 23.85 -16.63
CA LEU H 49 -15.67 24.41 -17.65
C LEU H 49 -14.21 24.31 -17.26
N THR H 50 -13.92 24.69 -16.03
CA THR H 50 -12.57 24.59 -15.52
C THR H 50 -12.06 23.17 -15.67
N SER H 51 -12.89 22.20 -15.31
CA SER H 51 -12.50 20.81 -15.48
C SER H 51 -12.30 20.37 -16.93
N VAL H 52 -13.04 20.96 -17.88
CA VAL H 52 -12.81 20.68 -19.28
C VAL H 52 -11.42 21.16 -19.69
N LEU H 53 -11.09 22.38 -19.31
CA LEU H 53 -9.77 22.91 -19.61
C LEU H 53 -8.65 22.10 -18.94
N HIS H 54 -8.90 21.56 -17.75
CA HIS H 54 -7.89 20.70 -17.08
C HIS H 54 -7.88 19.25 -17.58
N GLY H 55 -8.78 18.88 -18.49
CA GLY H 55 -8.81 17.54 -19.07
C GLY H 55 -9.38 16.45 -18.18
N GLN H 56 -10.28 16.81 -17.27
CA GLN H 56 -11.03 15.86 -16.45
C GLN H 56 -12.45 15.77 -16.90
N ASN H 57 -12.78 16.44 -17.99
CA ASN H 57 -14.13 16.41 -18.55
C ASN H 57 -14.04 16.87 -20.01
N CYS H 58 -15.10 16.69 -20.78
CA CYS H 58 -15.09 17.07 -22.18
C CYS H 58 -16.37 17.80 -22.55
N CYS H 59 -16.37 18.47 -23.70
CA CYS H 59 -17.55 19.15 -24.20
C CYS H 59 -17.85 18.73 -25.63
N ASP H 60 -18.98 19.19 -26.16
CA ASP H 60 -19.29 19.00 -27.58
C ASP H 60 -18.44 19.94 -28.47
N ILE H 61 -18.47 19.70 -29.79
CA ILE H 61 -17.55 20.40 -30.72
C ILE H 61 -17.90 21.89 -30.83
N GLN H 62 -19.20 22.23 -30.83
CA GLN H 62 -19.60 23.65 -30.87
C GLN H 62 -19.04 24.45 -29.70
N LEU H 63 -19.14 23.92 -28.48
CA LEU H 63 -18.56 24.62 -27.32
C LEU H 63 -17.03 24.65 -27.40
N ALA H 64 -16.45 23.55 -27.86
CA ALA H 64 -15.02 23.51 -28.07
C ALA H 64 -14.51 24.64 -28.99
N HIS H 65 -15.17 24.86 -30.15
CA HIS H 65 -14.79 25.94 -31.06
C HIS H 65 -14.89 27.27 -30.32
N ARG H 66 -15.98 27.49 -29.61
CA ARG H 66 -16.17 28.72 -28.85
C ARG H 66 -15.12 28.96 -27.76
N ILE H 67 -14.72 27.90 -27.05
CA ILE H 67 -13.61 27.98 -26.07
C ILE H 67 -12.34 28.45 -26.76
N CYS H 68 -12.02 27.82 -27.88
CA CYS H 68 -10.84 28.20 -28.63
C CYS H 68 -11.03 29.64 -29.01
N ASP H 69 -12.24 30.02 -29.35
CA ASP H 69 -12.50 31.40 -29.74
C ASP H 69 -12.23 32.37 -28.61
N THR H 70 -12.68 32.03 -27.41
CA THR H 70 -12.46 32.94 -26.28
C THR H 70 -10.98 33.14 -25.96
N LEU H 71 -10.23 32.05 -25.95
CA LEU H 71 -8.79 32.06 -25.73
C LEU H 71 -8.12 32.51 -27.02
N GLY H 72 -6.81 32.68 -26.99
CA GLY H 72 -6.09 33.03 -28.23
C GLY H 72 -6.16 32.01 -29.37
N ILE H 73 -6.43 30.75 -29.05
CA ILE H 73 -5.95 29.60 -29.83
C ILE H 73 -6.75 29.23 -31.09
N SER H 74 -6.09 28.43 -31.92
CA SER H 74 -6.63 27.96 -33.20
C SER H 74 -7.68 26.90 -33.02
N HIS H 75 -8.61 26.83 -33.95
CA HIS H 75 -9.67 25.84 -33.90
C HIS H 75 -9.11 24.43 -34.00
N GLU H 76 -7.93 24.28 -34.61
CA GLU H 76 -7.36 22.92 -34.72
C GLU H 76 -7.21 22.22 -33.37
N TYR H 77 -7.16 22.94 -32.25
CA TYR H 77 -7.10 22.31 -30.90
C TYR H 77 -8.45 21.90 -30.32
N ALA H 78 -9.55 22.29 -30.95
CA ALA H 78 -10.88 21.98 -30.43
C ALA H 78 -11.08 20.47 -30.22
N ASN H 79 -10.46 19.64 -31.05
CA ASN H 79 -10.50 18.17 -30.91
C ASN H 79 -10.16 17.61 -29.54
N GLU H 80 -9.11 18.15 -28.91
CA GLU H 80 -8.67 17.68 -27.56
C GLU H 80 -9.71 17.88 -26.47
N LEU H 81 -10.46 18.99 -26.56
CA LEU H 81 -11.56 19.26 -25.64
C LEU H 81 -12.79 18.34 -25.80
N THR H 82 -12.86 17.62 -26.91
CA THR H 82 -13.98 16.74 -27.25
C THR H 82 -13.74 15.29 -26.87
N SER H 83 -12.47 14.87 -26.76
CA SER H 83 -12.10 13.50 -26.41
C SER H 83 -12.52 13.21 -24.99
N ILE H 84 -13.13 12.05 -24.79
CA ILE H 84 -13.51 11.69 -23.45
C ILE H 84 -12.16 11.46 -22.81
N PRO H 85 -11.92 12.05 -21.65
CA PRO H 85 -10.62 11.91 -20.99
C PRO H 85 -10.56 10.77 -19.98
N LEU H 86 -9.37 10.24 -19.73
CA LEU H 86 -9.21 9.17 -18.77
C LEU H 86 -9.13 9.92 -17.45
N ARG H 87 -10.25 9.92 -16.74
CA ARG H 87 -10.41 10.65 -15.49
C ARG H 87 -9.94 10.10 -14.15
N GLY H 88 -9.76 11.05 -13.24
CA GLY H 88 -9.49 10.88 -11.82
C GLY H 88 -8.14 10.32 -11.44
N ASN H 89 -7.11 10.63 -12.23
CA ASN H 89 -5.84 9.90 -12.20
C ASN H 89 -4.58 10.78 -12.05
N GLN H 90 -4.79 11.97 -11.54
CA GLN H 90 -3.71 12.94 -11.31
C GLN H 90 -3.42 12.81 -9.82
N ASN H 91 -2.18 12.55 -9.47
CA ASN H 91 -1.83 12.25 -8.10
C ASN H 91 -1.62 13.54 -7.28
N ILE H 92 -2.73 14.09 -6.82
CA ILE H 92 -2.79 15.40 -6.19
C ILE H 92 -3.21 15.26 -4.70
N ILE H 93 -3.17 14.04 -4.17
CA ILE H 93 -3.66 13.72 -2.82
C ILE H 93 -2.90 14.52 -1.75
N ASN H 94 -1.61 14.70 -1.95
CA ASN H 94 -0.77 15.41 -0.99
C ASN H 94 -0.88 16.93 -0.97
N ASP H 95 -1.56 17.55 -1.95
CA ASP H 95 -1.70 18.99 -1.92
C ASP H 95 -2.57 19.35 -0.73
N PRO H 96 -2.14 20.30 0.09
CA PRO H 96 -2.88 20.54 1.32
C PRO H 96 -4.30 20.95 1.08
N LEU H 97 -4.54 21.72 0.02
CA LEU H 97 -5.87 22.18 -0.30
C LEU H 97 -6.75 21.00 -0.59
N ILE H 98 -6.28 20.07 -1.40
CA ILE H 98 -7.04 18.88 -1.72
C ILE H 98 -7.23 17.91 -0.53
N TYR H 99 -6.17 17.71 0.24
CA TYR H 99 -6.24 16.81 1.42
C TYR H 99 -7.38 17.21 2.32
N ARG H 100 -7.56 18.50 2.53
CA ARG H 100 -8.61 18.92 3.44
C ARG H 100 -9.97 18.43 3.01
N PHE H 101 -10.28 18.53 1.72
CA PHE H 101 -11.58 17.97 1.29
C PHE H 101 -11.67 16.51 1.62
N ASN H 102 -10.59 15.78 1.45
CA ASN H 102 -10.60 14.36 1.79
C ASN H 102 -10.78 14.13 3.30
N GLU H 103 -10.14 14.95 4.10
CA GLU H 103 -10.24 14.84 5.54
C GLU H 103 -11.65 15.12 5.98
N LEU H 104 -12.25 16.10 5.32
CA LEU H 104 -13.58 16.46 5.63
C LEU H 104 -14.53 15.29 5.53
N PHE H 105 -14.42 14.44 4.50
CA PHE H 105 -15.32 13.29 4.38
C PHE H 105 -14.87 12.13 5.22
N LYS H 106 -13.61 12.12 5.66
CA LYS H 106 -13.19 11.15 6.67
C LYS H 106 -13.88 11.42 8.01
N VAL H 107 -14.02 12.69 8.35
CA VAL H 107 -14.62 13.07 9.61
C VAL H 107 -16.14 13.04 9.57
N TYR H 108 -16.75 13.64 8.53
CA TYR H 108 -18.21 13.75 8.46
C TYR H 108 -18.88 12.69 7.58
N GLY H 109 -18.09 11.76 7.03
CA GLY H 109 -18.64 10.80 6.09
C GLY H 109 -19.79 9.99 6.66
N SER H 110 -19.58 9.40 7.81
CA SER H 110 -20.64 8.56 8.38
C SER H 110 -21.88 9.34 8.72
N SER H 111 -21.70 10.61 9.10
CA SER H 111 -22.84 11.49 9.40
C SER H 111 -23.64 11.81 8.15
N LEU H 112 -22.95 12.12 7.07
CA LEU H 112 -23.62 12.39 5.80
C LEU H 112 -24.32 11.16 5.30
N ARG H 113 -23.71 10.02 5.52
CA ARG H 113 -24.30 8.76 5.15
C ARG H 113 -25.64 8.57 5.88
N GLY H 114 -25.62 8.76 7.19
CA GLY H 114 -26.80 8.61 8.02
C GLY H 114 -27.91 9.58 7.70
N ILE H 115 -27.54 10.84 7.48
CA ILE H 115 -28.53 11.86 7.15
C ILE H 115 -29.15 11.54 5.80
N ILE H 116 -28.35 11.19 4.82
CA ILE H 116 -28.87 10.92 3.50
C ILE H 116 -29.77 9.70 3.52
N HIS H 117 -29.39 8.68 4.29
CA HIS H 117 -30.24 7.48 4.40
C HIS H 117 -31.60 7.80 5.00
N GLU H 118 -31.60 8.60 6.06
CA GLU H 118 -32.84 8.98 6.73
C GLU H 118 -33.73 9.86 5.85
N GLU H 119 -33.15 10.82 5.13
CA GLU H 119 -33.92 11.83 4.41
C GLU H 119 -34.22 11.49 2.96
N PHE H 120 -33.42 10.63 2.35
CA PHE H 120 -33.68 10.20 0.95
C PHE H 120 -33.97 8.71 0.80
N GLY H 121 -33.35 7.89 1.64
CA GLY H 121 -33.54 6.45 1.60
C GLY H 121 -32.24 5.79 1.28
N ASP H 122 -32.34 4.50 0.96
CA ASP H 122 -31.16 3.72 0.67
C ASP H 122 -30.71 3.98 -0.75
N GLY H 123 -29.70 4.82 -0.88
CA GLY H 123 -29.10 5.10 -2.16
C GLY H 123 -27.79 5.84 -1.99
N ILE H 124 -27.47 6.59 -3.03
CA ILE H 124 -26.28 7.41 -3.08
C ILE H 124 -26.52 8.73 -3.78
N MET H 125 -25.58 9.66 -3.62
CA MET H 125 -25.58 10.90 -4.39
C MET H 125 -24.58 10.73 -5.50
N SER H 126 -25.03 10.92 -6.74
CA SER H 126 -24.22 10.67 -7.92
C SER H 126 -23.11 11.70 -8.02
N ALA H 127 -21.94 11.23 -8.47
CA ALA H 127 -20.80 12.12 -8.82
C ALA H 127 -20.77 12.42 -10.35
N ILE H 128 -21.72 11.84 -11.08
CA ILE H 128 -21.79 11.96 -12.52
C ILE H 128 -22.76 13.09 -12.88
N ASP H 129 -23.99 13.01 -12.39
CA ASP H 129 -24.97 14.05 -12.58
C ASP H 129 -24.84 14.96 -11.39
N CYS H 130 -23.94 15.92 -11.49
CA CYS H 130 -23.52 16.70 -10.35
C CYS H 130 -23.06 18.08 -10.76
N LYS H 131 -23.61 19.11 -10.14
CA LYS H 131 -23.19 20.50 -10.39
C LYS H 131 -22.45 21.08 -9.19
N ILE H 132 -21.14 21.29 -9.32
CA ILE H 132 -20.37 21.98 -8.29
C ILE H 132 -20.46 23.47 -8.56
N ASP H 133 -20.40 24.24 -7.50
CA ASP H 133 -20.32 25.67 -7.56
C ASP H 133 -19.40 26.14 -6.44
N VAL H 134 -18.58 27.16 -6.67
CA VAL H 134 -17.67 27.60 -5.61
C VAL H 134 -17.51 29.09 -5.64
N THR H 135 -17.51 29.70 -4.46
CA THR H 135 -17.83 31.12 -4.31
C THR H 135 -17.13 31.69 -3.08
N LYS H 136 -16.66 32.93 -3.21
CA LYS H 136 -16.23 33.73 -2.07
C LYS H 136 -17.42 34.55 -1.65
N ASN H 137 -17.81 34.42 -0.40
CA ASN H 137 -18.92 35.17 0.13
C ASN H 137 -18.35 36.30 0.96
N GLU H 138 -19.23 37.13 1.50
CA GLU H 138 -18.81 38.22 2.36
C GLU H 138 -18.20 37.48 3.54
N GLN H 139 -17.21 38.08 4.19
CA GLN H 139 -16.51 37.44 5.30
C GLN H 139 -15.43 36.54 4.77
N SER H 140 -15.26 36.52 3.46
CA SER H 140 -14.21 35.73 2.85
C SER H 140 -14.16 34.24 3.19
N ARG H 141 -15.30 33.59 3.14
CA ARG H 141 -15.35 32.16 3.43
C ARG H 141 -15.56 31.44 2.11
N VAL H 142 -15.03 30.23 2.02
CA VAL H 142 -15.10 29.45 0.78
C VAL H 142 -16.42 28.76 0.87
N ILE H 143 -17.26 28.96 -0.12
CA ILE H 143 -18.54 28.33 -0.13
C ILE H 143 -18.65 27.42 -1.32
N LEU H 144 -18.75 26.15 -1.02
CA LEU H 144 -18.70 25.10 -2.00
C LEU H 144 -20.05 24.43 -1.98
N ARG H 145 -20.78 24.50 -3.08
CA ARG H 145 -22.13 23.93 -3.14
C ARG H 145 -22.12 22.78 -4.14
N ILE H 146 -22.54 21.60 -3.71
CA ILE H 146 -22.57 20.40 -4.54
C ILE H 146 -24.01 19.97 -4.70
N ASP H 147 -24.45 19.76 -5.94
CA ASP H 147 -25.88 19.50 -6.25
C ASP H 147 -26.00 18.23 -7.12
N GLY H 148 -26.36 17.11 -6.48
CA GLY H 148 -26.25 15.78 -7.12
C GLY H 148 -27.54 15.02 -7.12
N LYS H 149 -27.71 14.12 -8.10
CA LYS H 149 -28.94 13.29 -8.21
C LYS H 149 -28.80 12.20 -7.18
N PHE H 150 -29.91 11.94 -6.50
CA PHE H 150 -30.02 10.82 -5.60
C PHE H 150 -30.45 9.64 -6.43
N LEU H 151 -29.71 8.55 -6.35
CA LEU H 151 -30.07 7.31 -7.04
C LEU H 151 -30.37 6.27 -6.01
N PRO H 152 -31.59 5.76 -5.99
CA PRO H 152 -31.86 4.71 -5.02
C PRO H 152 -31.36 3.36 -5.51
N TYR H 153 -30.97 2.50 -4.57
CA TYR H 153 -30.62 1.11 -4.90
C TYR H 153 -31.79 0.35 -5.45
N TYR H 154 -31.49 -0.56 -6.38
CA TYR H 154 -32.46 -1.50 -6.93
C TYR H 154 -33.08 -2.29 -5.77
N LYS H 155 -34.41 -2.44 -5.79
CA LYS H 155 -35.16 -3.06 -4.67
C LYS H 155 -35.70 -4.46 -5.01
N GLY H 156 -35.21 -5.07 -6.09
CA GLY H 156 -35.48 -6.48 -6.40
C GLY H 156 -36.74 -6.74 -7.19
N GLN H 157 -37.36 -5.68 -7.76
CA GLN H 157 -38.67 -5.78 -8.49
C GLN H 157 -38.54 -6.35 -9.90
N LEU H 158 -39.65 -6.76 -10.49
CA LEU H 158 -39.65 -7.30 -11.86
C LEU H 158 -40.84 -6.81 -12.67
N ASN I 22 16.04 25.50 -7.83
CA ASN I 22 17.33 24.84 -8.29
C ASN I 22 18.22 25.69 -9.21
N GLN I 23 17.64 26.45 -10.15
CA GLN I 23 18.38 27.59 -10.77
C GLN I 23 18.73 28.66 -9.70
N PHE I 24 17.85 28.81 -8.71
CA PHE I 24 18.06 29.73 -7.60
C PHE I 24 19.08 29.20 -6.60
N ILE I 25 18.95 27.92 -6.24
CA ILE I 25 19.96 27.29 -5.39
C ILE I 25 21.36 27.34 -6.01
N LYS I 26 21.49 27.00 -7.28
CA LYS I 26 22.80 27.03 -7.95
C LYS I 26 23.40 28.42 -7.85
N ALA I 27 22.56 29.42 -8.08
CA ALA I 27 22.97 30.84 -8.01
C ALA I 27 23.44 31.23 -6.62
N LYS I 28 22.76 30.72 -5.60
CA LYS I 28 23.13 30.97 -4.21
C LYS I 28 24.49 30.37 -3.83
N GLU I 29 24.73 29.13 -4.25
CA GLU I 29 26.01 28.45 -3.98
C GLU I 29 27.22 29.18 -4.61
N SER I 30 27.09 29.63 -5.87
CA SER I 30 28.07 30.50 -6.55
C SER I 30 28.54 31.71 -5.74
N LYS I 31 27.57 32.45 -5.21
CA LYS I 31 27.85 33.65 -4.43
C LYS I 31 28.40 33.39 -3.02
N GLY I 32 28.29 32.14 -2.54
CA GLY I 32 28.71 31.79 -1.17
C GLY I 32 27.77 32.33 -0.09
N LEU I 33 26.50 32.52 -0.46
CA LEU I 33 25.47 33.01 0.46
C LEU I 33 24.84 31.90 1.28
N THR I 34 24.65 32.14 2.59
CA THR I 34 23.92 31.21 3.41
C THR I 34 22.45 31.63 3.43
N TYR I 35 21.55 30.67 3.72
CA TYR I 35 20.13 30.94 3.83
C TYR I 35 19.92 31.99 4.92
N GLN I 36 20.62 31.86 6.04
CA GLN I 36 20.64 32.90 7.10
C GLN I 36 20.93 34.30 6.59
N GLN I 37 22.03 34.44 5.85
CA GLN I 37 22.41 35.72 5.27
C GLN I 37 21.30 36.29 4.39
N MET I 38 20.78 35.49 3.47
CA MET I 38 19.75 35.98 2.55
C MET I 38 18.54 36.52 3.32
N ALA I 39 18.16 35.80 4.35
CA ALA I 39 16.98 36.13 5.13
C ALA I 39 17.17 37.44 5.86
N GLN I 40 18.36 37.65 6.40
CA GLN I 40 18.63 38.86 7.11
C GLN I 40 18.67 40.05 6.19
N LEU I 41 19.22 39.88 5.00
CA LEU I 41 19.27 40.99 4.05
C LEU I 41 17.89 41.40 3.60
N LEU I 42 17.03 40.41 3.39
CA LEU I 42 15.68 40.65 2.92
C LEU I 42 14.63 40.89 4.01
N SER I 43 15.01 40.75 5.28
CA SER I 43 14.10 40.93 6.44
C SER I 43 12.89 40.00 6.44
N VAL I 44 13.13 38.71 6.23
CA VAL I 44 12.09 37.69 6.17
C VAL I 44 12.51 36.44 6.94
N ASN I 45 11.53 35.60 7.25
CA ASN I 45 11.76 34.36 7.95
C ASN I 45 12.67 33.45 7.12
N LYS I 46 13.73 32.93 7.73
CA LYS I 46 14.71 32.08 7.04
C LYS I 46 14.10 30.84 6.38
N VAL I 47 13.28 30.10 7.12
CA VAL I 47 12.76 28.82 6.65
C VAL I 47 11.77 29.10 5.55
N TRP I 48 10.95 30.15 5.69
CA TRP I 48 9.95 30.45 4.64
C TRP I 48 10.66 30.80 3.34
N LEU I 49 11.67 31.66 3.41
CA LEU I 49 12.41 32.10 2.24
C LEU I 49 13.03 30.88 1.58
N THR I 50 13.63 30.00 2.39
CA THR I 50 14.20 28.81 1.86
C THR I 50 13.13 28.05 1.06
N SER I 51 11.93 27.93 1.61
CA SER I 51 10.87 27.19 0.95
C SER I 51 10.42 27.87 -0.36
N VAL I 52 10.52 29.18 -0.44
CA VAL I 52 10.22 29.87 -1.68
C VAL I 52 11.23 29.44 -2.75
N LEU I 53 12.51 29.48 -2.38
CA LEU I 53 13.56 29.11 -3.32
C LEU I 53 13.41 27.65 -3.74
N HIS I 54 12.93 26.78 -2.86
CA HIS I 54 12.71 25.38 -3.21
C HIS I 54 11.38 25.14 -3.95
N GLY I 55 10.54 26.15 -4.12
CA GLY I 55 9.29 26.03 -4.82
C GLY I 55 8.16 25.37 -4.07
N GLN I 56 8.19 25.43 -2.75
CA GLN I 56 7.09 24.95 -1.90
C GLN I 56 6.30 26.11 -1.31
N ASN I 57 6.62 27.32 -1.74
CA ASN I 57 5.94 28.53 -1.30
C ASN I 57 6.23 29.65 -2.33
N CYS I 58 5.49 30.73 -2.28
CA CYS I 58 5.69 31.82 -3.23
C CYS I 58 5.70 33.17 -2.52
N CYS I 59 6.18 34.21 -3.21
CA CYS I 59 6.21 35.58 -2.67
C CYS I 59 5.56 36.55 -3.63
N ASP I 60 5.40 37.79 -3.20
CA ASP I 60 4.96 38.88 -4.09
C ASP I 60 6.10 39.32 -5.03
N ILE I 61 5.76 40.10 -6.05
CA ILE I 61 6.71 40.43 -7.14
C ILE I 61 7.85 41.30 -6.66
N GLN I 62 7.56 42.25 -5.75
CA GLN I 62 8.61 43.11 -5.24
C GLN I 62 9.68 42.34 -4.44
N LEU I 63 9.31 41.37 -3.62
CA LEU I 63 10.31 40.52 -3.00
C LEU I 63 11.03 39.67 -4.03
N ALA I 64 10.29 39.15 -4.98
CA ALA I 64 10.88 38.33 -6.04
C ALA I 64 12.02 39.07 -6.74
N HIS I 65 11.79 40.34 -7.10
CA HIS I 65 12.85 41.14 -7.75
C HIS I 65 14.07 41.26 -6.86
N ARG I 66 13.83 41.54 -5.61
CA ARG I 66 14.90 41.63 -4.61
C ARG I 66 15.69 40.34 -4.40
N ILE I 67 14.99 39.20 -4.39
CA ILE I 67 15.67 37.91 -4.34
C ILE I 67 16.61 37.78 -5.55
N CYS I 68 16.10 38.10 -6.72
CA CYS I 68 16.91 38.00 -7.91
C CYS I 68 18.20 38.83 -7.84
N ASP I 69 18.12 40.03 -7.33
CA ASP I 69 19.31 40.86 -7.18
C ASP I 69 20.29 40.33 -6.18
N THR I 70 19.76 39.79 -5.11
CA THR I 70 20.57 39.25 -4.05
C THR I 70 21.42 38.10 -4.58
N LEU I 71 20.79 37.25 -5.39
CA LEU I 71 21.48 36.23 -6.16
C LEU I 71 22.02 36.87 -7.44
N GLY I 72 22.76 36.10 -8.21
CA GLY I 72 23.29 36.66 -9.49
C GLY I 72 22.27 37.04 -10.53
N ILE I 73 21.06 36.50 -10.41
CA ILE I 73 20.19 36.27 -11.56
C ILE I 73 19.33 37.43 -12.06
N SER I 74 18.82 37.27 -13.27
CA SER I 74 18.02 38.27 -13.94
C SER I 74 16.62 38.42 -13.36
N HIS I 75 16.10 39.63 -13.45
CA HIS I 75 14.77 39.94 -12.94
C HIS I 75 13.73 39.16 -13.71
N GLU I 76 14.10 38.68 -14.88
CA GLU I 76 13.16 37.93 -15.70
C GLU I 76 12.68 36.69 -14.97
N TYR I 77 13.56 36.02 -14.23
CA TYR I 77 13.15 34.83 -13.40
C TYR I 77 12.24 35.10 -12.22
N ALA I 78 12.03 36.37 -11.88
CA ALA I 78 11.16 36.71 -10.75
C ALA I 78 9.76 36.11 -10.83
N ASN I 79 9.20 35.96 -12.03
CA ASN I 79 7.92 35.31 -12.23
C ASN I 79 7.73 33.95 -11.56
N GLU I 80 8.74 33.09 -11.64
CA GLU I 80 8.65 31.73 -11.10
C GLU I 80 8.46 31.70 -9.59
N LEU I 81 9.07 32.66 -8.91
CA LEU I 81 8.90 32.83 -7.47
C LEU I 81 7.53 33.33 -7.05
N THR I 82 6.76 33.84 -7.99
CA THR I 82 5.45 34.40 -7.73
C THR I 82 4.31 33.38 -7.93
N SER I 83 4.54 32.35 -8.75
CA SER I 83 3.50 31.36 -9.07
C SER I 83 3.17 30.55 -7.84
N ILE I 84 1.88 30.31 -7.63
CA ILE I 84 1.49 29.48 -6.53
C ILE I 84 1.91 28.09 -6.93
N PRO I 85 2.51 27.33 -6.04
CA PRO I 85 3.00 26.00 -6.39
C PRO I 85 2.11 24.83 -5.97
N LEU I 86 2.23 23.70 -6.66
CA LEU I 86 1.48 22.52 -6.30
C LEU I 86 2.37 21.89 -5.25
N ARG I 87 2.05 22.18 -4.00
CA ARG I 87 2.82 21.75 -2.85
C ARG I 87 2.74 20.35 -2.30
N GLY I 88 3.76 20.05 -1.51
CA GLY I 88 3.85 18.87 -0.64
C GLY I 88 4.00 17.54 -1.35
N ASN I 89 4.65 17.55 -2.51
CA ASN I 89 4.58 16.41 -3.45
C ASN I 89 5.95 15.87 -3.91
N GLN I 90 6.98 16.12 -3.11
CA GLN I 90 8.35 15.68 -3.38
C GLN I 90 8.51 14.45 -2.48
N ASN I 91 8.86 13.32 -3.06
CA ASN I 91 8.91 12.05 -2.33
C ASN I 91 10.25 11.89 -1.59
N ILE I 92 10.29 12.48 -0.41
CA ILE I 92 11.52 12.63 0.37
C ILE I 92 11.40 11.82 1.68
N ILE I 93 10.40 10.95 1.78
CA ILE I 93 10.07 10.25 3.04
C ILE I 93 11.23 9.38 3.50
N ASN I 94 11.92 8.77 2.54
CA ASN I 94 13.06 7.88 2.85
C ASN I 94 14.35 8.56 3.29
N ASP I 95 14.47 9.88 3.12
CA ASP I 95 15.70 10.54 3.54
C ASP I 95 15.79 10.39 5.03
N PRO I 96 16.90 9.88 5.53
CA PRO I 96 17.01 9.71 6.96
C PRO I 96 16.72 10.95 7.81
N LEU I 97 17.16 12.11 7.38
CA LEU I 97 16.94 13.32 8.11
C LEU I 97 15.48 13.58 8.24
N ILE I 98 14.74 13.41 7.18
CA ILE I 98 13.32 13.70 7.22
C ILE I 98 12.57 12.62 7.97
N TYR I 99 12.92 11.36 7.75
CA TYR I 99 12.27 10.25 8.45
C TYR I 99 12.26 10.47 9.95
N ARG I 100 13.35 11.02 10.47
CA ARG I 100 13.46 11.26 11.90
C ARG I 100 12.36 12.17 12.40
N PHE I 101 12.08 13.25 11.69
CA PHE I 101 10.97 14.09 12.11
C PHE I 101 9.67 13.30 12.11
N ASN I 102 9.46 12.45 11.12
CA ASN I 102 8.23 11.64 11.08
C ASN I 102 8.14 10.66 12.24
N GLU I 103 9.29 10.08 12.60
CA GLU I 103 9.34 9.12 13.71
C GLU I 103 9.03 9.82 15.00
N LEU I 104 9.55 11.03 15.10
CA LEU I 104 9.32 11.84 16.26
C LEU I 104 7.84 12.03 16.54
N PHE I 105 7.02 12.28 15.53
CA PHE I 105 5.56 12.41 15.76
C PHE I 105 4.84 11.08 15.86
N LYS I 106 5.47 10.01 15.43
CA LYS I 106 4.94 8.69 15.68
C LYS I 106 5.06 8.35 17.16
N VAL I 107 6.17 8.74 17.76
CA VAL I 107 6.42 8.44 19.14
C VAL I 107 5.71 9.42 20.09
N TYR I 108 5.82 10.72 19.85
CA TYR I 108 5.24 11.73 20.73
C TYR I 108 3.88 12.29 20.30
N GLY I 109 3.34 11.79 19.22
CA GLY I 109 2.12 12.34 18.64
C GLY I 109 0.96 12.36 19.60
N SER I 110 0.67 11.22 20.22
CA SER I 110 -0.43 11.17 21.13
C SER I 110 -0.24 12.08 22.33
N SER I 111 1.01 12.29 22.77
CA SER I 111 1.31 13.14 23.89
C SER I 111 1.07 14.57 23.54
N LEU I 112 1.53 14.96 22.39
CA LEU I 112 1.26 16.31 21.90
C LEU I 112 -0.24 16.57 21.71
N ARG I 113 -0.94 15.57 21.22
CA ARG I 113 -2.34 15.64 21.06
C ARG I 113 -3.03 15.93 22.42
N GLY I 114 -2.68 15.16 23.42
CA GLY I 114 -3.21 15.30 24.75
C GLY I 114 -2.89 16.63 25.41
N ILE I 115 -1.63 17.08 25.29
CA ILE I 115 -1.24 18.35 25.87
C ILE I 115 -1.97 19.49 25.19
N ILE I 116 -2.04 19.47 23.86
CA ILE I 116 -2.71 20.55 23.14
C ILE I 116 -4.19 20.55 23.51
N HIS I 117 -4.82 19.37 23.67
CA HIS I 117 -6.24 19.35 23.99
C HIS I 117 -6.49 19.97 25.33
N GLU I 118 -5.65 19.65 26.29
CA GLU I 118 -5.79 20.13 27.67
C GLU I 118 -5.52 21.62 27.77
N GLU I 119 -4.50 22.11 27.07
CA GLU I 119 -4.06 23.52 27.18
C GLU I 119 -4.67 24.52 26.18
N PHE I 120 -5.18 24.06 25.04
CA PHE I 120 -5.90 24.90 24.08
C PHE I 120 -7.37 24.54 23.82
N GLY I 121 -7.72 23.27 23.92
CA GLY I 121 -9.07 22.80 23.68
C GLY I 121 -9.10 21.89 22.48
N ASP I 122 -10.29 21.58 22.02
CA ASP I 122 -10.48 20.73 20.91
C ASP I 122 -10.23 21.48 19.62
N GLY I 123 -9.06 21.27 19.07
CA GLY I 123 -8.71 21.85 17.78
C GLY I 123 -7.43 21.24 17.25
N ILE I 124 -6.76 22.02 16.42
CA ILE I 124 -5.50 21.67 15.82
C ILE I 124 -4.56 22.84 15.74
N MET I 125 -3.30 22.55 15.45
CA MET I 125 -2.34 23.58 15.16
C MET I 125 -2.15 23.62 13.65
N SER I 126 -2.35 24.79 13.06
CA SER I 126 -2.33 24.96 11.64
C SER I 126 -0.93 24.78 11.09
N ALA I 127 -0.85 24.18 9.88
CA ALA I 127 0.42 24.07 9.10
C ALA I 127 0.50 25.15 8.01
N ILE I 128 -0.54 25.98 7.94
CA ILE I 128 -0.65 27.01 6.94
C ILE I 128 -0.19 28.34 7.53
N ASP I 129 -0.80 28.76 8.64
CA ASP I 129 -0.33 29.92 9.38
C ASP I 129 0.68 29.44 10.43
N CYS I 130 1.92 29.37 10.04
CA CYS I 130 2.93 28.67 10.81
C CYS I 130 4.32 29.23 10.54
N LYS I 131 5.07 29.55 11.58
CA LYS I 131 6.43 30.08 11.44
C LYS I 131 7.42 29.08 11.99
N ILE I 132 8.18 28.46 11.12
CA ILE I 132 9.27 27.59 11.55
C ILE I 132 10.50 28.45 11.73
N ASP I 133 11.34 28.03 12.66
CA ASP I 133 12.63 28.64 12.89
C ASP I 133 13.61 27.53 13.24
N VAL I 134 14.84 27.59 12.78
CA VAL I 134 15.80 26.50 13.04
C VAL I 134 17.16 27.04 13.23
N THR I 135 17.83 26.53 14.24
CA THR I 135 18.93 27.24 14.91
C THR I 135 19.93 26.25 15.46
N LYS I 136 21.21 26.58 15.34
CA LYS I 136 22.28 25.88 16.07
C LYS I 136 22.49 26.69 17.34
N ASN I 137 22.30 26.06 18.47
CA ASN I 137 22.48 26.75 19.73
C ASN I 137 23.80 26.33 20.32
N GLU I 138 24.15 26.88 21.48
CA GLU I 138 25.39 26.51 22.13
C GLU I 138 25.24 25.03 22.39
N GLN I 139 26.35 24.30 22.29
CA GLN I 139 26.38 22.84 22.45
C GLN I 139 26.08 22.16 21.13
N SER I 140 25.93 22.94 20.06
CA SER I 140 25.68 22.38 18.73
C SER I 140 24.50 21.41 18.60
N ARG I 141 23.34 21.82 19.10
CA ARG I 141 22.13 21.03 19.06
C ARG I 141 21.22 21.73 18.08
N VAL I 142 20.40 20.94 17.41
CA VAL I 142 19.48 21.46 16.43
C VAL I 142 18.26 21.90 17.16
N ILE I 143 17.88 23.15 17.04
CA ILE I 143 16.74 23.66 17.75
C ILE I 143 15.73 24.18 16.79
N LEU I 144 14.61 23.50 16.78
CA LEU I 144 13.60 23.69 15.80
C LEU I 144 12.40 24.24 16.53
N ARG I 145 11.98 25.45 16.20
CA ARG I 145 10.84 26.09 16.87
C ARG I 145 9.71 26.28 15.89
N ILE I 146 8.55 25.76 16.20
CA ILE I 146 7.39 25.83 15.34
C ILE I 146 6.32 26.66 16.03
N ASP I 147 5.75 27.65 15.35
CA ASP I 147 4.81 28.61 15.96
C ASP I 147 3.56 28.71 15.08
N GLY I 148 2.51 28.02 15.49
CA GLY I 148 1.33 27.85 14.68
C GLY I 148 0.07 28.40 15.30
N LYS I 149 -0.90 28.76 14.48
CA LYS I 149 -2.18 29.18 14.96
C LYS I 149 -2.93 27.94 15.44
N PHE I 150 -3.60 28.07 16.58
CA PHE I 150 -4.53 27.11 17.04
C PHE I 150 -5.89 27.42 16.42
N LEU I 151 -6.52 26.44 15.78
CA LEU I 151 -7.85 26.58 15.22
C LEU I 151 -8.77 25.65 15.97
N PRO I 152 -9.77 26.19 16.65
CA PRO I 152 -10.69 25.28 17.30
C PRO I 152 -11.70 24.70 16.31
N TYR I 153 -12.14 23.47 16.56
CA TYR I 153 -13.21 22.88 15.78
C TYR I 153 -14.52 23.65 15.91
N TYR I 154 -15.29 23.66 14.84
CA TYR I 154 -16.64 24.23 14.80
C TYR I 154 -17.50 23.52 15.84
N LYS I 155 -18.25 24.30 16.60
CA LYS I 155 -18.95 23.80 17.80
C LYS I 155 -20.47 23.79 17.59
N GLY I 156 -20.91 23.88 16.33
CA GLY I 156 -22.30 23.59 15.94
C GLY I 156 -23.25 24.75 16.02
N GLN I 157 -22.70 25.95 16.19
CA GLN I 157 -23.50 27.15 16.34
C GLN I 157 -24.28 27.45 15.07
N LEU I 158 -25.57 27.71 15.17
CA LEU I 158 -26.34 27.99 13.98
C LEU I 158 -25.97 29.36 13.44
N ASP I 159 -26.00 29.52 12.13
CA ASP I 159 -25.69 30.83 11.58
C ASP I 159 -26.84 31.75 11.95
N ALA I 160 -26.89 32.93 11.35
CA ALA I 160 -27.95 33.88 11.63
C ALA I 160 -29.29 33.28 11.22
N GLY I 161 -29.30 32.58 10.09
CA GLY I 161 -30.52 31.97 9.61
C GLY I 161 -30.96 30.83 10.50
N GLU I 162 -32.26 30.79 10.78
CA GLU I 162 -32.92 29.77 11.61
C GLU I 162 -32.01 29.09 12.64
N ASN J 22 27.38 5.03 -11.24
CA ASN J 22 27.26 4.20 -12.50
C ASN J 22 28.19 4.61 -13.67
N GLN J 23 28.41 5.91 -13.90
CA GLN J 23 29.55 6.36 -14.71
C GLN J 23 30.88 6.04 -14.00
N PHE J 24 30.83 6.02 -12.67
CA PHE J 24 31.96 5.62 -11.84
C PHE J 24 32.17 4.10 -11.81
N ILE J 25 31.09 3.35 -11.58
CA ILE J 25 31.15 1.89 -11.66
C ILE J 25 31.66 1.40 -13.05
N LYS J 26 31.12 1.93 -14.14
CA LYS J 26 31.58 1.53 -15.48
C LYS J 26 33.09 1.77 -15.65
N ALA J 27 33.55 2.92 -15.17
CA ALA J 27 34.97 3.29 -15.18
C ALA J 27 35.83 2.32 -14.37
N LYS J 28 35.34 1.92 -13.20
CA LYS J 28 36.02 0.93 -12.37
C LYS J 28 36.16 -0.45 -13.03
N GLU J 29 35.11 -0.93 -13.68
CA GLU J 29 35.16 -2.22 -14.39
C GLU J 29 36.16 -2.25 -15.53
N SER J 30 36.20 -1.18 -16.33
CA SER J 30 37.22 -0.99 -17.38
C SER J 30 38.66 -1.22 -16.93
N LYS J 31 39.01 -0.60 -15.81
CA LYS J 31 40.35 -0.68 -15.23
C LYS J 31 40.66 -2.02 -14.55
N GLY J 32 39.64 -2.84 -14.30
CA GLY J 32 39.81 -4.11 -13.60
C GLY J 32 40.13 -3.91 -12.11
N LEU J 33 39.68 -2.80 -11.54
CA LEU J 33 39.84 -2.51 -10.12
C LEU J 33 38.76 -3.16 -9.25
N THR J 34 39.15 -3.71 -8.11
CA THR J 34 38.20 -4.17 -7.13
C THR J 34 37.92 -3.06 -6.14
N TYR J 35 36.78 -3.13 -5.48
CA TYR J 35 36.45 -2.20 -4.41
C TYR J 35 37.51 -2.24 -3.30
N GLN J 36 37.93 -3.43 -2.93
CA GLN J 36 39.05 -3.64 -2.01
C GLN J 36 40.31 -2.84 -2.40
N GLN J 37 40.75 -3.01 -3.65
CA GLN J 37 41.92 -2.29 -4.16
C GLN J 37 41.77 -0.79 -4.06
N MET J 38 40.63 -0.27 -4.52
CA MET J 38 40.38 1.18 -4.47
C MET J 38 40.47 1.72 -3.06
N ALA J 39 39.88 0.99 -2.14
CA ALA J 39 39.88 1.37 -0.74
C ALA J 39 41.29 1.38 -0.14
N GLN J 40 42.10 0.34 -0.45
CA GLN J 40 43.46 0.20 0.05
C GLN J 40 44.34 1.37 -0.49
N LEU J 41 44.12 1.68 -1.76
CA LEU J 41 44.84 2.79 -2.41
C LEU J 41 44.55 4.17 -1.83
N LEU J 42 43.29 4.42 -1.49
CA LEU J 42 42.81 5.70 -0.96
C LEU J 42 42.83 5.80 0.56
N SER J 43 43.15 4.71 1.26
CA SER J 43 43.17 4.64 2.75
C SER J 43 41.83 4.96 3.42
N VAL J 44 40.76 4.31 2.95
CA VAL J 44 39.40 4.54 3.45
C VAL J 44 38.68 3.22 3.65
N ASN J 45 37.59 3.26 4.41
CA ASN J 45 36.70 2.11 4.58
C ASN J 45 36.09 1.64 3.24
N LYS J 46 36.23 0.34 2.95
CA LYS J 46 35.78 -0.22 1.67
C LYS J 46 34.29 -0.03 1.40
N VAL J 47 33.44 -0.34 2.39
CA VAL J 47 31.98 -0.25 2.21
C VAL J 47 31.55 1.20 2.04
N TRP J 48 32.14 2.11 2.79
CA TRP J 48 31.79 3.50 2.69
C TRP J 48 32.13 4.05 1.32
N LEU J 49 33.34 3.83 0.87
CA LEU J 49 33.78 4.24 -0.45
C LEU J 49 32.80 3.68 -1.51
N THR J 50 32.48 2.39 -1.41
CA THR J 50 31.58 1.77 -2.35
C THR J 50 30.27 2.56 -2.36
N SER J 51 29.76 2.90 -1.18
CA SER J 51 28.55 3.69 -1.13
C SER J 51 28.67 5.09 -1.77
N VAL J 52 29.85 5.70 -1.69
CA VAL J 52 30.07 6.99 -2.31
C VAL J 52 29.94 6.83 -3.83
N LEU J 53 30.58 5.82 -4.38
CA LEU J 53 30.46 5.54 -5.79
C LEU J 53 29.00 5.24 -6.18
N HIS J 54 28.23 4.61 -5.31
CA HIS J 54 26.83 4.30 -5.62
C HIS J 54 25.91 5.45 -5.33
N GLY J 55 26.42 6.55 -4.80
CA GLY J 55 25.62 7.77 -4.59
C GLY J 55 24.71 7.72 -3.38
N GLN J 56 25.06 6.91 -2.39
CA GLN J 56 24.37 6.87 -1.13
C GLN J 56 25.17 7.53 -0.02
N ASN J 57 26.27 8.17 -0.38
CA ASN J 57 27.11 8.89 0.56
C ASN J 57 27.99 9.84 -0.23
N CYS J 58 28.64 10.78 0.45
CA CYS J 58 29.49 11.73 -0.25
C CYS J 58 30.82 11.92 0.44
N CYS J 59 31.78 12.54 -0.25
CA CYS J 59 33.11 12.80 0.30
C CYS J 59 33.49 14.24 0.10
N ASP J 60 34.61 14.65 0.68
CA ASP J 60 35.18 15.99 0.43
C ASP J 60 35.84 16.07 -0.97
N ILE J 61 36.14 17.30 -1.43
CA ILE J 61 36.57 17.52 -2.82
C ILE J 61 37.92 16.89 -3.09
N GLN J 62 38.82 16.96 -2.10
CA GLN J 62 40.15 16.38 -2.29
C GLN J 62 40.11 14.86 -2.50
N LEU J 63 39.27 14.14 -1.77
CA LEU J 63 39.10 12.70 -2.02
C LEU J 63 38.42 12.49 -3.37
N ALA J 64 37.45 13.34 -3.68
CA ALA J 64 36.73 13.24 -4.97
C ALA J 64 37.68 13.33 -6.17
N HIS J 65 38.62 14.28 -6.14
CA HIS J 65 39.63 14.35 -7.18
C HIS J 65 40.47 13.06 -7.25
N ARG J 66 40.91 12.58 -6.10
CA ARG J 66 41.68 11.36 -6.05
C ARG J 66 40.93 10.15 -6.61
N ILE J 67 39.64 10.05 -6.31
CA ILE J 67 38.81 8.97 -6.84
C ILE J 67 38.82 9.06 -8.35
N CYS J 68 38.65 10.27 -8.86
CA CYS J 68 38.65 10.47 -10.31
C CYS J 68 39.93 10.03 -11.00
N ASP J 69 41.06 10.30 -10.40
CA ASP J 69 42.32 9.80 -10.94
C ASP J 69 42.49 8.31 -10.89
N THR J 70 42.03 7.72 -9.81
CA THR J 70 42.18 6.30 -9.59
C THR J 70 41.43 5.56 -10.68
N LEU J 71 40.26 6.07 -10.99
CA LEU J 71 39.46 5.64 -12.16
C LEU J 71 39.97 6.36 -13.38
N GLY J 72 39.45 5.99 -14.54
CA GLY J 72 39.85 6.72 -15.77
C GLY J 72 39.49 8.20 -15.84
N ILE J 73 38.52 8.63 -15.05
CA ILE J 73 37.70 9.79 -15.39
C ILE J 73 38.25 11.17 -15.10
N SER J 74 37.62 12.15 -15.75
CA SER J 74 37.98 13.55 -15.66
C SER J 74 37.59 14.18 -14.32
N HIS J 75 38.40 15.14 -13.88
CA HIS J 75 38.13 15.86 -12.65
C HIS J 75 36.85 16.70 -12.68
N GLU J 76 36.21 16.83 -13.84
CA GLU J 76 34.93 17.57 -13.95
C GLU J 76 33.81 16.79 -13.27
N TYR J 77 33.95 15.47 -13.12
CA TYR J 77 32.93 14.65 -12.41
C TYR J 77 33.07 14.65 -10.87
N ALA J 78 34.16 15.19 -10.32
CA ALA J 78 34.36 15.21 -8.87
C ALA J 78 33.23 15.85 -8.10
N ASN J 79 32.60 16.85 -8.67
CA ASN J 79 31.42 17.50 -8.05
C ASN J 79 30.32 16.58 -7.58
N GLU J 80 29.97 15.58 -8.39
CA GLU J 80 28.86 14.66 -8.09
C GLU J 80 29.11 13.87 -6.83
N LEU J 81 30.36 13.51 -6.60
CA LEU J 81 30.77 12.79 -5.41
C LEU J 81 30.74 13.64 -4.13
N THR J 82 30.65 14.95 -4.26
CA THR J 82 30.65 15.89 -3.15
C THR J 82 29.25 16.31 -2.71
N SER J 83 28.27 16.22 -3.60
CA SER J 83 26.89 16.58 -3.28
C SER J 83 26.31 15.64 -2.23
N ILE J 84 25.63 16.18 -1.24
CA ILE J 84 25.04 15.31 -0.26
C ILE J 84 23.89 14.73 -1.02
N PRO J 85 23.75 13.41 -1.00
CA PRO J 85 22.68 12.74 -1.76
C PRO J 85 21.41 12.48 -0.97
N LEU J 86 20.29 12.34 -1.66
CA LEU J 86 19.04 12.03 -1.00
C LEU J 86 19.11 10.53 -0.89
N ARG J 87 19.43 10.07 0.32
CA ARG J 87 19.62 8.68 0.63
C ARG J 87 18.44 7.75 0.87
N GLY J 88 18.72 6.49 0.64
CA GLY J 88 17.89 5.36 0.97
C GLY J 88 16.66 5.15 0.10
N ASN J 89 16.74 5.53 -1.17
CA ASN J 89 15.56 5.67 -2.02
C ASN J 89 15.64 4.94 -3.38
N GLN J 90 16.46 3.91 -3.44
CA GLN J 90 16.61 3.09 -4.64
C GLN J 90 15.77 1.83 -4.40
N ASN J 91 14.87 1.49 -5.31
CA ASN J 91 13.89 0.42 -5.07
C ASN J 91 14.49 -0.95 -5.40
N ILE J 92 15.23 -1.48 -4.43
CA ILE J 92 16.05 -2.65 -4.60
C ILE J 92 15.56 -3.77 -3.67
N ILE J 93 14.36 -3.60 -3.12
CA ILE J 93 13.78 -4.53 -2.12
C ILE J 93 13.63 -5.94 -2.68
N ASN J 94 13.25 -6.05 -3.96
CA ASN J 94 13.08 -7.36 -4.60
C ASN J 94 14.33 -8.12 -4.99
N ASP J 95 15.52 -7.50 -4.96
CA ASP J 95 16.75 -8.23 -5.28
C ASP J 95 16.95 -9.29 -4.22
N PRO J 96 17.14 -10.53 -4.64
CA PRO J 96 17.22 -11.59 -3.65
C PRO J 96 18.31 -11.42 -2.60
N LEU J 97 19.44 -10.89 -3.00
CA LEU J 97 20.52 -10.65 -2.08
C LEU J 97 20.11 -9.66 -1.02
N ILE J 98 19.44 -8.60 -1.40
CA ILE J 98 19.06 -7.61 -0.44
C ILE J 98 17.91 -8.10 0.41
N TYR J 99 16.91 -8.77 -0.20
CA TYR J 99 15.78 -9.28 0.57
C TYR J 99 16.25 -10.09 1.76
N ARG J 100 17.28 -10.89 1.57
CA ARG J 100 17.73 -11.75 2.64
C ARG J 100 18.16 -10.97 3.86
N PHE J 101 18.86 -9.86 3.67
CA PHE J 101 19.21 -9.05 4.83
C PHE J 101 17.94 -8.55 5.51
N ASN J 102 16.93 -8.17 4.75
CA ASN J 102 15.70 -7.78 5.36
C ASN J 102 15.06 -8.89 6.16
N GLU J 103 15.04 -10.09 5.58
CA GLU J 103 14.37 -11.22 6.18
C GLU J 103 15.08 -11.54 7.49
N LEU J 104 16.39 -11.42 7.45
CA LEU J 104 17.16 -11.62 8.61
C LEU J 104 16.70 -10.76 9.77
N PHE J 105 16.44 -9.48 9.57
CA PHE J 105 15.95 -8.64 10.68
C PHE J 105 14.47 -8.83 11.01
N LYS J 106 13.71 -9.42 10.08
CA LYS J 106 12.33 -9.79 10.38
C LYS J 106 12.34 -10.95 11.37
N VAL J 107 13.28 -11.87 11.21
CA VAL J 107 13.34 -13.03 12.05
C VAL J 107 14.04 -12.74 13.37
N TYR J 108 15.18 -12.09 13.33
CA TYR J 108 15.97 -11.85 14.55
C TYR J 108 15.78 -10.46 15.20
N GLY J 109 14.93 -9.62 14.62
CA GLY J 109 14.80 -8.25 15.05
C GLY J 109 14.47 -8.14 16.49
N SER J 110 13.42 -8.83 16.92
CA SER J 110 13.02 -8.73 18.31
C SER J 110 14.11 -9.24 19.27
N SER J 111 14.90 -10.22 18.84
CA SER J 111 15.96 -10.78 19.66
C SER J 111 17.06 -9.78 19.82
N LEU J 112 17.43 -9.15 18.73
CA LEU J 112 18.44 -8.08 18.80
C LEU J 112 17.99 -6.92 19.67
N ARG J 113 16.72 -6.60 19.57
CA ARG J 113 16.13 -5.57 20.36
C ARG J 113 16.27 -5.88 21.87
N GLY J 114 15.88 -7.09 22.24
CA GLY J 114 16.01 -7.55 23.58
C GLY J 114 17.43 -7.59 24.11
N ILE J 115 18.36 -8.10 23.31
CA ILE J 115 19.72 -8.22 23.76
C ILE J 115 20.30 -6.84 23.97
N ILE J 116 20.05 -5.97 23.03
CA ILE J 116 20.63 -4.62 23.12
C ILE J 116 20.05 -3.90 24.32
N HIS J 117 18.75 -4.09 24.59
CA HIS J 117 18.14 -3.43 25.74
C HIS J 117 18.79 -3.89 27.03
N GLU J 118 19.01 -5.18 27.13
CA GLU J 118 19.56 -5.75 28.34
C GLU J 118 21.00 -5.32 28.53
N GLU J 119 21.79 -5.31 27.48
CA GLU J 119 23.24 -5.10 27.59
C GLU J 119 23.70 -3.66 27.44
N PHE J 120 22.91 -2.82 26.80
CA PHE J 120 23.21 -1.36 26.68
C PHE J 120 22.19 -0.42 27.36
N GLY J 121 20.92 -0.81 27.40
CA GLY J 121 19.89 -0.02 28.00
C GLY J 121 18.90 0.39 26.95
N ASP J 122 18.05 1.32 27.30
CA ASP J 122 17.01 1.78 26.42
C ASP J 122 17.57 2.79 25.45
N GLY J 123 17.82 2.30 24.26
CA GLY J 123 18.30 3.16 23.20
C GLY J 123 18.26 2.44 21.87
N ILE J 124 19.14 2.90 20.97
CA ILE J 124 19.28 2.32 19.67
C ILE J 124 20.74 2.25 19.24
N MET J 125 21.00 1.48 18.18
CA MET J 125 22.27 1.54 17.49
C MET J 125 22.09 2.45 16.28
N SER J 126 22.93 3.47 16.19
CA SER J 126 22.90 4.42 15.12
C SER J 126 23.28 3.81 13.76
N ALA J 127 22.58 4.26 12.70
CA ALA J 127 22.92 3.91 11.32
C ALA J 127 23.77 4.99 10.68
N ILE J 128 24.03 6.05 11.44
CA ILE J 128 24.68 7.23 10.91
C ILE J 128 26.16 7.15 11.26
N ASP J 129 26.46 7.01 12.54
CA ASP J 129 27.83 6.77 13.01
C ASP J 129 28.03 5.26 13.04
N CYS J 130 28.43 4.71 11.90
CA CYS J 130 28.36 3.27 11.69
C CYS J 130 29.39 2.79 10.68
N LYS J 131 30.20 1.80 11.04
CA LYS J 131 31.23 1.25 10.16
C LYS J 131 30.89 -0.16 9.76
N ILE J 132 30.53 -0.36 8.50
CA ILE J 132 30.31 -1.68 7.98
C ILE J 132 31.63 -2.20 7.50
N ASP J 133 31.77 -3.51 7.57
CA ASP J 133 32.89 -4.21 7.00
C ASP J 133 32.38 -5.54 6.44
N VAL J 134 32.86 -5.97 5.28
CA VAL J 134 32.36 -7.22 4.70
C VAL J 134 33.49 -8.00 4.03
N THR J 135 33.51 -9.31 4.25
CA THR J 135 34.73 -10.11 4.19
C THR J 135 34.38 -11.53 3.82
N LYS J 136 35.21 -12.12 2.97
CA LYS J 136 35.23 -13.57 2.76
C LYS J 136 36.27 -14.15 3.70
N ASN J 137 35.85 -15.10 4.51
CA ASN J 137 36.75 -15.78 5.45
C ASN J 137 37.35 -17.02 4.80
N GLU J 138 38.07 -17.80 5.57
CA GLU J 138 38.73 -19.02 5.09
C GLU J 138 37.82 -20.10 4.52
N GLN J 139 36.64 -20.26 5.12
CA GLN J 139 35.69 -21.27 4.70
C GLN J 139 34.73 -20.77 3.62
N SER J 140 35.02 -19.60 3.09
CA SER J 140 34.19 -18.90 2.11
C SER J 140 32.73 -18.63 2.61
N ARG J 141 32.68 -17.97 3.77
CA ARG J 141 31.45 -17.52 4.36
C ARG J 141 31.48 -16.02 4.34
N VAL J 142 30.30 -15.41 4.22
CA VAL J 142 30.19 -13.99 4.12
C VAL J 142 30.17 -13.50 5.52
N ILE J 143 31.08 -12.61 5.86
CA ILE J 143 31.15 -12.11 7.18
C ILE J 143 30.96 -10.65 7.14
N LEU J 144 29.85 -10.24 7.73
CA LEU J 144 29.42 -8.86 7.70
C LEU J 144 29.54 -8.32 9.11
N ARG J 145 30.37 -7.32 9.35
CA ARG J 145 30.55 -6.77 10.68
C ARG J 145 30.04 -5.34 10.69
N ILE J 146 29.11 -5.03 11.59
CA ILE J 146 28.53 -3.71 11.72
C ILE J 146 28.92 -3.12 13.09
N ASP J 147 29.43 -1.89 13.11
CA ASP J 147 30.00 -1.27 14.32
C ASP J 147 29.40 0.13 14.49
N GLY J 148 28.42 0.22 15.37
CA GLY J 148 27.59 1.43 15.52
C GLY J 148 27.61 2.03 16.91
N LYS J 149 27.34 3.34 16.98
CA LYS J 149 27.24 4.00 18.25
C LYS J 149 25.91 3.66 18.87
N PHE J 150 25.91 3.40 20.18
CA PHE J 150 24.71 3.28 20.96
C PHE J 150 24.29 4.67 21.42
N LEU J 151 23.03 5.03 21.16
CA LEU J 151 22.48 6.30 21.63
C LEU J 151 21.37 6.02 22.57
N PRO J 152 21.51 6.46 23.81
CA PRO J 152 20.38 6.21 24.73
C PRO J 152 19.28 7.25 24.55
N TYR J 153 18.04 6.83 24.77
CA TYR J 153 16.91 7.75 24.77
C TYR J 153 17.03 8.81 25.87
N TYR J 154 16.53 10.00 25.55
CA TYR J 154 16.36 11.06 26.52
C TYR J 154 15.49 10.57 27.70
N LYS J 155 15.91 10.88 28.92
CA LYS J 155 15.28 10.34 30.13
C LYS J 155 14.51 11.42 30.95
N GLY J 156 14.23 12.56 30.32
CA GLY J 156 13.31 13.55 30.86
C GLY J 156 13.94 14.57 31.79
N GLN J 157 15.26 14.60 31.83
CA GLN J 157 15.99 15.45 32.75
C GLN J 157 15.84 16.94 32.39
N LEU J 158 15.63 17.80 33.38
CA LEU J 158 15.56 19.26 33.13
C LEU J 158 16.93 20.01 33.13
N ASP J 159 18.02 19.28 33.45
CA ASP J 159 19.43 19.73 33.54
C ASP J 159 20.25 19.25 32.29
#